data_8QKR
#
_entry.id   8QKR
#
_cell.length_a   69.927
_cell.length_b   92.016
_cell.length_c   92.492
_cell.angle_alpha   60.535
_cell.angle_beta   72.132
_cell.angle_gamma   79.818
#
_symmetry.space_group_name_H-M   'P 1'
#
loop_
_entity.id
_entity.type
_entity.pdbx_description
1 polymer 'Reticulocyte-binding protein-like protein 5'
2 polymer R5251VHCH
3 polymer R5251VLCL
#
loop_
_entity_poly.entity_id
_entity_poly.type
_entity_poly.pdbx_seq_one_letter_code
_entity_poly.pdbx_strand_id
1 'polypeptide(L)'
;KNVNFLQYHFKELSNYNIANSIDILQEKEGHLDFVIIPHYTFLDYYKHLSYNSIYHKSSTYGKCIAVDAFIKKINEAYDK
VKSKCNDIKNDLIATIKKLEHPYDINNKNRAFKKMMDEYNTKKKKLIKCIKNHENDFNKICMDMKNYGTNLFEQLSCYNN
NFCNTNGIRYHYDEYIHKLILSVKSKNLNKDLSDMTNILQQSELLLTNLNKKMGSYIYIDTIKFIHKEMKHIFNRIEYHT
KIINDKTKIIQDKIKLNIWRTFQKDELLKRILDMSNEYSLFITSDHLRQMLYNTFYSKEKHLNNIFHHLIYVLQMKFNDV
PIKME
;
A,D
2 'polypeptide(L)'
;TGVHSEVQLVQSGAEVKKPGASVKVSCKASGYTFTDYYIHWVRQAPGQGLEWMGRINPNSGGTNYAQEFQGRVTMTRDTS
INTAYMQLTRLRSDDTAVYYCARDGIEYSYYYYAMDVWGKGTTVTVSSASTKGPSVFPLAPSSKSTSGGTAALGCLVKDY
FPEPVTVSWNSGALTSGVHTFPAVLQSSGLYSLSSVVTVPSSSLGTQTYICNVNHKPSNTKVDKKVEPKSCDKT
;
B,E
3 'polypeptide(L)'
;TGVHCDIQMTQSPSSLSASVGDRVTITCRASQSISTFLNWYQQKPGRAPRLLIYDASTLQSGVPSRFSGSGSGTDFTLTV
SSLQPEDFATYYCQQTYNIPLYTFGQGTKVDIRRTVAAPSVFIFPPSDEQLKSGTASVVCLLNNFYPREAKVQWKVDNAL
QSGNSQESVTEQDSKDSTYSLSSTLTLSKADYEKHKVYACEVTHQGLSSPVTKSFNRGEC
;
C,F
#
# COMPACT_ATOMS: atom_id res chain seq x y z
N PHE A 10 -8.22 5.49 28.14
CA PHE A 10 -8.51 4.15 28.73
C PHE A 10 -8.58 3.10 27.62
N LYS A 11 -8.99 1.88 27.99
CA LYS A 11 -9.23 0.81 27.02
C LYS A 11 -10.55 0.12 27.34
N GLU A 12 -11.46 0.10 26.35
CA GLU A 12 -12.77 -0.54 26.46
C GLU A 12 -12.71 -1.89 25.72
N LEU A 13 -13.69 -2.76 25.98
CA LEU A 13 -13.92 -3.94 25.16
C LEU A 13 -15.19 -3.71 24.33
N SER A 14 -15.19 -4.21 23.09
CA SER A 14 -16.15 -3.81 22.06
C SER A 14 -16.95 -5.02 21.56
N ASN A 15 -16.86 -5.31 20.25
CA ASN A 15 -17.60 -6.39 19.62
C ASN A 15 -16.65 -7.54 19.26
N TYR A 16 -15.78 -7.28 18.27
CA TYR A 16 -14.92 -8.26 17.63
C TYR A 16 -15.64 -9.60 17.44
N ASN A 17 -15.63 -10.13 16.21
CA ASN A 17 -15.88 -11.55 15.97
C ASN A 17 -15.04 -12.35 16.96
N ILE A 18 -15.65 -12.77 18.08
CA ILE A 18 -14.90 -13.31 19.20
C ILE A 18 -14.62 -14.80 18.95
N ALA A 19 -14.47 -15.17 17.67
CA ALA A 19 -14.03 -16.50 17.27
C ALA A 19 -12.51 -16.53 17.11
N ASN A 20 -11.97 -15.57 16.36
CA ASN A 20 -10.55 -15.51 16.06
C ASN A 20 -9.82 -14.66 17.09
N SER A 21 -10.52 -14.23 18.15
CA SER A 21 -9.93 -13.45 19.22
C SER A 21 -9.45 -14.38 20.32
N ILE A 22 -9.20 -15.65 19.97
CA ILE A 22 -8.91 -16.71 20.91
C ILE A 22 -7.72 -17.49 20.36
N ASP A 23 -6.92 -18.11 21.25
CA ASP A 23 -5.95 -19.08 20.78
C ASP A 23 -5.89 -20.25 21.76
N ILE A 24 -5.77 -21.46 21.19
CA ILE A 24 -5.78 -22.74 21.89
C ILE A 24 -4.39 -23.33 21.80
N LEU A 25 -3.73 -23.55 22.94
CA LEU A 25 -2.29 -23.83 22.95
C LEU A 25 -1.94 -24.92 23.95
N GLN A 26 -1.27 -25.97 23.42
CA GLN A 26 -0.94 -27.18 24.17
C GLN A 26 0.55 -27.17 24.47
N GLU A 27 0.94 -26.48 25.55
CA GLU A 27 2.33 -26.35 25.94
C GLU A 27 3.02 -27.71 25.92
N LYS A 28 2.59 -28.63 26.80
CA LYS A 28 3.09 -30.00 26.80
C LYS A 28 1.96 -30.92 26.36
N GLU A 29 2.21 -32.23 26.29
CA GLU A 29 1.21 -33.19 25.85
C GLU A 29 0.20 -33.44 26.97
N GLY A 30 -0.99 -32.83 26.87
CA GLY A 30 -2.06 -33.03 27.83
C GLY A 30 -2.39 -31.78 28.64
N HIS A 31 -1.58 -30.72 28.48
CA HIS A 31 -1.78 -29.45 29.18
C HIS A 31 -2.17 -28.34 28.20
N LEU A 32 -3.40 -28.47 27.65
CA LEU A 32 -3.95 -27.57 26.65
C LEU A 32 -4.76 -26.47 27.33
N ASP A 33 -4.69 -25.24 26.78
CA ASP A 33 -5.39 -24.09 27.34
C ASP A 33 -5.65 -23.08 26.23
N PHE A 34 -6.44 -22.06 26.53
CA PHE A 34 -6.82 -21.03 25.57
C PHE A 34 -6.53 -19.66 26.16
N VAL A 35 -6.70 -18.59 25.35
CA VAL A 35 -6.19 -17.29 25.75
C VAL A 35 -7.27 -16.22 25.95
N ILE A 36 -7.96 -15.88 24.85
CA ILE A 36 -8.76 -14.67 24.68
C ILE A 36 -7.86 -13.43 24.71
N ILE A 37 -7.22 -13.16 23.57
CA ILE A 37 -6.21 -12.12 23.47
C ILE A 37 -6.74 -10.88 24.18
N PRO A 38 -7.81 -10.22 23.69
CA PRO A 38 -8.16 -8.88 24.13
C PRO A 38 -8.36 -8.82 25.64
N HIS A 39 -8.93 -9.87 26.23
CA HIS A 39 -9.07 -9.94 27.68
C HIS A 39 -7.69 -9.79 28.31
N TYR A 40 -6.75 -10.59 27.81
CA TYR A 40 -5.43 -10.68 28.44
C TYR A 40 -4.72 -9.34 28.30
N THR A 41 -4.81 -8.75 27.11
CA THR A 41 -4.35 -7.37 26.94
C THR A 41 -5.05 -6.53 27.99
N PHE A 42 -6.39 -6.59 27.98
CA PHE A 42 -7.26 -5.70 28.71
C PHE A 42 -6.91 -5.75 30.20
N LEU A 43 -6.88 -6.96 30.75
CA LEU A 43 -6.61 -7.16 32.18
C LEU A 43 -5.21 -6.62 32.48
N ASP A 44 -4.21 -7.06 31.71
CA ASP A 44 -2.84 -6.60 31.91
C ASP A 44 -2.83 -5.08 31.86
N TYR A 45 -3.44 -4.50 30.81
CA TYR A 45 -3.49 -3.04 30.66
C TYR A 45 -3.76 -2.39 32.01
N TYR A 46 -4.78 -2.89 32.71
CA TYR A 46 -5.25 -2.29 33.94
C TYR A 46 -4.43 -2.79 35.12
N LYS A 47 -3.60 -3.83 34.92
CA LYS A 47 -2.71 -4.30 35.98
C LYS A 47 -1.56 -3.30 36.15
N HIS A 48 -1.05 -2.79 35.02
CA HIS A 48 0.01 -1.80 35.05
C HIS A 48 -0.51 -0.51 35.65
N LEU A 49 -1.63 -0.01 35.09
CA LEU A 49 -2.24 1.24 35.52
C LEU A 49 -2.33 1.25 37.04
N SER A 50 -2.86 0.17 37.61
CA SER A 50 -3.10 0.06 39.04
C SER A 50 -1.79 0.23 39.80
N TYR A 51 -0.75 -0.45 39.32
CA TYR A 51 0.57 -0.30 39.92
C TYR A 51 1.00 1.17 39.78
N ASN A 52 1.08 1.64 38.53
CA ASN A 52 1.56 2.99 38.30
C ASN A 52 0.86 3.95 39.27
N SER A 53 -0.44 3.71 39.50
CA SER A 53 -1.28 4.62 40.25
C SER A 53 -0.77 4.79 41.68
N ILE A 54 -0.31 3.68 42.26
CA ILE A 54 0.06 3.59 43.67
C ILE A 54 1.52 4.01 43.88
N TYR A 55 2.36 3.80 42.85
CA TYR A 55 3.79 4.01 42.98
C TYR A 55 4.18 5.46 42.74
N HIS A 56 3.25 6.25 42.19
CA HIS A 56 3.49 7.64 41.84
C HIS A 56 3.90 8.45 43.08
N LYS A 57 3.33 8.09 44.24
CA LYS A 57 3.79 8.58 45.53
C LYS A 57 4.34 7.41 46.34
N SER A 58 5.20 7.71 47.31
CA SER A 58 5.63 6.71 48.27
C SER A 58 4.61 6.67 49.41
N SER A 59 3.78 7.70 49.52
CA SER A 59 2.66 7.70 50.45
C SER A 59 1.71 6.52 50.19
N THR A 60 1.77 5.88 49.01
CA THR A 60 0.81 4.85 48.66
C THR A 60 1.46 3.67 47.92
N TYR A 61 2.77 3.49 48.10
CA TYR A 61 3.46 2.32 47.60
C TYR A 61 2.87 1.09 48.29
N GLY A 62 2.46 1.27 49.56
CA GLY A 62 1.96 0.18 50.39
C GLY A 62 0.82 -0.62 49.77
N LYS A 63 0.16 -0.05 48.77
CA LYS A 63 -1.01 -0.73 48.21
C LYS A 63 -0.58 -1.99 47.47
N CYS A 64 0.72 -2.14 47.19
CA CYS A 64 1.19 -3.26 46.37
C CYS A 64 0.60 -4.57 46.87
N ILE A 65 0.57 -4.75 48.20
CA ILE A 65 0.08 -5.99 48.79
C ILE A 65 -1.40 -6.17 48.43
N ALA A 66 -2.19 -5.11 48.66
CA ALA A 66 -3.62 -5.11 48.38
C ALA A 66 -3.88 -5.38 46.90
N VAL A 67 -3.06 -4.77 46.04
CA VAL A 67 -3.23 -4.89 44.60
C VAL A 67 -2.81 -6.29 44.17
N ASP A 68 -1.63 -6.73 44.60
CA ASP A 68 -1.23 -8.11 44.36
C ASP A 68 -2.44 -8.98 44.72
N ALA A 69 -3.03 -8.69 45.90
CA ALA A 69 -4.20 -9.40 46.39
C ALA A 69 -5.31 -9.46 45.34
N PHE A 70 -5.76 -8.27 44.92
CA PHE A 70 -6.91 -8.15 44.03
C PHE A 70 -6.59 -8.83 42.70
N ILE A 71 -5.34 -8.72 42.25
CA ILE A 71 -4.94 -9.23 40.93
C ILE A 71 -4.79 -10.75 41.00
N LYS A 72 -4.21 -11.25 42.11
CA LYS A 72 -4.17 -12.67 42.38
C LYS A 72 -5.60 -13.21 42.28
N LYS A 73 -6.53 -12.53 42.96
CA LYS A 73 -7.92 -12.92 42.95
C LYS A 73 -8.47 -12.86 41.53
N ILE A 74 -8.31 -11.70 40.85
CA ILE A 74 -8.93 -11.46 39.55
C ILE A 74 -8.61 -12.58 38.57
N ASN A 75 -7.39 -13.14 38.66
CA ASN A 75 -7.00 -14.24 37.81
C ASN A 75 -7.61 -15.54 38.33
N GLU A 76 -7.59 -15.73 39.66
CA GLU A 76 -8.15 -16.92 40.28
C GLU A 76 -9.67 -16.94 40.07
N ALA A 77 -10.27 -15.76 39.92
CA ALA A 77 -11.66 -15.64 39.52
C ALA A 77 -11.82 -16.03 38.05
N TYR A 78 -11.09 -15.35 37.15
CA TYR A 78 -11.20 -15.57 35.72
C TYR A 78 -10.87 -17.03 35.38
N ASP A 79 -9.84 -17.60 36.03
CA ASP A 79 -9.40 -18.96 35.75
C ASP A 79 -10.52 -19.94 36.09
N LYS A 80 -11.23 -19.70 37.20
CA LYS A 80 -12.34 -20.55 37.62
C LYS A 80 -13.44 -20.53 36.56
N VAL A 81 -13.67 -19.37 35.93
CA VAL A 81 -14.73 -19.25 34.93
C VAL A 81 -14.33 -20.10 33.72
N LYS A 82 -13.14 -19.86 33.15
CA LYS A 82 -12.69 -20.59 31.98
C LYS A 82 -12.54 -22.08 32.31
N SER A 83 -12.59 -22.42 33.61
CA SER A 83 -12.63 -23.82 34.04
C SER A 83 -13.92 -24.47 33.58
N LYS A 84 -15.03 -23.74 33.63
CA LYS A 84 -16.35 -24.26 33.25
C LYS A 84 -16.29 -24.92 31.87
N CYS A 85 -15.24 -24.64 31.09
CA CYS A 85 -15.02 -25.29 29.80
C CYS A 85 -13.94 -26.37 29.86
N ASN A 86 -13.78 -27.03 31.02
CA ASN A 86 -12.74 -28.04 31.18
C ASN A 86 -13.17 -29.34 30.48
N ASP A 87 -14.38 -29.82 30.80
CA ASP A 87 -14.80 -31.13 30.35
C ASP A 87 -15.05 -31.08 28.84
N ILE A 88 -15.22 -29.88 28.28
CA ILE A 88 -15.32 -29.72 26.84
C ILE A 88 -13.93 -29.55 26.22
N LYS A 89 -13.02 -28.88 26.94
CA LYS A 89 -11.64 -28.72 26.49
C LYS A 89 -10.94 -30.08 26.45
N ASN A 90 -11.14 -30.88 27.50
CA ASN A 90 -10.50 -32.19 27.61
C ASN A 90 -11.17 -33.20 26.68
N ASP A 91 -12.36 -32.86 26.17
CA ASP A 91 -13.00 -33.58 25.07
C ASP A 91 -12.20 -33.36 23.78
N LEU A 92 -11.64 -32.15 23.64
CA LEU A 92 -10.73 -31.83 22.55
C LEU A 92 -9.40 -32.57 22.76
N ILE A 93 -8.76 -32.35 23.91
CA ILE A 93 -7.45 -32.93 24.22
C ILE A 93 -7.36 -34.35 23.67
N ALA A 94 -8.30 -35.21 24.09
CA ALA A 94 -8.21 -36.63 23.77
C ALA A 94 -8.49 -36.89 22.29
N THR A 95 -9.15 -35.92 21.61
CA THR A 95 -9.31 -35.96 20.16
C THR A 95 -8.00 -35.57 19.48
N ILE A 96 -7.28 -34.60 20.05
CA ILE A 96 -5.96 -34.25 19.56
C ILE A 96 -5.07 -35.49 19.64
N LYS A 97 -5.09 -36.15 20.80
CA LYS A 97 -4.25 -37.30 21.09
C LYS A 97 -4.48 -38.41 20.07
N LYS A 98 -5.67 -38.49 19.49
CA LYS A 98 -5.91 -39.40 18.37
C LYS A 98 -5.19 -38.90 17.12
N LEU A 99 -5.16 -37.58 16.91
CA LEU A 99 -4.55 -36.98 15.74
C LEU A 99 -3.03 -37.09 15.83
N GLU A 100 -2.48 -36.81 17.02
CA GLU A 100 -1.05 -36.77 17.26
C GLU A 100 -0.49 -38.15 17.64
N HIS A 101 -1.39 -39.12 17.88
CA HIS A 101 -1.01 -40.51 18.04
C HIS A 101 -2.06 -41.44 17.41
N PRO A 102 -2.19 -41.53 16.06
CA PRO A 102 -2.97 -42.59 15.45
C PRO A 102 -2.16 -43.86 15.20
N TYR A 103 -1.32 -44.24 16.17
CA TYR A 103 -0.71 -45.58 16.25
C TYR A 103 -0.54 -45.96 17.74
N ALA A 111 -10.28 -43.52 7.83
CA ALA A 111 -10.42 -43.12 9.25
C ALA A 111 -10.29 -41.61 9.40
N PHE A 112 -9.45 -40.99 8.56
CA PHE A 112 -8.88 -39.68 8.87
C PHE A 112 -9.94 -38.59 8.88
N LYS A 113 -10.75 -38.53 7.80
CA LYS A 113 -11.78 -37.51 7.67
C LYS A 113 -12.57 -37.42 8.98
N LYS A 114 -12.79 -38.59 9.62
CA LYS A 114 -13.58 -38.65 10.84
C LYS A 114 -12.80 -38.05 12.00
N MET A 115 -11.48 -38.32 12.06
CA MET A 115 -10.64 -37.79 13.12
C MET A 115 -10.44 -36.28 12.91
N MET A 116 -10.53 -35.83 11.65
CA MET A 116 -10.52 -34.40 11.37
C MET A 116 -11.82 -33.76 11.83
N ASP A 117 -12.94 -34.24 11.28
CA ASP A 117 -14.24 -33.69 11.64
C ASP A 117 -14.37 -33.66 13.16
N GLU A 118 -13.86 -34.69 13.84
CA GLU A 118 -13.92 -34.77 15.29
C GLU A 118 -13.13 -33.61 15.91
N TYR A 119 -11.98 -33.27 15.31
CA TYR A 119 -11.17 -32.16 15.79
C TYR A 119 -11.91 -30.83 15.58
N ASN A 120 -12.48 -30.64 14.38
CA ASN A 120 -13.16 -29.39 14.06
C ASN A 120 -14.37 -29.19 14.98
N THR A 121 -15.14 -30.26 15.19
CA THR A 121 -16.30 -30.18 16.07
C THR A 121 -15.81 -29.85 17.48
N LYS A 122 -15.08 -30.79 18.10
CA LYS A 122 -14.71 -30.66 19.50
C LYS A 122 -14.06 -29.30 19.75
N LYS A 123 -13.40 -28.75 18.71
CA LYS A 123 -12.81 -27.42 18.78
C LYS A 123 -13.92 -26.37 18.83
N LYS A 124 -14.85 -26.41 17.87
CA LYS A 124 -15.92 -25.41 17.75
C LYS A 124 -16.81 -25.37 19.00
N LYS A 125 -16.98 -26.54 19.64
CA LYS A 125 -17.76 -26.63 20.85
C LYS A 125 -17.03 -25.91 22.00
N LEU A 126 -15.70 -25.97 21.97
CA LEU A 126 -14.84 -25.28 22.92
C LEU A 126 -14.89 -23.77 22.68
N ILE A 127 -14.90 -23.35 21.40
CA ILE A 127 -15.08 -21.95 21.07
C ILE A 127 -16.43 -21.49 21.64
N LYS A 128 -17.52 -22.08 21.12
CA LYS A 128 -18.86 -21.71 21.54
C LYS A 128 -18.90 -21.59 23.06
N CYS A 129 -18.57 -22.69 23.74
CA CYS A 129 -18.60 -22.75 25.19
C CYS A 129 -17.89 -21.57 25.85
N ILE A 130 -16.82 -21.07 25.22
CA ILE A 130 -16.15 -19.86 25.67
C ILE A 130 -17.06 -18.68 25.41
N LYS A 131 -17.39 -18.46 24.13
CA LYS A 131 -18.25 -17.36 23.73
C LYS A 131 -19.46 -17.30 24.65
N ASN A 132 -20.01 -18.46 25.02
CA ASN A 132 -21.14 -18.53 25.94
C ASN A 132 -20.85 -17.69 27.18
N HIS A 133 -19.64 -17.82 27.72
CA HIS A 133 -19.28 -17.17 28.96
C HIS A 133 -18.72 -15.78 28.70
N GLU A 134 -19.02 -15.21 27.52
CA GLU A 134 -18.56 -13.89 27.13
C GLU A 134 -18.91 -12.85 28.19
N ASN A 135 -20.00 -13.08 28.94
CA ASN A 135 -20.49 -12.08 29.87
C ASN A 135 -20.01 -12.40 31.28
N ASP A 136 -19.80 -13.68 31.62
CA ASP A 136 -19.17 -14.09 32.87
C ASP A 136 -17.74 -13.57 32.97
N PHE A 137 -17.05 -13.49 31.82
CA PHE A 137 -15.70 -12.96 31.74
C PHE A 137 -15.73 -11.45 31.94
N ASN A 138 -16.59 -10.77 31.17
CA ASN A 138 -16.69 -9.31 31.17
C ASN A 138 -16.79 -8.77 32.59
N LYS A 139 -17.52 -9.46 33.48
CA LYS A 139 -17.73 -8.99 34.84
C LYS A 139 -16.43 -8.98 35.61
N ILE A 140 -15.58 -9.99 35.35
CA ILE A 140 -14.25 -10.06 35.93
C ILE A 140 -13.40 -8.92 35.38
N CYS A 141 -13.44 -8.75 34.05
CA CYS A 141 -12.65 -7.74 33.36
C CYS A 141 -13.12 -6.33 33.71
N MET A 142 -14.44 -6.15 33.81
CA MET A 142 -14.98 -4.87 34.24
C MET A 142 -14.62 -4.61 35.70
N ASP A 143 -14.61 -5.65 36.54
CA ASP A 143 -14.21 -5.51 37.94
C ASP A 143 -12.77 -5.06 38.02
N MET A 144 -11.94 -5.55 37.09
CA MET A 144 -10.55 -5.13 36.95
C MET A 144 -10.51 -3.70 36.43
N LYS A 145 -11.26 -3.38 35.37
CA LYS A 145 -11.29 -2.02 34.87
C LYS A 145 -11.70 -1.07 36.01
N ASN A 146 -12.59 -1.54 36.89
CA ASN A 146 -13.07 -0.77 38.03
C ASN A 146 -11.90 -0.43 38.95
N TYR A 147 -11.26 -1.49 39.49
CA TYR A 147 -10.19 -1.37 40.47
C TYR A 147 -9.11 -0.43 39.94
N GLY A 148 -8.56 -0.76 38.75
CA GLY A 148 -7.51 0.01 38.11
C GLY A 148 -7.92 1.45 37.85
N THR A 149 -9.20 1.65 37.47
CA THR A 149 -9.68 2.96 37.09
C THR A 149 -10.08 3.75 38.34
N ASN A 150 -10.44 3.04 39.42
CA ASN A 150 -10.79 3.70 40.67
C ASN A 150 -9.53 4.28 41.31
N LEU A 151 -8.40 3.57 41.19
CA LEU A 151 -7.10 4.17 41.40
C LEU A 151 -6.83 4.86 40.07
N PHE A 152 -5.85 5.73 40.00
CA PHE A 152 -5.70 6.52 38.80
C PHE A 152 -6.55 7.77 39.03
N GLU A 153 -7.86 7.58 39.29
CA GLU A 153 -8.71 8.68 39.76
C GLU A 153 -8.28 9.09 41.17
N GLN A 154 -7.51 8.23 41.85
CA GLN A 154 -7.00 8.54 43.16
C GLN A 154 -5.62 9.18 43.07
N LEU A 155 -5.02 9.13 41.87
CA LEU A 155 -3.63 9.52 41.71
C LEU A 155 -3.52 11.04 41.84
N SER A 156 -3.06 11.50 43.00
CA SER A 156 -2.92 12.91 43.30
C SER A 156 -1.44 13.29 43.24
N CYS A 157 -1.18 14.56 42.99
CA CYS A 157 0.18 15.06 42.92
C CYS A 157 0.36 16.08 44.03
N TYR A 158 1.62 16.55 44.18
CA TYR A 158 1.95 17.53 45.19
C TYR A 158 1.80 18.92 44.57
N ASN A 159 2.05 18.97 43.25
CA ASN A 159 1.93 20.15 42.42
C ASN A 159 1.61 19.68 41.01
N ASN A 160 0.45 20.09 40.45
CA ASN A 160 -0.11 19.48 39.25
C ASN A 160 0.78 19.77 38.04
N ASN A 161 1.16 21.04 37.88
CA ASN A 161 2.32 21.39 37.07
C ASN A 161 3.55 20.94 37.84
N PHE A 162 4.11 19.79 37.45
CA PHE A 162 5.29 19.21 38.08
C PHE A 162 4.88 17.98 38.88
N CYS A 163 4.44 16.91 38.20
CA CYS A 163 4.18 15.63 38.82
C CYS A 163 5.37 14.70 38.60
N ASN A 164 5.55 13.72 39.50
CA ASN A 164 6.77 12.93 39.58
C ASN A 164 6.64 11.58 38.86
N THR A 165 7.66 11.30 38.04
CA THR A 165 7.65 10.13 37.18
C THR A 165 8.50 9.02 37.77
N ASN A 166 8.73 9.06 39.08
CA ASN A 166 9.38 7.93 39.73
C ASN A 166 8.38 6.77 39.79
N GLY A 167 7.09 7.10 39.96
CA GLY A 167 6.04 6.12 39.81
C GLY A 167 6.30 5.22 38.61
N ILE A 168 6.34 5.81 37.43
CA ILE A 168 6.45 5.02 36.21
C ILE A 168 7.82 4.34 36.15
N ARG A 169 8.85 4.97 36.72
CA ARG A 169 10.22 4.46 36.66
C ARG A 169 10.32 3.12 37.38
N TYR A 170 9.93 3.11 38.67
CA TYR A 170 9.98 1.91 39.50
C TYR A 170 9.19 0.80 38.81
N HIS A 171 7.99 1.12 38.32
CA HIS A 171 7.15 0.16 37.61
C HIS A 171 7.88 -0.35 36.37
N TYR A 172 8.62 0.52 35.67
CA TYR A 172 9.38 0.06 34.52
C TYR A 172 10.48 -0.86 35.02
N ASP A 173 11.27 -0.37 35.98
CA ASP A 173 12.40 -1.12 36.48
C ASP A 173 11.96 -2.53 36.83
N GLU A 174 11.07 -2.66 37.82
CA GLU A 174 10.73 -3.97 38.37
C GLU A 174 10.04 -4.83 37.33
N TYR A 175 8.84 -4.42 36.90
CA TYR A 175 7.91 -5.33 36.24
C TYR A 175 8.23 -5.56 34.75
N ILE A 176 8.88 -4.58 34.11
CA ILE A 176 9.00 -4.56 32.65
C ILE A 176 10.44 -4.82 32.21
N HIS A 177 11.37 -3.96 32.68
CA HIS A 177 12.75 -3.96 32.21
C HIS A 177 13.26 -5.39 32.11
N LYS A 178 12.91 -6.22 33.11
CA LYS A 178 13.36 -7.61 33.17
C LYS A 178 12.96 -8.37 31.90
N LEU A 179 11.77 -8.06 31.36
CA LEU A 179 11.23 -8.77 30.19
C LEU A 179 11.78 -8.19 28.90
N ILE A 180 12.06 -6.88 28.86
CA ILE A 180 12.67 -6.32 27.67
C ILE A 180 13.98 -7.06 27.46
N LEU A 181 14.85 -7.02 28.48
CA LEU A 181 16.22 -7.49 28.33
C LEU A 181 16.24 -8.99 28.05
N SER A 182 15.19 -9.70 28.51
CA SER A 182 14.97 -11.10 28.18
C SER A 182 14.78 -11.28 26.68
N VAL A 183 14.05 -10.36 26.06
CA VAL A 183 13.77 -10.44 24.64
C VAL A 183 15.02 -10.05 23.85
N LYS A 184 15.85 -9.18 24.42
CA LYS A 184 17.09 -8.77 23.77
C LYS A 184 18.12 -9.90 23.89
N SER A 185 18.11 -10.62 25.01
CA SER A 185 19.04 -11.72 25.20
C SER A 185 18.63 -12.94 24.37
N LYS A 186 17.32 -13.17 24.21
CA LYS A 186 16.84 -14.20 23.30
C LYS A 186 16.74 -13.61 21.90
N ASN A 187 17.38 -14.26 20.93
CA ASN A 187 17.37 -13.76 19.56
C ASN A 187 16.18 -14.36 18.84
N LEU A 188 15.04 -13.67 18.93
CA LEU A 188 13.77 -14.27 18.58
C LEU A 188 13.72 -14.51 17.07
N ASN A 189 14.55 -13.76 16.34
CA ASN A 189 14.69 -13.92 14.91
C ASN A 189 15.42 -15.23 14.61
N LYS A 190 16.38 -15.60 15.46
CA LYS A 190 16.92 -16.94 15.40
C LYS A 190 15.74 -17.90 15.58
N ASP A 191 14.99 -17.75 16.68
CA ASP A 191 13.88 -18.65 17.00
C ASP A 191 13.05 -18.88 15.76
N LEU A 192 12.58 -17.78 15.16
CA LEU A 192 11.83 -17.88 13.94
C LEU A 192 12.66 -18.63 12.88
N SER A 193 13.87 -18.13 12.62
CA SER A 193 14.72 -18.65 11.56
C SER A 193 14.79 -20.17 11.64
N ASP A 194 14.95 -20.68 12.87
CA ASP A 194 15.09 -22.11 13.13
C ASP A 194 13.82 -22.88 12.75
N MET A 195 12.67 -22.37 13.21
CA MET A 195 11.38 -23.01 12.97
C MET A 195 11.13 -23.16 11.47
N THR A 196 11.54 -22.15 10.70
CA THR A 196 11.34 -22.11 9.27
C THR A 196 12.24 -23.12 8.57
N ASN A 197 13.34 -23.51 9.24
CA ASN A 197 14.12 -24.66 8.82
C ASN A 197 13.37 -25.93 9.25
N ILE A 198 12.82 -25.96 10.48
CA ILE A 198 12.08 -27.12 10.98
C ILE A 198 10.97 -27.47 9.99
N LEU A 199 10.29 -26.44 9.49
CA LEU A 199 9.20 -26.64 8.56
C LEU A 199 9.76 -27.11 7.23
N GLN A 200 10.87 -26.50 6.79
CA GLN A 200 11.61 -26.91 5.60
C GLN A 200 11.81 -28.43 5.61
N GLN A 201 12.25 -28.96 6.75
CA GLN A 201 12.51 -30.39 6.89
C GLN A 201 11.19 -31.13 6.73
N SER A 202 10.22 -30.82 7.61
CA SER A 202 8.93 -31.47 7.52
C SER A 202 8.50 -31.53 6.06
N GLU A 203 8.60 -30.38 5.37
CA GLU A 203 8.24 -30.22 3.96
C GLU A 203 9.07 -31.17 3.09
N LEU A 204 10.39 -31.20 3.29
CA LEU A 204 11.26 -32.07 2.51
C LEU A 204 10.87 -33.54 2.76
N LEU A 205 10.64 -33.89 4.04
CA LEU A 205 10.30 -35.25 4.43
C LEU A 205 8.93 -35.63 3.87
N LEU A 206 8.06 -34.62 3.72
CA LEU A 206 6.71 -34.82 3.20
C LEU A 206 6.73 -34.97 1.67
N THR A 207 7.57 -34.17 0.98
CA THR A 207 7.71 -34.25 -0.47
C THR A 207 8.31 -35.60 -0.88
N ASN A 208 9.18 -36.13 -0.01
CA ASN A 208 9.82 -37.42 -0.22
C ASN A 208 8.75 -38.51 -0.24
N LEU A 209 7.90 -38.52 0.80
CA LEU A 209 6.80 -39.46 0.99
C LEU A 209 5.74 -39.32 -0.09
N ASN A 210 5.53 -38.09 -0.59
CA ASN A 210 4.63 -37.88 -1.72
C ASN A 210 5.15 -38.74 -2.89
N LYS A 211 4.99 -38.26 -4.13
CA LYS A 211 5.39 -39.05 -5.28
C LYS A 211 4.44 -40.26 -5.41
N LYS A 212 4.66 -41.08 -6.44
CA LYS A 212 3.85 -42.28 -6.68
C LYS A 212 4.18 -43.39 -5.68
N MET A 213 5.28 -43.23 -4.94
CA MET A 213 5.76 -44.18 -3.95
C MET A 213 4.60 -44.96 -3.33
N GLY A 214 3.92 -45.81 -4.12
CA GLY A 214 2.70 -46.50 -3.72
C GLY A 214 1.72 -45.55 -3.01
N SER A 215 1.86 -45.49 -1.67
CA SER A 215 1.18 -44.54 -0.80
C SER A 215 1.25 -45.05 0.64
N TYR A 216 2.24 -44.58 1.42
CA TYR A 216 2.29 -44.86 2.84
C TYR A 216 1.19 -44.07 3.55
N ILE A 217 0.73 -44.61 4.68
CA ILE A 217 -0.45 -44.13 5.38
C ILE A 217 -0.02 -43.03 6.34
N TYR A 218 -0.96 -42.47 7.10
CA TYR A 218 -0.63 -41.47 8.10
C TYR A 218 -0.37 -40.12 7.45
N ILE A 219 0.28 -40.13 6.28
CA ILE A 219 0.65 -38.94 5.54
C ILE A 219 -0.41 -37.86 5.71
N ASP A 220 -1.69 -38.26 5.65
CA ASP A 220 -2.79 -37.35 5.92
C ASP A 220 -2.54 -36.61 7.24
N THR A 221 -2.20 -37.37 8.28
CA THR A 221 -2.00 -36.81 9.60
C THR A 221 -0.82 -35.85 9.57
N ILE A 222 0.32 -36.32 9.05
CA ILE A 222 1.51 -35.50 8.93
C ILE A 222 1.12 -34.16 8.30
N LYS A 223 0.53 -34.22 7.10
CA LYS A 223 0.07 -33.04 6.38
C LYS A 223 -0.61 -32.08 7.35
N PHE A 224 -1.54 -32.65 8.16
CA PHE A 224 -2.30 -31.89 9.12
C PHE A 224 -1.39 -31.31 10.20
N ILE A 225 -0.50 -32.14 10.76
CA ILE A 225 0.40 -31.64 11.80
C ILE A 225 1.25 -30.52 11.21
N HIS A 226 1.75 -30.73 9.99
CA HIS A 226 2.57 -29.72 9.36
C HIS A 226 1.74 -28.44 9.14
N LYS A 227 0.64 -28.57 8.39
CA LYS A 227 -0.28 -27.46 8.18
C LYS A 227 -0.45 -26.69 9.50
N GLU A 228 -0.85 -27.38 10.56
CA GLU A 228 -1.02 -26.78 11.88
C GLU A 228 0.23 -26.01 12.31
N MET A 229 1.42 -26.63 12.15
CA MET A 229 2.67 -26.02 12.57
C MET A 229 2.86 -24.70 11.81
N LYS A 230 2.65 -24.73 10.48
CA LYS A 230 2.74 -23.53 9.65
C LYS A 230 1.93 -22.40 10.28
N HIS A 231 0.64 -22.66 10.54
CA HIS A 231 -0.27 -21.66 11.09
C HIS A 231 0.30 -21.13 12.41
N ILE A 232 0.92 -22.03 13.19
CA ILE A 232 1.54 -21.65 14.44
C ILE A 232 2.73 -20.72 14.16
N PHE A 233 3.60 -21.13 13.23
CA PHE A 233 4.78 -20.36 12.89
C PHE A 233 4.38 -18.95 12.45
N ASN A 234 3.31 -18.87 11.65
CA ASN A 234 2.79 -17.62 11.10
C ASN A 234 2.26 -16.73 12.22
N ARG A 235 1.65 -17.35 13.23
CA ARG A 235 1.24 -16.63 14.42
C ARG A 235 2.48 -16.12 15.15
N ILE A 236 3.51 -16.97 15.25
CA ILE A 236 4.71 -16.63 16.01
C ILE A 236 5.49 -15.55 15.26
N GLU A 237 5.48 -15.62 13.93
CA GLU A 237 6.01 -14.55 13.08
C GLU A 237 5.39 -13.22 13.50
N TYR A 238 4.06 -13.26 13.68
CA TYR A 238 3.26 -12.06 13.93
C TYR A 238 3.56 -11.49 15.31
N HIS A 239 3.39 -12.30 16.36
CA HIS A 239 3.61 -11.81 17.70
C HIS A 239 5.06 -11.40 17.88
N THR A 240 5.97 -12.10 17.19
CA THR A 240 7.39 -11.77 17.27
C THR A 240 7.65 -10.38 16.69
N LYS A 241 7.06 -10.10 15.52
CA LYS A 241 7.18 -8.80 14.86
C LYS A 241 6.67 -7.68 15.76
N ILE A 242 5.54 -7.92 16.43
CA ILE A 242 4.98 -6.96 17.36
C ILE A 242 5.92 -6.76 18.56
N ILE A 243 6.57 -7.84 18.98
CA ILE A 243 7.39 -7.79 20.18
C ILE A 243 8.58 -6.87 19.93
N ASN A 244 9.30 -7.14 18.83
CA ASN A 244 10.52 -6.40 18.48
C ASN A 244 10.19 -4.92 18.32
N ASP A 245 9.07 -4.61 17.65
CA ASP A 245 8.55 -3.25 17.61
C ASP A 245 8.53 -2.68 19.03
N LYS A 246 7.59 -3.19 19.83
CA LYS A 246 7.21 -2.60 21.10
C LYS A 246 8.45 -2.46 21.99
N THR A 247 9.38 -3.42 21.86
CA THR A 247 10.64 -3.35 22.59
C THR A 247 11.28 -1.98 22.36
N LYS A 248 11.43 -1.61 21.08
CA LYS A 248 12.12 -0.37 20.71
C LYS A 248 11.27 0.81 21.14
N ILE A 249 9.94 0.68 20.91
CA ILE A 249 8.96 1.67 21.29
C ILE A 249 8.99 1.87 22.80
N ILE A 250 8.87 0.75 23.54
CA ILE A 250 8.82 0.82 24.99
C ILE A 250 10.11 1.48 25.50
N GLN A 251 11.25 1.02 24.97
CA GLN A 251 12.56 1.49 25.39
C GLN A 251 12.71 2.96 25.04
N ASP A 252 12.44 3.32 23.78
CA ASP A 252 12.43 4.72 23.44
C ASP A 252 11.52 5.43 24.45
N LYS A 253 10.26 5.03 24.50
CA LYS A 253 9.26 5.79 25.23
C LYS A 253 9.70 6.05 26.66
N ILE A 254 10.08 4.98 27.37
CA ILE A 254 10.33 5.06 28.79
C ILE A 254 11.40 6.12 29.10
N LYS A 255 12.41 6.26 28.21
CA LYS A 255 13.44 7.26 28.38
C LYS A 255 12.81 8.65 28.54
N LEU A 256 11.77 8.93 27.73
CA LEU A 256 11.14 10.24 27.65
C LEU A 256 10.26 10.48 28.89
N ASN A 257 9.96 9.39 29.62
CA ASN A 257 8.94 9.39 30.66
C ASN A 257 9.53 9.29 32.07
N ILE A 258 10.83 9.53 32.24
CA ILE A 258 11.46 9.37 33.54
C ILE A 258 12.43 10.51 33.79
N TRP A 259 12.80 10.70 35.07
CA TRP A 259 13.78 11.71 35.41
C TRP A 259 13.29 13.06 34.90
N ARG A 260 12.07 13.42 35.28
CA ARG A 260 11.48 14.67 34.84
C ARG A 260 10.12 14.84 35.49
N THR A 261 9.53 16.00 35.29
CA THR A 261 8.18 16.27 35.76
C THR A 261 7.22 16.24 34.58
N PHE A 262 5.92 16.30 34.91
CA PHE A 262 4.87 16.35 33.90
C PHE A 262 3.70 17.20 34.41
N GLN A 263 2.89 17.66 33.46
CA GLN A 263 1.61 18.22 33.81
C GLN A 263 0.63 17.07 34.05
N LYS A 264 -0.12 17.16 35.15
CA LYS A 264 -0.97 16.06 35.59
C LYS A 264 -1.60 15.34 34.38
N ASP A 265 -2.12 16.08 33.40
CA ASP A 265 -2.83 15.45 32.29
C ASP A 265 -1.87 14.71 31.37
N GLU A 266 -0.73 15.34 31.10
CA GLU A 266 0.27 14.74 30.23
C GLU A 266 0.81 13.47 30.87
N LEU A 267 1.09 13.55 32.18
CA LEU A 267 1.45 12.37 32.95
C LEU A 267 0.44 11.26 32.70
N LEU A 268 -0.81 11.49 33.14
CA LEU A 268 -1.84 10.47 33.04
C LEU A 268 -1.83 9.91 31.63
N LYS A 269 -1.65 10.79 30.64
CA LYS A 269 -1.60 10.37 29.23
C LYS A 269 -0.46 9.36 29.07
N ARG A 270 0.70 9.65 29.68
CA ARG A 270 1.86 8.79 29.53
C ARG A 270 1.54 7.40 30.08
N ILE A 271 1.11 7.38 31.35
CA ILE A 271 0.93 6.12 32.05
C ILE A 271 0.03 5.21 31.23
N LEU A 272 -1.12 5.76 30.80
CA LEU A 272 -2.08 5.04 29.98
C LEU A 272 -1.38 4.54 28.72
N ASP A 273 -0.60 5.44 28.11
CA ASP A 273 0.11 5.16 26.87
C ASP A 273 1.04 3.97 27.09
N MET A 274 1.75 4.01 28.23
CA MET A 274 2.64 2.93 28.59
C MET A 274 1.84 1.69 28.96
N SER A 275 0.90 1.85 29.90
CA SER A 275 0.00 0.78 30.29
C SER A 275 -0.46 0.04 29.04
N ASN A 276 -0.67 0.78 27.94
CA ASN A 276 -1.05 0.20 26.66
C ASN A 276 0.14 -0.55 26.05
N GLU A 277 1.24 0.16 25.87
CA GLU A 277 2.40 -0.38 25.18
C GLU A 277 2.85 -1.70 25.83
N TYR A 278 3.03 -1.68 27.14
CA TYR A 278 3.38 -2.86 27.92
C TYR A 278 2.39 -3.99 27.59
N SER A 279 1.09 -3.72 27.75
CA SER A 279 0.08 -4.75 27.66
C SER A 279 0.23 -5.51 26.34
N LEU A 280 0.29 -4.76 25.23
CA LEU A 280 0.40 -5.35 23.91
C LEU A 280 1.69 -6.16 23.82
N PHE A 281 2.76 -5.60 24.40
CA PHE A 281 4.07 -6.21 24.38
C PHE A 281 3.98 -7.58 25.04
N ILE A 282 3.54 -7.57 26.30
CA ILE A 282 3.44 -8.78 27.09
C ILE A 282 2.56 -9.82 26.38
N THR A 283 1.28 -9.48 26.15
CA THR A 283 0.35 -10.36 25.44
C THR A 283 1.05 -11.10 24.31
N SER A 284 1.75 -10.36 23.46
CA SER A 284 2.48 -10.97 22.38
C SER A 284 3.52 -11.93 22.95
N ASP A 285 4.44 -11.42 23.78
CA ASP A 285 5.53 -12.24 24.30
C ASP A 285 4.97 -13.53 24.89
N HIS A 286 3.85 -13.40 25.63
CA HIS A 286 3.15 -14.52 26.21
C HIS A 286 2.77 -15.52 25.11
N LEU A 287 1.81 -15.14 24.27
CA LEU A 287 1.36 -15.99 23.18
C LEU A 287 2.55 -16.60 22.44
N ARG A 288 3.60 -15.80 22.17
CA ARG A 288 4.80 -16.32 21.53
C ARG A 288 5.36 -17.52 22.32
N GLN A 289 5.59 -17.31 23.63
CA GLN A 289 6.19 -18.35 24.46
C GLN A 289 5.29 -19.59 24.42
N MET A 290 3.96 -19.38 24.48
CA MET A 290 3.03 -20.49 24.45
C MET A 290 3.10 -21.17 23.09
N LEU A 291 3.02 -20.38 22.02
CA LEU A 291 3.01 -20.92 20.68
C LEU A 291 4.30 -21.68 20.42
N TYR A 292 5.43 -21.05 20.77
CA TYR A 292 6.74 -21.67 20.62
C TYR A 292 6.68 -23.09 21.14
N ASN A 293 6.23 -23.22 22.40
CA ASN A 293 6.08 -24.51 23.02
C ASN A 293 5.20 -25.37 22.12
N THR A 294 4.03 -24.84 21.77
CA THR A 294 3.06 -25.62 21.01
C THR A 294 3.67 -26.05 19.68
N PHE A 295 4.57 -25.21 19.13
CA PHE A 295 5.27 -25.53 17.91
C PHE A 295 5.98 -26.88 18.07
N TYR A 296 6.89 -26.96 19.04
CA TYR A 296 7.76 -28.11 19.22
C TYR A 296 7.00 -29.30 19.81
N SER A 297 5.93 -29.01 20.56
CA SER A 297 4.99 -30.02 21.03
C SER A 297 4.53 -30.86 19.84
N LYS A 298 4.29 -30.21 18.70
CA LYS A 298 3.86 -30.88 17.49
C LYS A 298 5.06 -31.55 16.82
N GLU A 299 6.21 -30.86 16.84
CA GLU A 299 7.45 -31.40 16.29
C GLU A 299 7.71 -32.77 16.92
N LYS A 300 7.64 -32.86 18.26
CA LYS A 300 7.83 -34.13 18.94
C LYS A 300 6.83 -35.14 18.37
N HIS A 301 5.54 -34.78 18.30
CA HIS A 301 4.52 -35.74 17.89
C HIS A 301 4.66 -36.08 16.42
N LEU A 302 5.18 -35.13 15.66
CA LEU A 302 5.46 -35.32 14.25
C LEU A 302 6.69 -36.20 14.06
N ASN A 303 7.71 -35.95 14.91
CA ASN A 303 8.94 -36.70 14.93
C ASN A 303 8.62 -38.14 15.34
N ASN A 304 7.78 -38.29 16.39
CA ASN A 304 7.33 -39.58 16.87
C ASN A 304 6.71 -40.40 15.74
N ILE A 305 5.87 -39.76 14.92
CA ILE A 305 5.10 -40.45 13.90
C ILE A 305 6.01 -40.91 12.76
N PHE A 306 7.23 -40.35 12.69
CA PHE A 306 8.26 -40.93 11.84
C PHE A 306 8.72 -42.26 12.45
N HIS A 307 9.14 -42.22 13.73
CA HIS A 307 9.74 -43.33 14.48
C HIS A 307 11.26 -43.20 14.50
N HIS A 308 11.86 -42.99 13.31
CA HIS A 308 13.28 -42.71 13.10
C HIS A 308 13.49 -42.02 11.74
N LEU A 309 14.74 -41.64 11.41
CA LEU A 309 14.99 -40.74 10.29
C LEU A 309 14.33 -41.27 9.02
N ILE A 310 14.15 -42.59 8.89
CA ILE A 310 13.50 -43.16 7.72
C ILE A 310 13.11 -44.61 8.03
N TYR A 311 11.79 -44.89 8.14
CA TYR A 311 11.30 -46.26 8.29
C TYR A 311 11.51 -46.99 6.95
N GLU B 6 -5.77 22.62 -0.38
CA GLU B 6 -4.97 21.40 -0.09
C GLU B 6 -5.20 21.05 1.38
N VAL B 7 -4.13 21.00 2.19
CA VAL B 7 -4.26 21.01 3.64
C VAL B 7 -4.51 22.46 4.06
N GLN B 8 -5.61 22.69 4.78
CA GLN B 8 -6.13 24.05 4.94
C GLN B 8 -6.72 24.23 6.33
N LEU B 9 -6.41 25.37 6.96
CA LEU B 9 -7.16 25.81 8.12
C LEU B 9 -7.89 27.12 7.80
N VAL B 10 -9.20 27.12 8.10
CA VAL B 10 -10.13 28.18 7.73
C VAL B 10 -10.81 28.70 8.98
N GLN B 11 -10.60 29.98 9.32
CA GLN B 11 -11.14 30.55 10.54
C GLN B 11 -12.27 31.53 10.22
N SER B 12 -13.09 31.84 11.24
CA SER B 12 -14.20 32.77 11.10
C SER B 12 -13.67 34.15 10.76
N GLY B 13 -14.59 35.05 10.34
CA GLY B 13 -14.24 36.43 10.02
C GLY B 13 -14.00 37.24 11.29
N ALA B 14 -13.31 38.38 11.15
CA ALA B 14 -12.98 39.23 12.28
C ALA B 14 -14.24 39.52 13.09
N GLU B 15 -14.09 39.51 14.42
CA GLU B 15 -15.15 39.87 15.34
C GLU B 15 -14.78 41.17 16.06
N VAL B 16 -15.78 41.83 16.64
CA VAL B 16 -15.57 42.96 17.53
C VAL B 16 -16.52 42.74 18.70
N LYS B 17 -16.00 42.92 19.92
CA LYS B 17 -16.78 42.62 21.10
C LYS B 17 -16.46 43.65 22.17
N LYS B 18 -17.41 43.84 23.09
CA LYS B 18 -17.31 44.87 24.10
C LYS B 18 -16.60 44.28 25.30
N PRO B 19 -15.88 45.09 26.10
CA PRO B 19 -15.52 44.70 27.46
C PRO B 19 -16.65 43.91 28.10
N GLY B 20 -16.32 42.72 28.62
CA GLY B 20 -17.30 41.87 29.29
C GLY B 20 -18.45 41.43 28.38
N ALA B 21 -18.09 41.01 27.17
CA ALA B 21 -18.92 40.14 26.35
C ALA B 21 -18.23 38.76 26.29
N SER B 22 -18.51 37.98 25.25
CA SER B 22 -17.75 36.77 24.98
C SER B 22 -17.42 36.74 23.48
N VAL B 23 -16.73 35.70 23.00
CA VAL B 23 -16.37 35.61 21.59
C VAL B 23 -16.05 34.18 21.24
N LYS B 24 -16.74 33.66 20.24
CA LYS B 24 -16.46 32.36 19.64
C LYS B 24 -15.82 32.60 18.27
N VAL B 25 -14.74 31.86 17.97
CA VAL B 25 -14.11 31.86 16.66
C VAL B 25 -13.95 30.42 16.21
N SER B 26 -13.92 30.18 14.90
CA SER B 26 -13.94 28.83 14.37
C SER B 26 -12.69 28.56 13.54
N CYS B 27 -12.48 27.28 13.19
CA CYS B 27 -11.31 26.81 12.47
C CYS B 27 -11.66 25.53 11.73
N LYS B 28 -12.15 25.68 10.50
CA LYS B 28 -12.59 24.53 9.74
C LYS B 28 -11.35 23.87 9.16
N ALA B 29 -11.18 22.59 9.51
CA ALA B 29 -10.12 21.77 8.98
C ALA B 29 -10.58 21.16 7.66
N SER B 30 -9.78 21.31 6.60
CA SER B 30 -10.10 20.71 5.32
C SER B 30 -8.83 20.19 4.63
N GLY B 31 -9.01 19.04 3.97
CA GLY B 31 -7.91 18.30 3.35
C GLY B 31 -7.73 16.93 4.03
N TYR B 32 -7.39 16.98 5.32
CA TYR B 32 -6.98 15.82 6.09
C TYR B 32 -8.15 15.32 6.95
N THR B 33 -7.95 14.22 7.66
CA THR B 33 -8.92 13.75 8.62
C THR B 33 -8.80 14.62 9.87
N PHE B 34 -9.93 15.15 10.35
CA PHE B 34 -9.94 16.19 11.37
C PHE B 34 -9.35 15.73 12.69
N THR B 35 -9.78 14.51 13.09
CA THR B 35 -9.65 13.99 14.44
C THR B 35 -8.31 13.28 14.63
N ASP B 36 -7.49 13.24 13.58
CA ASP B 36 -6.11 12.80 13.68
C ASP B 36 -5.35 13.74 14.61
N TYR B 37 -5.09 14.97 14.16
CA TYR B 37 -4.14 15.84 14.82
C TYR B 37 -4.84 16.88 15.70
N TYR B 38 -4.26 17.09 16.89
CA TYR B 38 -4.59 18.19 17.78
C TYR B 38 -4.73 19.50 17.00
N ILE B 39 -5.70 20.33 17.41
CA ILE B 39 -5.81 21.69 16.90
C ILE B 39 -5.61 22.69 18.04
N HIS B 40 -4.81 23.72 17.75
CA HIS B 40 -4.27 24.61 18.76
C HIS B 40 -4.70 26.04 18.46
N TRP B 41 -4.85 26.84 19.52
CA TRP B 41 -5.23 28.24 19.40
C TRP B 41 -4.13 29.10 19.98
N VAL B 42 -3.41 29.78 19.09
CA VAL B 42 -2.37 30.73 19.44
C VAL B 42 -2.83 32.13 19.04
N ARG B 43 -2.91 33.07 19.98
CA ARG B 43 -3.27 34.44 19.68
C ARG B 43 -2.02 35.31 19.66
N GLN B 44 -2.17 36.61 19.34
CA GLN B 44 -1.04 37.50 19.12
C GLN B 44 -1.49 38.94 19.28
N ALA B 45 -1.10 39.59 20.38
CA ALA B 45 -1.49 40.97 20.60
C ALA B 45 -0.97 41.83 19.45
N PRO B 46 -1.47 43.07 19.28
CA PRO B 46 -1.00 43.94 18.19
C PRO B 46 0.48 44.30 18.36
N GLY B 47 1.30 43.87 17.39
CA GLY B 47 2.74 44.15 17.39
C GLY B 47 3.47 43.40 18.50
N GLN B 48 2.96 42.22 18.86
CA GLN B 48 3.45 41.45 20.00
C GLN B 48 3.78 40.03 19.54
N GLY B 49 4.29 39.22 20.48
CA GLY B 49 4.66 37.85 20.19
C GLY B 49 3.43 36.97 19.97
N LEU B 50 3.68 35.69 19.65
CA LEU B 50 2.69 34.63 19.70
C LEU B 50 2.45 34.23 21.16
N GLU B 51 1.29 33.62 21.41
CA GLU B 51 0.78 33.40 22.74
C GLU B 51 -0.11 32.16 22.67
N TRP B 52 0.28 31.08 23.35
CA TRP B 52 -0.48 29.83 23.30
C TRP B 52 -1.57 29.85 24.37
N MET B 53 -2.78 29.47 23.94
CA MET B 53 -3.99 29.60 24.74
C MET B 53 -4.44 28.22 25.19
N GLY B 54 -4.57 27.31 24.22
CA GLY B 54 -4.89 25.94 24.56
C GLY B 54 -4.87 25.03 23.33
N ARG B 55 -5.39 23.81 23.53
CA ARG B 55 -5.53 22.85 22.46
C ARG B 55 -6.77 22.02 22.73
N ILE B 56 -7.24 21.33 21.69
CA ILE B 56 -8.36 20.43 21.82
C ILE B 56 -8.15 19.26 20.87
N ASN B 57 -8.32 18.04 21.42
CA ASN B 57 -8.22 16.83 20.64
C ASN B 57 -9.53 16.61 19.90
N PRO B 58 -9.59 16.90 18.58
CA PRO B 58 -10.85 16.82 17.84
C PRO B 58 -11.54 15.49 18.10
N ASN B 59 -10.72 14.46 18.35
CA ASN B 59 -11.17 13.09 18.43
C ASN B 59 -11.90 12.85 19.75
N SER B 60 -11.21 13.14 20.86
CA SER B 60 -11.74 12.92 22.18
C SER B 60 -12.67 14.07 22.55
N GLY B 61 -12.17 15.29 22.40
CA GLY B 61 -12.85 16.46 22.92
C GLY B 61 -12.11 17.01 24.14
N GLY B 62 -11.03 16.31 24.51
CA GLY B 62 -10.17 16.77 25.59
C GLY B 62 -9.56 18.14 25.25
N THR B 63 -9.34 18.93 26.29
CA THR B 63 -8.84 20.28 26.14
C THR B 63 -7.70 20.49 27.12
N ASN B 64 -6.66 21.17 26.65
CA ASN B 64 -5.60 21.70 27.51
C ASN B 64 -5.46 23.19 27.22
N TYR B 65 -5.55 24.01 28.27
CA TYR B 65 -5.44 25.46 28.16
C TYR B 65 -4.18 25.91 28.90
N ALA B 66 -3.51 26.95 28.41
CA ALA B 66 -2.57 27.67 29.24
C ALA B 66 -3.32 28.06 30.50
N GLN B 67 -2.60 28.37 31.58
CA GLN B 67 -3.26 28.70 32.83
C GLN B 67 -3.68 30.17 32.81
N GLU B 68 -3.11 30.98 31.89
CA GLU B 68 -3.50 32.38 31.73
C GLU B 68 -4.98 32.46 31.40
N PHE B 69 -5.46 31.51 30.59
CA PHE B 69 -6.80 31.52 30.06
C PHE B 69 -7.69 30.46 30.71
N GLN B 70 -7.27 29.93 31.86
CA GLN B 70 -8.00 28.86 32.53
C GLN B 70 -9.26 29.48 33.13
N GLY B 71 -10.42 29.00 32.70
CA GLY B 71 -11.69 29.45 33.25
C GLY B 71 -12.31 30.59 32.44
N ARG B 72 -11.55 31.12 31.48
CA ARG B 72 -12.04 32.16 30.60
C ARG B 72 -12.30 31.56 29.21
N VAL B 73 -11.32 30.82 28.69
CA VAL B 73 -11.42 30.18 27.38
C VAL B 73 -12.19 28.87 27.52
N THR B 74 -12.86 28.47 26.43
CA THR B 74 -13.54 27.19 26.33
C THR B 74 -13.47 26.70 24.88
N MET B 75 -12.78 25.57 24.67
CA MET B 75 -12.55 25.01 23.35
C MET B 75 -13.44 23.79 23.10
N THR B 76 -13.96 23.70 21.88
CA THR B 76 -14.92 22.67 21.48
C THR B 76 -14.66 22.31 20.02
N ARG B 77 -15.47 21.43 19.44
CA ARG B 77 -15.40 21.15 18.02
C ARG B 77 -16.60 20.30 17.60
N ASP B 78 -17.02 20.45 16.32
CA ASP B 78 -18.09 19.64 15.75
C ASP B 78 -17.47 18.81 14.61
N THR B 79 -17.63 17.48 14.68
CA THR B 79 -17.01 16.56 13.75
C THR B 79 -17.90 16.33 12.52
N SER B 80 -19.13 16.87 12.52
CA SER B 80 -19.95 16.89 11.32
C SER B 80 -19.26 17.75 10.27
N ILE B 81 -18.66 18.86 10.71
CA ILE B 81 -18.15 19.91 9.83
C ILE B 81 -16.63 20.01 9.88
N ASN B 82 -15.99 19.37 10.87
CA ASN B 82 -14.53 19.38 11.01
C ASN B 82 -14.03 20.77 11.42
N THR B 83 -14.76 21.36 12.37
CA THR B 83 -14.50 22.70 12.86
C THR B 83 -14.10 22.65 14.33
N ALA B 84 -13.09 23.43 14.71
CA ALA B 84 -12.64 23.55 16.09
C ALA B 84 -12.89 24.98 16.57
N TYR B 85 -13.27 25.12 17.84
CA TYR B 85 -13.74 26.40 18.36
C TYR B 85 -12.89 26.86 19.55
N MET B 86 -12.95 28.16 19.82
CA MET B 86 -12.25 28.75 20.94
C MET B 86 -13.03 29.96 21.43
N GLN B 87 -13.81 29.74 22.48
CA GLN B 87 -14.68 30.77 23.02
C GLN B 87 -13.97 31.39 24.22
N LEU B 88 -13.65 32.67 24.09
CA LEU B 88 -13.21 33.44 25.25
C LEU B 88 -14.43 34.15 25.86
N THR B 89 -14.30 34.57 27.12
CA THR B 89 -15.35 35.26 27.83
C THR B 89 -14.71 36.46 28.51
N ARG B 90 -15.43 37.10 29.43
CA ARG B 90 -14.91 38.20 30.23
C ARG B 90 -13.82 38.96 29.45
N LEU B 91 -14.21 39.53 28.31
CA LEU B 91 -13.25 40.13 27.39
C LEU B 91 -12.68 41.41 28.00
N ARG B 92 -11.52 41.82 27.47
CA ARG B 92 -10.76 42.93 28.00
C ARG B 92 -10.06 43.65 26.86
N SER B 93 -9.67 44.92 27.11
CA SER B 93 -8.92 45.69 26.13
C SER B 93 -7.86 44.79 25.52
N ASP B 94 -7.04 44.21 26.41
CA ASP B 94 -5.82 43.52 26.02
C ASP B 94 -6.15 42.30 25.16
N ASP B 95 -7.34 41.70 25.30
CA ASP B 95 -7.70 40.52 24.53
C ASP B 95 -7.71 40.82 23.03
N THR B 96 -7.67 42.12 22.70
CA THR B 96 -7.49 42.54 21.31
C THR B 96 -6.24 41.87 20.75
N ALA B 97 -6.46 41.05 19.70
CA ALA B 97 -5.37 40.31 19.10
C ALA B 97 -5.78 39.69 17.75
N VAL B 98 -4.84 38.97 17.15
CA VAL B 98 -5.12 38.05 16.07
C VAL B 98 -5.09 36.64 16.66
N TYR B 99 -6.26 35.99 16.64
CA TYR B 99 -6.40 34.61 17.06
C TYR B 99 -6.10 33.71 15.85
N TYR B 100 -4.96 33.01 15.92
CA TYR B 100 -4.62 31.94 15.00
C TYR B 100 -5.06 30.58 15.56
N CYS B 101 -5.28 29.63 14.65
CA CYS B 101 -5.40 28.24 15.05
C CYS B 101 -4.39 27.45 14.23
N ALA B 102 -3.87 26.35 14.79
CA ALA B 102 -2.81 25.60 14.13
C ALA B 102 -2.96 24.11 14.40
N ARG B 103 -2.22 23.30 13.61
CA ARG B 103 -2.32 21.84 13.62
C ARG B 103 -1.00 21.21 14.07
N ASP B 104 -1.00 20.59 15.26
CA ASP B 104 0.06 19.68 15.67
C ASP B 104 -0.10 18.38 14.87
N GLY B 105 0.58 18.31 13.71
CA GLY B 105 0.53 17.12 12.84
C GLY B 105 1.91 16.54 12.48
N ILE B 106 2.97 17.19 12.97
CA ILE B 106 4.30 16.64 12.94
C ILE B 106 4.58 16.04 14.32
N GLU B 107 4.33 14.72 14.45
CA GLU B 107 4.69 13.96 15.65
C GLU B 107 6.17 13.55 15.58
N TYR B 108 7.02 14.19 16.38
CA TYR B 108 8.46 14.02 16.20
C TYR B 108 9.03 13.16 17.31
N SER B 109 8.37 13.03 18.45
CA SER B 109 8.90 12.07 19.41
C SER B 109 7.78 11.37 20.15
N TYR B 110 6.80 10.82 19.42
CA TYR B 110 5.80 9.95 20.01
C TYR B 110 4.72 10.79 20.69
N TYR B 111 5.12 11.66 21.62
CA TYR B 111 4.20 12.55 22.31
C TYR B 111 4.45 13.99 21.87
N TYR B 112 5.53 14.20 21.11
CA TYR B 112 6.04 15.53 20.80
C TYR B 112 5.65 15.90 19.38
N TYR B 113 4.98 17.05 19.24
CA TYR B 113 4.44 17.49 17.96
C TYR B 113 4.85 18.92 17.63
N ALA B 114 4.77 19.27 16.34
CA ALA B 114 4.95 20.65 15.87
C ALA B 114 3.71 21.14 15.12
N MET B 115 3.43 22.44 15.23
CA MET B 115 2.29 23.07 14.56
C MET B 115 2.62 23.31 13.09
N ASP B 116 2.24 22.34 12.25
CA ASP B 116 2.74 22.33 10.88
C ASP B 116 1.87 23.22 10.01
N VAL B 117 0.54 23.12 10.17
CA VAL B 117 -0.40 23.95 9.43
C VAL B 117 -0.96 25.02 10.36
N TRP B 118 -1.11 26.25 9.83
CA TRP B 118 -1.76 27.37 10.51
C TRP B 118 -2.91 27.92 9.66
N GLY B 119 -3.94 28.46 10.34
CA GLY B 119 -4.88 29.34 9.67
C GLY B 119 -4.30 30.75 9.58
N LYS B 120 -4.86 31.58 8.70
CA LYS B 120 -4.37 32.93 8.47
C LYS B 120 -4.73 33.82 9.64
N GLY B 121 -5.80 33.49 10.36
CA GLY B 121 -5.98 33.99 11.72
C GLY B 121 -6.97 35.14 11.79
N THR B 122 -7.62 35.26 12.94
CA THR B 122 -8.86 36.02 13.09
C THR B 122 -8.58 37.25 13.96
N THR B 123 -8.96 38.44 13.48
CA THR B 123 -8.77 39.66 14.25
C THR B 123 -9.94 39.83 15.21
N VAL B 124 -9.68 39.66 16.51
CA VAL B 124 -10.67 40.01 17.51
C VAL B 124 -10.30 41.36 18.12
N THR B 125 -11.25 42.30 18.07
CA THR B 125 -11.09 43.63 18.66
C THR B 125 -12.01 43.75 19.89
N VAL B 126 -11.47 44.32 20.96
CA VAL B 126 -12.27 44.56 22.15
C VAL B 126 -12.25 46.06 22.41
N SER B 127 -13.43 46.69 22.35
CA SER B 127 -13.47 48.14 22.28
C SER B 127 -14.49 48.76 23.26
N SER B 128 -15.77 48.49 23.03
CA SER B 128 -16.87 49.18 23.68
C SER B 128 -17.28 50.39 22.85
N ALA B 129 -16.38 50.86 21.98
CA ALA B 129 -16.69 51.95 21.07
C ALA B 129 -17.61 51.46 19.95
N SER B 130 -18.55 52.32 19.54
CA SER B 130 -19.37 52.09 18.35
C SER B 130 -18.86 53.00 17.23
N THR B 131 -19.29 52.73 15.99
CA THR B 131 -18.79 53.44 14.83
C THR B 131 -18.78 54.93 15.10
N LYS B 132 -17.59 55.55 15.04
CA LYS B 132 -17.38 56.97 15.31
C LYS B 132 -16.40 57.53 14.29
N GLY B 133 -16.54 58.81 13.99
CA GLY B 133 -15.81 59.43 12.88
C GLY B 133 -14.53 60.11 13.36
N PRO B 134 -13.45 60.07 12.55
CA PRO B 134 -12.19 60.68 12.95
C PRO B 134 -12.28 62.20 13.03
N SER B 135 -11.95 62.77 14.18
CA SER B 135 -11.81 64.21 14.29
CA SER B 135 -11.81 64.21 14.29
C SER B 135 -10.40 64.60 13.85
N VAL B 136 -10.27 65.04 12.58
CA VAL B 136 -8.98 65.42 12.00
C VAL B 136 -8.58 66.81 12.50
N PHE B 137 -7.35 66.91 13.01
CA PHE B 137 -6.74 68.17 13.35
C PHE B 137 -5.47 68.31 12.53
N PRO B 138 -5.11 69.54 12.07
CA PRO B 138 -3.88 69.74 11.30
C PRO B 138 -2.67 69.82 12.23
N LEU B 139 -1.52 69.34 11.74
CA LEU B 139 -0.26 69.43 12.48
C LEU B 139 0.57 70.55 11.86
N ALA B 140 0.67 71.66 12.61
CA ALA B 140 1.15 72.94 12.09
C ALA B 140 2.65 72.89 11.79
N PRO B 141 3.07 73.05 10.52
CA PRO B 141 4.49 72.99 10.14
C PRO B 141 5.55 73.34 11.19
N SER B 142 6.58 72.48 11.22
CA SER B 142 7.80 72.66 12.00
C SER B 142 9.01 72.38 11.10
N SER B 143 9.99 73.29 11.09
CA SER B 143 11.16 73.18 10.22
C SER B 143 12.20 72.24 10.84
N LYS B 144 13.08 71.67 10.00
CA LYS B 144 14.02 70.61 10.37
C LYS B 144 14.95 71.03 11.53
N SER B 145 15.71 70.04 12.02
CA SER B 145 16.98 70.23 12.71
C SER B 145 17.74 71.44 12.14
N THR B 146 17.51 72.60 12.77
CA THR B 146 18.17 73.84 12.41
C THR B 146 17.53 74.39 11.13
N SER B 147 16.20 74.31 11.08
CA SER B 147 15.37 74.77 9.96
C SER B 147 15.77 74.09 8.65
N GLY B 148 16.42 72.92 8.77
CA GLY B 148 17.26 72.36 7.71
C GLY B 148 16.48 71.83 6.52
N GLY B 149 16.07 72.74 5.63
CA GLY B 149 15.72 72.38 4.27
C GLY B 149 14.39 71.65 4.20
N THR B 150 14.22 70.61 5.02
CA THR B 150 12.99 69.84 5.08
C THR B 150 12.12 70.33 6.25
N ALA B 151 10.81 70.36 6.02
CA ALA B 151 9.83 70.65 7.05
C ALA B 151 8.79 69.54 7.07
N ALA B 152 8.42 69.11 8.29
CA ALA B 152 7.44 68.06 8.47
C ALA B 152 6.15 68.66 9.01
N LEU B 153 5.04 68.25 8.41
CA LEU B 153 3.71 68.69 8.79
C LEU B 153 2.76 67.52 8.50
N GLY B 154 1.59 67.53 9.15
CA GLY B 154 0.80 66.32 9.22
C GLY B 154 -0.63 66.59 9.64
N CYS B 155 -1.39 65.49 9.77
CA CYS B 155 -2.76 65.49 10.21
C CYS B 155 -3.00 64.36 11.20
N LEU B 156 -3.34 64.74 12.45
CA LEU B 156 -3.78 63.80 13.47
C LEU B 156 -5.20 63.37 13.15
N VAL B 157 -5.45 62.06 13.16
CA VAL B 157 -6.75 61.50 12.87
C VAL B 157 -7.21 60.72 14.10
N LYS B 158 -7.98 61.38 14.97
CA LYS B 158 -8.14 60.93 16.35
C LYS B 158 -9.53 60.34 16.58
N ASP B 159 -9.61 59.50 17.63
CA ASP B 159 -10.84 59.12 18.32
C ASP B 159 -11.86 58.57 17.33
N TYR B 160 -11.42 57.63 16.49
CA TYR B 160 -12.27 56.98 15.54
C TYR B 160 -12.40 55.50 15.91
N PHE B 161 -13.29 54.80 15.19
CA PHE B 161 -13.59 53.38 15.40
C PHE B 161 -14.65 52.99 14.38
N PRO B 162 -14.57 51.82 13.71
CA PRO B 162 -13.45 50.88 13.82
C PRO B 162 -12.32 51.30 12.89
N GLU B 163 -11.32 50.43 12.72
CA GLU B 163 -10.40 50.54 11.61
C GLU B 163 -11.09 49.99 10.36
N PRO B 164 -10.58 50.25 9.14
CA PRO B 164 -9.34 51.01 8.93
C PRO B 164 -9.56 52.48 8.62
N VAL B 165 -8.44 53.22 8.53
CA VAL B 165 -8.41 54.55 7.97
CA VAL B 165 -8.41 54.55 7.97
C VAL B 165 -7.38 54.58 6.84
N THR B 166 -7.63 55.39 5.80
CA THR B 166 -6.70 55.52 4.67
C THR B 166 -6.47 56.99 4.34
N VAL B 167 -5.34 57.51 4.82
CA VAL B 167 -4.93 58.88 4.54
C VAL B 167 -4.17 58.90 3.21
N SER B 168 -4.33 59.99 2.45
CA SER B 168 -3.41 60.36 1.38
C SER B 168 -3.07 61.84 1.52
N TRP B 169 -2.24 62.37 0.61
CA TRP B 169 -1.96 63.80 0.61
C TRP B 169 -2.08 64.40 -0.79
N ASN B 170 -2.71 65.59 -0.83
CA ASN B 170 -2.98 66.37 -2.04
C ASN B 170 -3.68 65.47 -3.06
N SER B 171 -4.74 64.78 -2.63
CA SER B 171 -5.58 63.93 -3.48
C SER B 171 -4.75 62.85 -4.18
N GLY B 172 -3.90 62.18 -3.41
CA GLY B 172 -3.11 61.07 -3.93
C GLY B 172 -1.91 61.56 -4.74
N ALA B 173 -1.72 62.88 -4.81
CA ALA B 173 -0.60 63.45 -5.54
C ALA B 173 0.66 63.20 -4.73
N LEU B 174 0.72 63.83 -3.55
CA LEU B 174 1.91 63.79 -2.73
C LEU B 174 2.03 62.40 -2.09
N THR B 175 3.06 61.65 -2.48
CA THR B 175 3.32 60.31 -1.94
C THR B 175 4.69 60.25 -1.26
N SER B 176 5.48 61.33 -1.33
CA SER B 176 6.88 61.25 -0.93
C SER B 176 7.06 61.93 0.43
N GLY B 177 7.60 61.19 1.39
CA GLY B 177 7.75 61.66 2.76
C GLY B 177 6.54 61.28 3.62
N VAL B 178 5.60 60.52 3.04
CA VAL B 178 4.30 60.22 3.65
C VAL B 178 4.44 59.06 4.64
N HIS B 179 4.40 59.39 5.93
CA HIS B 179 4.32 58.39 6.97
C HIS B 179 3.02 58.63 7.74
N THR B 180 2.02 57.81 7.40
CA THR B 180 0.83 57.65 8.20
C THR B 180 1.08 56.50 9.16
N PHE B 181 1.17 56.82 10.45
CA PHE B 181 1.52 55.86 11.47
C PHE B 181 0.41 54.84 11.63
N PRO B 182 0.72 53.58 12.03
CA PRO B 182 -0.31 52.63 12.42
C PRO B 182 -0.98 53.19 13.67
N ALA B 183 -2.20 52.71 13.90
CA ALA B 183 -3.09 53.33 14.87
C ALA B 183 -3.01 52.58 16.20
N VAL B 184 -2.71 53.34 17.25
CA VAL B 184 -2.92 52.87 18.61
C VAL B 184 -4.43 52.79 18.82
N LEU B 185 -4.87 51.81 19.63
CA LEU B 185 -6.24 51.74 20.09
C LEU B 185 -6.24 52.18 21.55
N GLN B 186 -6.64 53.43 21.82
CA GLN B 186 -6.36 54.10 23.09
C GLN B 186 -7.26 53.53 24.19
N SER B 187 -7.03 53.95 25.44
CA SER B 187 -7.84 53.49 26.57
C SER B 187 -9.24 54.08 26.50
N SER B 188 -9.48 54.92 25.48
CA SER B 188 -10.83 55.33 25.12
C SER B 188 -11.62 54.17 24.53
N GLY B 189 -10.98 53.37 23.69
CA GLY B 189 -11.65 52.37 22.88
C GLY B 189 -11.74 52.82 21.42
N LEU B 190 -11.29 54.07 21.20
CA LEU B 190 -11.21 54.71 19.89
C LEU B 190 -9.75 54.77 19.46
N TYR B 191 -9.49 54.54 18.17
CA TYR B 191 -8.13 54.60 17.68
C TYR B 191 -7.68 56.06 17.49
N SER B 192 -6.36 56.25 17.48
CA SER B 192 -5.71 57.45 16.98
C SER B 192 -4.61 57.03 16.02
N LEU B 193 -4.36 57.84 14.99
CA LEU B 193 -3.07 57.80 14.30
C LEU B 193 -2.77 59.21 13.80
N SER B 194 -1.48 59.51 13.58
CA SER B 194 -1.10 60.69 12.83
C SER B 194 -0.64 60.25 11.45
N SER B 195 -0.81 61.14 10.46
CA SER B 195 -0.02 61.04 9.25
C SER B 195 0.84 62.30 9.13
N VAL B 196 2.06 62.11 8.64
CA VAL B 196 2.99 63.20 8.48
C VAL B 196 3.62 63.06 7.10
N VAL B 197 4.00 64.22 6.54
CA VAL B 197 4.86 64.26 5.37
C VAL B 197 5.93 65.30 5.64
N THR B 198 7.10 65.09 5.04
CA THR B 198 8.15 66.06 5.12
C THR B 198 8.41 66.55 3.69
N VAL B 199 8.69 67.85 3.58
CA VAL B 199 8.72 68.53 2.31
C VAL B 199 9.67 69.73 2.41
N PRO B 200 10.16 70.28 1.27
CA PRO B 200 10.99 71.49 1.30
C PRO B 200 10.37 72.70 2.03
N SER B 201 11.21 73.39 2.82
CA SER B 201 10.84 74.62 3.53
C SER B 201 10.68 75.78 2.54
N SER B 202 11.27 75.65 1.35
CA SER B 202 10.99 76.57 0.26
C SER B 202 9.50 76.53 -0.11
N SER B 203 8.94 75.32 -0.26
CA SER B 203 7.56 75.19 -0.71
C SER B 203 6.60 75.24 0.48
N LEU B 204 6.52 76.41 1.13
CA LEU B 204 5.43 76.70 2.06
C LEU B 204 4.38 77.59 1.38
N GLY B 205 4.79 78.83 1.07
CA GLY B 205 3.91 79.80 0.42
C GLY B 205 3.33 79.26 -0.87
N THR B 206 4.15 78.56 -1.67
CA THR B 206 3.73 77.95 -2.92
C THR B 206 2.69 76.86 -2.63
N GLN B 207 3.18 75.72 -2.13
CA GLN B 207 2.43 74.47 -2.13
C GLN B 207 1.40 74.50 -1.00
N THR B 208 0.20 73.99 -1.32
CA THR B 208 -0.90 73.90 -0.35
C THR B 208 -0.99 72.44 0.09
N TYR B 209 -0.92 72.22 1.41
CA TYR B 209 -0.89 70.88 1.96
C TYR B 209 -2.23 70.57 2.61
N ILE B 210 -2.92 69.59 2.01
CA ILE B 210 -4.22 69.11 2.45
C ILE B 210 -4.12 67.59 2.60
N CYS B 211 -4.45 67.08 3.80
CA CYS B 211 -4.49 65.64 4.01
C CYS B 211 -5.88 65.11 3.70
N ASN B 212 -5.92 63.86 3.23
CA ASN B 212 -7.11 63.27 2.67
C ASN B 212 -7.47 62.05 3.49
N VAL B 213 -8.22 62.27 4.58
CA VAL B 213 -8.65 61.18 5.45
C VAL B 213 -9.88 60.52 4.81
N ASN B 214 -9.99 59.20 5.02
CA ASN B 214 -11.11 58.37 4.62
C ASN B 214 -11.32 57.30 5.68
N HIS B 215 -12.58 57.10 6.07
CA HIS B 215 -12.94 56.14 7.11
C HIS B 215 -14.21 55.41 6.70
N LYS B 216 -14.10 54.49 5.72
CA LYS B 216 -15.21 53.84 5.05
C LYS B 216 -16.29 53.34 6.02
N PRO B 217 -15.95 52.61 7.12
CA PRO B 217 -16.95 52.20 8.13
C PRO B 217 -17.94 53.21 8.71
N SER B 218 -17.54 54.49 8.78
CA SER B 218 -18.41 55.58 9.19
C SER B 218 -18.78 56.43 7.98
N ASN B 219 -18.36 56.01 6.79
CA ASN B 219 -18.37 56.84 5.60
C ASN B 219 -18.05 58.29 5.92
N THR B 220 -17.02 58.51 6.75
CA THR B 220 -16.46 59.84 6.92
C THR B 220 -15.23 59.94 6.02
N LYS B 221 -15.17 61.04 5.26
CA LYS B 221 -14.02 61.39 4.42
C LYS B 221 -13.81 62.88 4.56
N VAL B 222 -13.30 63.27 5.75
CA VAL B 222 -12.97 64.66 6.02
C VAL B 222 -11.58 64.96 5.45
N ASP B 223 -11.47 66.10 4.76
CA ASP B 223 -10.19 66.66 4.36
C ASP B 223 -9.87 67.82 5.29
N LYS B 224 -8.58 68.15 5.37
CA LYS B 224 -8.12 69.19 6.28
C LYS B 224 -6.85 69.82 5.72
N LYS B 225 -6.96 71.12 5.46
CA LYS B 225 -5.84 71.94 5.04
C LYS B 225 -4.87 72.04 6.21
N VAL B 226 -3.59 72.07 5.89
CA VAL B 226 -2.57 72.37 6.87
C VAL B 226 -1.72 73.52 6.31
N GLU B 227 -1.50 74.52 7.17
CA GLU B 227 -0.89 75.80 6.82
C GLU B 227 -0.21 76.36 8.08
N PRO B 228 1.01 76.92 7.94
CA PRO B 228 1.86 77.20 9.11
C PRO B 228 1.39 78.32 10.04
N LYS B 229 1.60 78.14 11.35
CA LYS B 229 1.12 79.10 12.34
C LYS B 229 1.46 78.56 13.74
N ASP C 6 5.68 25.93 32.96
CA ASP C 6 6.53 26.92 33.68
C ASP C 6 7.91 26.94 33.03
N ILE C 7 7.96 26.71 31.71
CA ILE C 7 9.21 26.75 30.96
C ILE C 7 9.30 28.07 30.20
N GLN C 8 10.26 28.92 30.58
CA GLN C 8 10.39 30.25 30.03
C GLN C 8 11.43 30.23 28.92
N MET C 9 11.01 30.51 27.67
CA MET C 9 11.91 30.54 26.53
C MET C 9 12.38 31.98 26.28
N THR C 10 13.68 32.18 26.39
CA THR C 10 14.31 33.47 26.14
C THR C 10 15.09 33.39 24.85
N GLN C 11 14.71 34.24 23.90
CA GLN C 11 15.46 34.43 22.68
C GLN C 11 16.44 35.59 22.89
N SER C 12 17.70 35.40 22.49
CA SER C 12 18.62 36.52 22.36
C SER C 12 18.71 36.88 20.88
N PRO C 13 19.41 38.00 20.56
CA PRO C 13 18.74 39.27 20.36
C PRO C 13 17.22 39.14 20.16
N SER C 14 16.47 40.01 20.84
CA SER C 14 15.05 40.15 20.53
C SER C 14 14.90 40.82 19.16
N SER C 15 15.71 41.86 18.93
CA SER C 15 15.78 42.54 17.64
C SER C 15 17.24 42.70 17.23
N LEU C 16 17.51 42.45 15.93
CA LEU C 16 18.86 42.55 15.43
C LEU C 16 18.80 43.09 14.00
N SER C 17 19.98 43.39 13.43
CA SER C 17 20.10 43.95 12.10
C SER C 17 21.00 43.07 11.22
N ALA C 18 20.53 42.72 10.02
CA ALA C 18 21.28 41.79 9.18
C ALA C 18 21.15 42.17 7.70
N SER C 19 22.30 42.33 7.03
CA SER C 19 22.32 42.55 5.60
C SER C 19 22.16 41.22 4.89
N VAL C 20 21.66 41.26 3.64
CA VAL C 20 21.49 40.03 2.87
C VAL C 20 22.83 39.31 2.82
N GLY C 21 22.81 37.98 2.64
CA GLY C 21 24.02 37.21 2.42
C GLY C 21 24.84 36.99 3.70
N ASP C 22 24.46 37.68 4.80
CA ASP C 22 25.04 37.41 6.11
C ASP C 22 24.63 36.01 6.56
N ARG C 23 25.34 35.49 7.57
CA ARG C 23 24.81 34.41 8.38
C ARG C 23 24.01 35.05 9.51
N VAL C 24 22.86 34.44 9.84
CA VAL C 24 22.07 34.88 10.99
C VAL C 24 21.82 33.66 11.87
N THR C 25 22.22 33.81 13.13
CA THR C 25 22.10 32.77 14.14
C THR C 25 21.26 33.33 15.29
N ILE C 26 20.07 32.77 15.47
CA ILE C 26 19.16 33.21 16.53
C ILE C 26 19.23 32.21 17.66
N THR C 27 19.45 32.71 18.88
CA THR C 27 19.56 31.89 20.07
C THR C 27 18.20 31.83 20.76
N CYS C 28 18.01 30.76 21.54
CA CYS C 28 16.79 30.51 22.29
C CYS C 28 17.11 29.63 23.48
N ARG C 29 16.94 30.16 24.69
CA ARG C 29 17.29 29.42 25.88
C ARG C 29 16.03 29.00 26.63
N ALA C 30 15.95 27.72 27.01
CA ALA C 30 14.90 27.23 27.89
C ALA C 30 15.27 27.45 29.35
N SER C 31 14.26 27.61 30.20
CA SER C 31 14.48 27.82 31.62
C SER C 31 14.89 26.52 32.29
N GLN C 32 14.50 25.39 31.69
CA GLN C 32 14.93 24.10 32.17
C GLN C 32 15.31 23.25 30.95
N SER C 33 16.01 22.14 31.22
CA SER C 33 16.37 21.19 30.20
C SER C 33 15.09 20.67 29.54
N ILE C 34 15.11 20.60 28.19
CA ILE C 34 13.94 20.27 27.39
C ILE C 34 14.29 19.29 26.26
N SER C 35 15.44 18.61 26.35
CA SER C 35 15.86 17.68 25.31
C SER C 35 16.10 18.42 23.99
N THR C 36 15.57 17.87 22.90
CA THR C 36 15.60 18.53 21.60
C THR C 36 14.16 18.82 21.15
N PHE C 37 13.29 19.05 22.14
CA PHE C 37 11.88 19.33 21.91
C PHE C 37 11.69 20.85 21.83
N LEU C 38 11.90 21.39 20.63
CA LEU C 38 12.00 22.82 20.43
C LEU C 38 11.87 23.07 18.93
N ASN C 39 10.78 23.73 18.52
CA ASN C 39 10.51 23.99 17.12
C ASN C 39 10.79 25.46 16.81
N TRP C 40 11.06 25.75 15.53
CA TRP C 40 11.34 27.10 15.05
C TRP C 40 10.30 27.55 14.02
N TYR C 41 9.85 28.81 14.16
CA TYR C 41 8.83 29.38 13.29
C TYR C 41 9.35 30.68 12.68
N GLN C 42 9.06 30.85 11.38
CA GLN C 42 9.16 32.13 10.68
C GLN C 42 7.77 32.77 10.71
N GLN C 43 7.73 34.11 10.78
CA GLN C 43 6.49 34.84 10.60
C GLN C 43 6.79 36.18 9.91
N LYS C 44 6.38 36.29 8.64
CA LYS C 44 6.49 37.52 7.88
C LYS C 44 5.44 38.51 8.38
N PRO C 45 5.77 39.82 8.42
CA PRO C 45 4.86 40.84 8.94
C PRO C 45 3.43 40.66 8.42
N GLY C 46 2.50 40.43 9.35
CA GLY C 46 1.12 40.17 8.99
C GLY C 46 0.99 38.94 8.10
N ARG C 47 1.45 37.80 8.63
CA ARG C 47 1.23 36.49 8.02
C ARG C 47 1.10 35.46 9.13
N ALA C 48 0.60 34.27 8.77
CA ALA C 48 0.59 33.11 9.67
C ALA C 48 2.03 32.62 9.86
N PRO C 49 2.44 32.16 11.07
CA PRO C 49 3.76 31.58 11.26
C PRO C 49 3.99 30.39 10.34
N ARG C 50 5.22 30.26 9.84
CA ARG C 50 5.62 29.16 8.99
C ARG C 50 6.51 28.25 9.82
N LEU C 51 6.26 26.93 9.76
CA LEU C 51 7.09 25.99 10.48
C LEU C 51 8.33 25.72 9.62
N LEU C 52 9.49 25.99 10.22
CA LEU C 52 10.79 25.79 9.59
C LEU C 52 11.39 24.49 10.10
N ILE C 53 11.75 24.52 11.39
CA ILE C 53 12.51 23.48 12.04
C ILE C 53 11.68 22.96 13.20
N TYR C 54 11.41 21.65 13.19
CA TYR C 54 10.85 20.98 14.35
C TYR C 54 11.94 20.16 15.04
N ASP C 55 11.68 19.80 16.31
CA ASP C 55 12.54 18.89 17.05
C ASP C 55 13.98 19.37 16.96
N ALA C 56 14.17 20.70 17.14
CA ALA C 56 15.46 21.33 17.39
C ALA C 56 16.38 21.38 16.17
N SER C 57 16.24 20.46 15.19
CA SER C 57 17.18 20.44 14.06
C SER C 57 16.74 19.54 12.90
N THR C 58 15.47 19.18 12.79
CA THR C 58 14.97 18.58 11.56
C THR C 58 14.26 19.70 10.80
N LEU C 59 14.23 19.63 9.46
CA LEU C 59 13.72 20.73 8.65
C LEU C 59 12.40 20.33 7.97
N GLN C 60 11.39 21.19 8.12
CA GLN C 60 10.04 20.89 7.66
C GLN C 60 10.06 20.79 6.14
N SER C 61 9.43 19.75 5.59
CA SER C 61 9.45 19.55 4.15
C SER C 61 9.24 20.89 3.43
N GLY C 62 10.03 21.13 2.38
CA GLY C 62 9.78 22.21 1.44
C GLY C 62 10.49 23.51 1.84
N VAL C 63 11.04 23.56 3.06
CA VAL C 63 11.67 24.76 3.58
C VAL C 63 13.07 24.93 3.00
N PRO C 64 13.48 26.14 2.54
CA PRO C 64 14.85 26.39 2.08
C PRO C 64 15.90 25.92 3.09
N SER C 65 16.96 25.31 2.56
CA SER C 65 17.89 24.51 3.33
C SER C 65 18.99 25.37 3.95
N ARG C 66 18.83 26.70 3.92
CA ARG C 66 19.75 27.61 4.58
C ARG C 66 19.40 27.68 6.06
N PHE C 67 18.13 27.41 6.39
CA PHE C 67 17.70 27.36 7.77
C PHE C 67 18.14 26.03 8.36
N SER C 68 18.87 26.10 9.48
CA SER C 68 19.43 24.93 10.12
C SER C 68 19.34 25.08 11.63
N GLY C 69 18.57 24.18 12.25
CA GLY C 69 18.38 24.18 13.68
C GLY C 69 19.52 23.43 14.38
N SER C 70 19.78 23.81 15.63
CA SER C 70 20.85 23.18 16.40
C SER C 70 20.64 23.45 17.88
N GLY C 71 21.52 22.85 18.70
CA GLY C 71 21.52 23.03 20.15
C GLY C 71 20.81 21.88 20.85
N SER C 72 20.98 21.82 22.18
CA SER C 72 20.28 20.82 22.99
C SER C 72 20.23 21.28 24.44
N GLY C 73 19.19 20.83 25.15
CA GLY C 73 19.06 21.01 26.59
C GLY C 73 18.42 22.35 26.96
N THR C 74 19.24 23.41 27.01
CA THR C 74 18.73 24.73 27.32
C THR C 74 18.94 25.65 26.12
N ASP C 75 20.13 25.57 25.53
CA ASP C 75 20.49 26.46 24.44
C ASP C 75 20.16 25.81 23.11
N PHE C 76 19.43 26.56 22.26
CA PHE C 76 19.10 26.17 20.90
C PHE C 76 19.54 27.28 19.98
N THR C 77 19.83 26.93 18.72
CA THR C 77 20.23 27.92 17.74
C THR C 77 19.51 27.65 16.42
N LEU C 78 18.99 28.75 15.82
CA LEU C 78 18.52 28.75 14.45
C LEU C 78 19.53 29.52 13.63
N THR C 79 19.96 28.91 12.52
CA THR C 79 21.02 29.46 11.69
C THR C 79 20.55 29.51 10.24
N VAL C 80 20.48 30.74 9.71
CA VAL C 80 20.32 30.96 8.29
C VAL C 80 21.72 31.11 7.69
N SER C 81 22.06 30.21 6.75
CA SER C 81 23.36 30.22 6.11
C SER C 81 23.58 31.58 5.45
N SER C 82 22.89 31.81 4.32
CA SER C 82 22.93 33.07 3.60
C SER C 82 21.57 33.76 3.65
N LEU C 83 21.45 34.74 4.56
CA LEU C 83 20.17 35.41 4.74
C LEU C 83 19.73 35.98 3.40
N GLN C 84 18.43 35.87 3.12
CA GLN C 84 17.89 36.34 1.85
C GLN C 84 16.92 37.49 2.08
N PRO C 85 16.59 38.25 1.02
CA PRO C 85 15.44 39.17 1.06
C PRO C 85 14.21 38.54 1.72
N GLU C 86 13.82 37.37 1.21
CA GLU C 86 12.53 36.78 1.53
C GLU C 86 12.52 36.22 2.96
N ASP C 87 13.49 36.61 3.78
CA ASP C 87 13.66 36.02 5.10
C ASP C 87 13.56 37.07 6.19
N PHE C 88 13.06 38.26 5.84
CA PHE C 88 13.23 39.45 6.67
C PHE C 88 12.22 39.48 7.82
N ALA C 89 12.03 38.36 8.52
CA ALA C 89 10.82 38.17 9.31
C ALA C 89 11.09 38.40 10.79
N THR C 90 10.06 38.15 11.62
CA THR C 90 10.22 37.83 13.02
C THR C 90 10.22 36.31 13.17
N TYR C 91 11.22 35.76 13.86
CA TYR C 91 11.30 34.32 14.06
C TYR C 91 10.96 33.97 15.51
N TYR C 92 10.28 32.83 15.67
CA TYR C 92 9.86 32.33 16.97
C TYR C 92 10.37 30.91 17.16
N CYS C 93 10.85 30.61 18.38
CA CYS C 93 11.17 29.28 18.88
C CYS C 93 10.13 28.82 19.90
N GLN C 94 9.77 27.53 19.89
CA GLN C 94 8.67 27.01 20.69
C GLN C 94 9.11 25.73 21.38
N GLN C 95 9.03 25.67 22.71
CA GLN C 95 9.35 24.44 23.40
C GLN C 95 8.10 23.56 23.46
N THR C 96 8.25 22.24 23.21
CA THR C 96 7.10 21.34 23.23
C THR C 96 7.32 20.26 24.28
N TYR C 97 8.30 20.46 25.16
CA TYR C 97 8.77 19.43 26.07
C TYR C 97 7.74 19.10 27.16
N ASN C 98 6.78 20.01 27.35
CA ASN C 98 5.84 19.96 28.46
C ASN C 98 4.57 20.69 28.01
N ILE C 99 3.42 20.02 28.09
CA ILE C 99 2.34 20.27 27.15
C ILE C 99 1.21 21.14 27.73
N PRO C 100 1.52 22.29 28.40
CA PRO C 100 1.13 23.61 27.91
C PRO C 100 2.35 24.22 27.20
N LEU C 101 2.38 24.06 25.86
CA LEU C 101 3.47 24.48 24.98
C LEU C 101 3.75 25.96 25.21
N TYR C 102 4.91 26.31 25.79
CA TYR C 102 5.12 27.63 26.36
C TYR C 102 5.43 28.63 25.24
N THR C 103 5.00 29.88 25.51
CA THR C 103 4.63 30.87 24.50
C THR C 103 5.87 31.35 23.76
N PHE C 104 6.65 30.38 23.25
CA PHE C 104 7.43 30.54 22.05
C PHE C 104 8.61 31.53 22.20
N GLY C 105 8.82 32.13 23.36
CA GLY C 105 9.79 33.21 23.44
C GLY C 105 9.42 34.39 22.53
N GLN C 106 9.86 35.59 22.93
CA GLN C 106 9.33 36.81 22.36
C GLN C 106 9.41 36.77 20.84
N GLY C 107 10.40 36.06 20.29
CA GLY C 107 10.62 36.04 18.84
C GLY C 107 11.62 37.12 18.48
N THR C 108 12.24 37.00 17.30
CA THR C 108 13.36 37.87 16.98
C THR C 108 13.12 38.60 15.67
N LYS C 109 13.53 39.87 15.63
CA LYS C 109 13.36 40.76 14.49
C LYS C 109 14.63 40.79 13.63
N VAL C 110 14.45 40.71 12.31
CA VAL C 110 15.52 40.62 11.32
C VAL C 110 15.42 41.78 10.32
N ASP C 111 16.07 42.93 10.62
CA ASP C 111 15.97 44.09 9.74
C ASP C 111 16.75 43.85 8.45
N ILE C 112 17.15 44.98 7.82
CA ILE C 112 18.34 45.08 6.99
C ILE C 112 19.47 45.58 7.89
N ARG C 113 20.33 46.50 7.45
CA ARG C 113 21.37 47.03 8.31
C ARG C 113 21.98 48.27 7.65
N ARG C 114 23.28 48.49 7.89
CA ARG C 114 24.03 49.64 7.42
C ARG C 114 23.14 50.88 7.32
N THR C 115 23.20 51.73 8.36
CA THR C 115 22.50 53.01 8.32
C THR C 115 23.06 53.92 9.40
N VAL C 116 22.97 53.48 10.65
CA VAL C 116 23.15 54.32 11.82
C VAL C 116 22.67 55.73 11.46
N ALA C 117 21.42 55.84 11.01
CA ALA C 117 20.86 57.13 10.62
C ALA C 117 20.16 57.79 11.82
N ALA C 118 20.42 59.09 12.02
CA ALA C 118 19.88 59.81 13.16
C ALA C 118 18.48 60.35 12.84
N PRO C 119 17.58 60.51 13.83
CA PRO C 119 16.19 60.89 13.55
C PRO C 119 16.09 62.40 13.41
N SER C 120 15.38 62.86 12.37
CA SER C 120 15.03 64.26 12.25
C SER C 120 13.83 64.52 13.16
N VAL C 121 14.03 65.34 14.19
CA VAL C 121 13.04 65.54 15.22
C VAL C 121 12.21 66.77 14.87
N PHE C 122 10.88 66.61 14.85
CA PHE C 122 9.97 67.70 14.59
C PHE C 122 8.83 67.64 15.61
N ILE C 123 8.66 68.72 16.40
CA ILE C 123 7.60 68.75 17.39
C ILE C 123 6.42 69.54 16.84
N PHE C 124 5.23 69.00 17.12
CA PHE C 124 3.96 69.61 16.76
C PHE C 124 3.20 69.96 18.04
N PRO C 125 2.64 71.18 18.16
CA PRO C 125 1.77 71.50 19.28
C PRO C 125 0.35 70.97 19.04
N PRO C 126 -0.55 71.04 20.04
CA PRO C 126 -1.92 70.56 19.88
C PRO C 126 -2.76 71.60 19.14
N SER C 127 -3.57 71.13 18.18
CA SER C 127 -4.33 71.99 17.28
C SER C 127 -5.24 72.96 18.03
N ASP C 128 -5.34 74.17 17.46
CA ASP C 128 -6.33 75.15 17.84
C ASP C 128 -7.64 74.44 18.17
N GLU C 129 -8.18 73.71 17.17
CA GLU C 129 -9.55 73.24 17.19
C GLU C 129 -9.70 72.05 18.13
N GLN C 130 -8.61 71.31 18.41
CA GLN C 130 -8.65 70.20 19.36
C GLN C 130 -8.88 70.72 20.78
N LEU C 131 -8.21 71.84 21.13
CA LEU C 131 -8.15 72.33 22.50
C LEU C 131 -9.50 72.85 22.99
N LYS C 132 -10.23 73.56 22.13
CA LYS C 132 -11.59 73.97 22.45
C LYS C 132 -12.42 72.75 22.84
N SER C 133 -12.11 71.59 22.23
CA SER C 133 -12.76 70.31 22.53
C SER C 133 -12.31 69.78 23.89
N GLY C 134 -11.15 70.23 24.39
CA GLY C 134 -10.71 69.85 25.72
C GLY C 134 -9.84 68.59 25.72
N THR C 135 -8.97 68.48 24.70
CA THR C 135 -7.86 67.53 24.65
C THR C 135 -6.61 68.29 24.22
N ALA C 136 -5.43 67.71 24.45
CA ALA C 136 -4.16 68.30 24.01
C ALA C 136 -3.12 67.20 23.78
N SER C 137 -2.89 66.85 22.52
CA SER C 137 -2.25 65.57 22.21
C SER C 137 -0.78 65.71 21.78
N VAL C 138 -0.17 66.90 21.88
CA VAL C 138 1.23 67.15 21.57
C VAL C 138 1.93 65.94 20.95
N VAL C 139 2.21 66.06 19.64
CA VAL C 139 2.77 64.95 18.89
C VAL C 139 4.22 65.26 18.59
N CYS C 140 5.02 64.20 18.42
CA CYS C 140 6.40 64.33 17.98
C CYS C 140 6.73 63.28 16.92
N LEU C 141 7.70 63.64 16.08
CA LEU C 141 8.09 62.80 14.96
C LEU C 141 9.61 62.62 14.99
N LEU C 142 10.03 61.38 15.26
CA LEU C 142 11.34 60.91 14.86
C LEU C 142 11.22 60.44 13.41
N ASN C 143 11.74 61.20 12.46
CA ASN C 143 11.57 60.83 11.07
C ASN C 143 12.80 60.05 10.59
N ASN C 144 12.55 59.04 9.74
CA ASN C 144 13.54 58.24 9.03
C ASN C 144 14.84 58.10 9.83
N PHE C 145 14.92 57.08 10.69
CA PHE C 145 16.11 56.82 11.51
C PHE C 145 16.42 55.32 11.51
N TYR C 146 17.51 54.92 12.18
CA TYR C 146 17.95 53.54 12.27
C TYR C 146 19.07 53.39 13.30
N PRO C 147 19.15 52.29 14.08
CA PRO C 147 18.18 51.21 14.03
C PRO C 147 16.95 51.49 14.91
N ARG C 148 15.92 50.65 14.73
CA ARG C 148 14.60 50.83 15.32
C ARG C 148 14.70 51.21 16.79
N GLU C 149 15.54 50.48 17.54
CA GLU C 149 15.76 50.79 18.94
C GLU C 149 15.89 52.31 19.10
N ALA C 150 14.95 52.90 19.85
CA ALA C 150 15.05 54.30 20.20
C ALA C 150 14.20 54.58 21.44
N LYS C 151 14.51 55.73 22.07
CA LYS C 151 13.94 56.09 23.36
C LYS C 151 13.51 57.56 23.33
N VAL C 152 12.22 57.80 23.62
CA VAL C 152 11.65 59.13 23.58
C VAL C 152 10.78 59.31 24.82
N GLN C 153 10.96 60.47 25.45
CA GLN C 153 10.35 60.79 26.72
C GLN C 153 9.79 62.20 26.59
N TRP C 154 8.75 62.48 27.38
CA TRP C 154 8.10 63.77 27.38
C TRP C 154 8.46 64.52 28.65
N LYS C 155 8.71 65.83 28.51
CA LYS C 155 9.04 66.66 29.66
C LYS C 155 8.28 67.98 29.55
N VAL C 156 7.34 68.16 30.48
CA VAL C 156 6.64 69.42 30.63
C VAL C 156 7.28 70.14 31.81
N ASP C 157 7.72 71.39 31.60
CA ASP C 157 8.29 72.20 32.67
C ASP C 157 9.21 71.37 33.57
N ASN C 158 10.15 70.64 32.95
CA ASN C 158 11.10 69.79 33.68
C ASN C 158 10.34 68.87 34.64
N ALA C 159 9.33 68.20 34.11
CA ALA C 159 8.67 67.11 34.81
C ALA C 159 8.58 65.93 33.84
N LEU C 160 8.93 64.75 34.35
CA LEU C 160 9.41 63.66 33.52
C LEU C 160 8.26 63.04 32.73
N GLN C 161 7.05 62.99 33.32
CA GLN C 161 5.86 62.41 32.70
C GLN C 161 6.02 60.89 32.54
N SER C 162 4.89 60.19 32.42
CA SER C 162 4.88 58.77 32.11
C SER C 162 3.45 58.35 31.82
N GLY C 163 3.24 57.50 30.80
CA GLY C 163 2.03 56.71 30.71
C GLY C 163 0.94 57.38 29.86
N ASN C 164 0.64 58.66 30.13
CA ASN C 164 -0.27 59.45 29.32
C ASN C 164 0.40 59.83 27.99
N SER C 165 1.07 58.84 27.41
CA SER C 165 1.70 58.93 26.11
C SER C 165 1.71 57.53 25.51
N GLN C 166 1.40 57.45 24.22
CA GLN C 166 1.37 56.18 23.50
C GLN C 166 2.09 56.43 22.19
N GLU C 167 2.99 55.52 21.81
CA GLU C 167 3.88 55.76 20.68
C GLU C 167 3.50 54.80 19.55
N SER C 168 3.64 55.28 18.30
CA SER C 168 3.55 54.43 17.12
C SER C 168 4.86 54.52 16.34
N VAL C 169 5.13 53.51 15.51
CA VAL C 169 6.33 53.46 14.70
C VAL C 169 5.98 52.79 13.37
N THR C 170 6.59 53.25 12.28
CA THR C 170 6.29 52.70 10.98
C THR C 170 6.96 51.33 10.85
N GLU C 171 6.67 50.67 9.73
CA GLU C 171 7.43 49.49 9.32
C GLU C 171 8.66 49.99 8.55
N GLN C 172 9.70 49.16 8.51
CA GLN C 172 10.88 49.49 7.74
C GLN C 172 10.46 49.80 6.32
N ASP C 173 10.98 50.92 5.78
CA ASP C 173 10.75 51.29 4.39
C ASP C 173 11.46 50.27 3.50
N SER C 174 10.76 49.70 2.51
CA SER C 174 11.34 48.68 1.64
C SER C 174 12.55 49.22 0.87
N LYS C 175 12.46 50.50 0.49
CA LYS C 175 13.62 51.24 0.00
C LYS C 175 14.07 52.09 1.18
N ASP C 176 15.24 52.70 1.11
CA ASP C 176 15.65 53.64 2.14
C ASP C 176 15.85 52.90 3.47
N SER C 177 14.89 52.05 3.87
CA SER C 177 15.04 51.09 4.97
C SER C 177 15.13 51.79 6.32
N THR C 178 14.29 52.82 6.52
CA THR C 178 14.29 53.55 7.78
C THR C 178 12.91 53.43 8.44
N TYR C 179 12.96 53.51 9.77
CA TYR C 179 11.77 53.56 10.61
C TYR C 179 11.57 55.01 11.01
N SER C 180 10.30 55.46 10.96
CA SER C 180 9.89 56.68 11.60
C SER C 180 9.00 56.35 12.79
N LEU C 181 8.93 57.30 13.74
CA LEU C 181 8.23 57.09 14.99
C LEU C 181 7.44 58.35 15.35
N SER C 182 6.28 58.13 15.98
CA SER C 182 5.46 59.21 16.52
C SER C 182 5.11 58.92 17.97
N SER C 183 5.25 59.93 18.82
CA SER C 183 4.77 59.85 20.18
C SER C 183 3.79 60.98 20.46
N THR C 184 2.70 60.64 21.16
CA THR C 184 1.59 61.55 21.39
C THR C 184 1.33 61.63 22.88
N LEU C 185 1.35 62.84 23.42
CA LEU C 185 1.07 63.07 24.83
C LEU C 185 -0.34 63.63 24.95
N THR C 186 -1.24 62.86 25.55
CA THR C 186 -2.64 63.27 25.70
C THR C 186 -2.84 63.89 27.08
N LEU C 187 -3.40 65.11 27.08
CA LEU C 187 -3.69 65.87 28.29
C LEU C 187 -5.08 66.51 28.19
N SER C 188 -5.55 67.06 29.31
CA SER C 188 -6.96 67.37 29.53
C SER C 188 -7.34 68.82 29.19
N LYS C 189 -6.41 69.62 28.65
CA LYS C 189 -6.64 71.04 28.39
C LYS C 189 -6.65 71.82 29.69
N ALA C 190 -7.29 71.29 30.75
CA ALA C 190 -7.08 71.78 32.12
C ALA C 190 -5.62 71.55 32.53
N ASP C 191 -5.11 70.35 32.22
CA ASP C 191 -3.70 70.02 32.36
C ASP C 191 -2.85 70.94 31.49
N TYR C 192 -3.17 71.04 30.20
CA TYR C 192 -2.31 71.69 29.23
C TYR C 192 -2.25 73.19 29.46
N GLU C 193 -3.30 73.78 30.07
CA GLU C 193 -3.35 75.20 30.35
C GLU C 193 -2.90 75.49 31.79
N LYS C 194 -2.10 74.58 32.37
CA LYS C 194 -1.48 74.77 33.67
C LYS C 194 0.04 74.89 33.54
N HIS C 195 0.61 74.56 32.37
CA HIS C 195 2.05 74.46 32.19
C HIS C 195 2.47 75.24 30.95
N LYS C 196 3.79 75.36 30.73
CA LYS C 196 4.35 76.23 29.72
C LYS C 196 5.27 75.45 28.77
N VAL C 197 6.39 74.90 29.28
CA VAL C 197 7.42 74.33 28.43
C VAL C 197 7.11 72.86 28.16
N TYR C 198 6.89 72.54 26.87
CA TYR C 198 6.50 71.20 26.42
C TYR C 198 7.62 70.60 25.57
N ALA C 199 8.35 69.63 26.12
CA ALA C 199 9.59 69.18 25.54
C ALA C 199 9.49 67.71 25.14
N CYS C 200 10.16 67.39 24.02
CA CYS C 200 10.18 66.07 23.42
C CYS C 200 11.61 65.53 23.37
N GLU C 201 12.03 64.86 24.45
CA GLU C 201 13.43 64.47 24.62
C GLU C 201 13.63 63.14 23.90
N VAL C 202 14.68 63.05 23.07
CA VAL C 202 14.88 61.87 22.22
C VAL C 202 16.35 61.42 22.22
N THR C 203 16.56 60.16 22.63
CA THR C 203 17.85 59.49 22.63
C THR C 203 17.85 58.50 21.47
N HIS C 204 19.02 58.29 20.85
CA HIS C 204 19.15 57.27 19.81
C HIS C 204 20.61 57.07 19.42
N GLN C 205 20.93 55.83 18.99
CA GLN C 205 22.23 55.44 18.50
C GLN C 205 22.57 56.22 17.22
N GLY C 206 22.94 57.48 17.38
CA GLY C 206 23.00 58.42 16.27
C GLY C 206 22.88 59.86 16.76
N LEU C 207 22.43 60.05 18.01
CA LEU C 207 22.40 61.35 18.66
C LEU C 207 23.38 61.34 19.83
N SER C 208 24.63 61.74 19.57
CA SER C 208 25.60 61.94 20.63
C SER C 208 25.13 63.09 21.52
N SER C 209 24.30 62.71 22.51
CA SER C 209 23.59 63.64 23.39
C SER C 209 22.08 63.54 23.13
N PRO C 210 21.25 63.90 24.14
CA PRO C 210 19.81 63.95 23.95
C PRO C 210 19.39 65.12 23.06
N VAL C 211 18.73 64.82 21.93
CA VAL C 211 18.01 65.85 21.19
C VAL C 211 16.68 66.13 21.88
N THR C 212 16.36 67.41 22.02
CA THR C 212 15.14 67.84 22.70
C THR C 212 14.49 68.92 21.84
N LYS C 213 13.26 68.66 21.37
CA LYS C 213 12.47 69.64 20.64
C LYS C 213 11.35 70.11 21.58
N SER C 214 11.21 71.44 21.71
CA SER C 214 10.44 72.01 22.80
C SER C 214 9.96 73.41 22.42
N PHE C 215 8.65 73.65 22.63
CA PHE C 215 8.06 74.96 22.44
C PHE C 215 7.54 75.43 23.80
N ASN C 216 7.30 76.75 23.91
CA ASN C 216 6.53 77.29 25.03
C ASN C 216 5.09 77.48 24.56
N ARG C 217 4.14 77.43 25.50
CA ARG C 217 2.72 77.58 25.19
C ARG C 217 2.43 78.97 24.64
N GLY C 218 3.32 79.95 24.90
CA GLY C 218 3.32 81.20 24.17
C GLY C 218 3.15 80.95 22.67
N GLU C 219 3.86 79.92 22.16
CA GLU C 219 3.71 79.43 20.79
C GLU C 219 3.99 80.56 19.82
N CYS C 220 2.97 81.37 19.50
CA CYS C 220 3.11 82.67 18.84
C CYS C 220 3.42 82.47 17.33
N PHE D 10 -18.52 -21.36 -8.31
CA PHE D 10 -19.78 -21.10 -7.57
C PHE D 10 -19.55 -20.05 -6.49
N LYS D 11 -20.59 -19.81 -5.68
CA LYS D 11 -20.55 -18.87 -4.57
C LYS D 11 -21.27 -19.48 -3.36
N GLU D 12 -20.58 -19.55 -2.22
CA GLU D 12 -21.03 -20.25 -1.02
C GLU D 12 -21.54 -19.27 0.03
N LEU D 13 -20.69 -18.29 0.39
CA LEU D 13 -20.99 -17.30 1.42
C LEU D 13 -21.38 -17.99 2.73
N SER D 14 -21.80 -17.18 3.71
CA SER D 14 -21.94 -17.62 5.08
C SER D 14 -20.56 -17.87 5.68
N ASN D 15 -19.70 -16.84 5.61
CA ASN D 15 -18.43 -16.79 6.32
C ASN D 15 -18.56 -15.84 7.52
N TYR D 16 -18.77 -14.54 7.21
CA TYR D 16 -18.39 -13.45 8.09
C TYR D 16 -19.60 -12.62 8.53
N ASN D 17 -19.29 -11.54 9.25
CA ASN D 17 -20.26 -10.76 10.01
C ASN D 17 -21.41 -10.30 9.12
N ILE D 18 -22.62 -10.79 9.44
CA ILE D 18 -23.82 -10.37 8.74
C ILE D 18 -24.28 -8.99 9.24
N ALA D 19 -23.75 -8.51 10.37
CA ALA D 19 -24.20 -7.26 10.99
C ALA D 19 -23.75 -6.02 10.21
N ASN D 20 -22.52 -6.04 9.72
CA ASN D 20 -21.96 -4.95 8.92
C ASN D 20 -22.15 -5.25 7.43
N SER D 21 -23.11 -6.11 7.11
CA SER D 21 -23.51 -6.39 5.73
C SER D 21 -25.02 -6.25 5.62
N ILE D 22 -25.51 -5.19 6.26
CA ILE D 22 -26.92 -4.80 6.27
C ILE D 22 -27.02 -3.32 5.93
N ASP D 23 -28.14 -2.88 5.34
CA ASP D 23 -28.36 -1.46 5.12
C ASP D 23 -29.84 -1.15 5.30
N ILE D 24 -30.14 -0.01 5.93
CA ILE D 24 -31.49 0.44 6.27
C ILE D 24 -31.80 1.67 5.42
N LEU D 25 -32.88 1.65 4.64
CA LEU D 25 -33.07 2.66 3.62
C LEU D 25 -34.53 3.15 3.54
N GLN D 26 -34.72 4.47 3.73
CA GLN D 26 -36.02 5.13 3.77
C GLN D 26 -36.24 5.89 2.46
N GLU D 27 -36.69 5.16 1.42
CA GLU D 27 -36.88 5.72 0.09
C GLU D 27 -37.73 6.99 0.20
N LYS D 28 -38.96 6.84 0.70
CA LYS D 28 -39.91 7.94 0.85
C LYS D 28 -40.07 8.23 2.35
N GLU D 29 -40.98 9.14 2.69
CA GLU D 29 -41.26 9.59 4.05
C GLU D 29 -41.53 8.43 5.03
N GLY D 30 -42.42 7.51 4.66
CA GLY D 30 -42.87 6.47 5.57
C GLY D 30 -42.50 5.05 5.11
N HIS D 31 -41.61 4.94 4.10
CA HIS D 31 -41.36 3.67 3.41
C HIS D 31 -39.92 3.18 3.62
N LEU D 32 -39.64 2.71 4.85
CA LEU D 32 -38.32 2.24 5.26
C LEU D 32 -38.18 0.73 5.04
N ASP D 33 -36.98 0.28 4.65
CA ASP D 33 -36.69 -1.12 4.39
C ASP D 33 -35.20 -1.39 4.61
N PHE D 34 -34.80 -2.67 4.57
CA PHE D 34 -33.40 -3.05 4.76
C PHE D 34 -32.96 -3.91 3.59
N VAL D 35 -31.65 -4.18 3.52
CA VAL D 35 -31.06 -5.02 2.49
C VAL D 35 -29.85 -5.72 3.11
N ILE D 36 -29.77 -7.05 2.88
CA ILE D 36 -28.68 -7.92 3.30
C ILE D 36 -27.77 -8.16 2.10
N ILE D 37 -26.68 -7.39 2.00
CA ILE D 37 -25.89 -7.35 0.78
C ILE D 37 -25.65 -8.77 0.31
N PRO D 38 -24.90 -9.62 1.05
CA PRO D 38 -24.39 -10.88 0.53
C PRO D 38 -25.50 -11.76 -0.04
N HIS D 39 -26.65 -11.77 0.64
CA HIS D 39 -27.81 -12.50 0.16
C HIS D 39 -28.15 -12.01 -1.23
N TYR D 40 -28.26 -10.67 -1.37
CA TYR D 40 -28.76 -10.08 -2.59
C TYR D 40 -27.80 -10.38 -3.72
N THR D 41 -26.50 -10.24 -3.43
CA THR D 41 -25.48 -10.71 -4.37
C THR D 41 -25.81 -12.18 -4.68
N PHE D 42 -25.87 -12.98 -3.61
CA PHE D 42 -25.90 -14.43 -3.70
C PHE D 42 -27.07 -14.87 -4.56
N LEU D 43 -28.27 -14.37 -4.24
CA LEU D 43 -29.48 -14.74 -4.96
C LEU D 43 -29.34 -14.32 -6.42
N ASP D 44 -29.01 -13.05 -6.66
CA ASP D 44 -28.82 -12.55 -8.01
C ASP D 44 -27.81 -13.46 -8.73
N TYR D 45 -26.65 -13.69 -8.09
CA TYR D 45 -25.60 -14.53 -8.66
C TYR D 45 -26.23 -15.73 -9.36
N TYR D 46 -27.11 -16.42 -8.63
CA TYR D 46 -27.71 -17.67 -9.08
C TYR D 46 -28.91 -17.41 -9.97
N LYS D 47 -29.38 -16.16 -10.03
CA LYS D 47 -30.46 -15.80 -10.96
C LYS D 47 -29.91 -15.77 -12.38
N HIS D 48 -28.70 -15.20 -12.53
CA HIS D 48 -28.05 -15.13 -13.83
C HIS D 48 -27.70 -16.55 -14.30
N LEU D 49 -27.01 -17.30 -13.42
CA LEU D 49 -26.55 -18.64 -13.73
C LEU D 49 -27.70 -19.43 -14.36
N SER D 50 -28.85 -19.38 -13.68
CA SER D 50 -30.03 -20.13 -14.07
C SER D 50 -30.45 -19.74 -15.48
N TYR D 51 -30.48 -18.44 -15.74
CA TYR D 51 -30.81 -17.97 -17.06
C TYR D 51 -29.77 -18.52 -18.04
N ASN D 52 -28.50 -18.18 -17.79
CA ASN D 52 -27.46 -18.56 -18.73
C ASN D 52 -27.62 -20.04 -19.07
N SER D 53 -27.98 -20.84 -18.05
CA SER D 53 -28.01 -22.30 -18.16
C SER D 53 -28.97 -22.74 -19.26
N ILE D 54 -30.12 -22.04 -19.34
CA ILE D 54 -31.26 -22.42 -20.17
C ILE D 54 -31.12 -21.84 -21.58
N TYR D 55 -30.44 -20.69 -21.69
CA TYR D 55 -30.35 -19.97 -22.96
C TYR D 55 -29.24 -20.50 -23.85
N HIS D 56 -28.33 -21.29 -23.26
CA HIS D 56 -27.20 -21.84 -23.97
C HIS D 56 -27.63 -22.69 -25.18
N LYS D 57 -28.78 -23.39 -25.04
CA LYS D 57 -29.44 -24.01 -26.18
C LYS D 57 -30.78 -23.32 -26.41
N SER D 58 -31.29 -23.45 -27.64
CA SER D 58 -32.64 -23.04 -27.96
C SER D 58 -33.62 -24.15 -27.55
N SER D 59 -33.11 -25.37 -27.42
CA SER D 59 -33.88 -26.49 -26.94
C SER D 59 -34.45 -26.22 -25.54
N THR D 60 -33.92 -25.24 -24.81
CA THR D 60 -34.30 -25.06 -23.41
C THR D 60 -34.45 -23.58 -23.05
N TYR D 61 -34.66 -22.72 -24.05
CA TYR D 61 -34.98 -21.32 -23.81
C TYR D 61 -36.32 -21.26 -23.06
N GLY D 62 -37.20 -22.23 -23.35
CA GLY D 62 -38.55 -22.24 -22.80
C GLY D 62 -38.60 -22.21 -21.28
N LYS D 63 -37.48 -22.47 -20.61
CA LYS D 63 -37.51 -22.57 -19.17
C LYS D 63 -37.72 -21.18 -18.57
N CYS D 64 -37.57 -20.12 -19.38
CA CYS D 64 -37.65 -18.77 -18.87
C CYS D 64 -38.89 -18.61 -17.98
N ILE D 65 -40.02 -19.14 -18.44
CA ILE D 65 -41.30 -19.04 -17.74
C ILE D 65 -41.18 -19.67 -16.36
N ALA D 66 -40.67 -20.91 -16.34
CA ALA D 66 -40.55 -21.69 -15.13
C ALA D 66 -39.58 -21.00 -14.17
N VAL D 67 -38.50 -20.43 -14.72
CA VAL D 67 -37.48 -19.79 -13.92
C VAL D 67 -38.03 -18.47 -13.37
N ASP D 68 -38.59 -17.65 -14.26
CA ASP D 68 -39.27 -16.45 -13.79
C ASP D 68 -40.16 -16.88 -12.62
N ALA D 69 -40.91 -17.99 -12.81
CA ALA D 69 -41.79 -18.54 -11.79
C ALA D 69 -41.06 -18.74 -10.47
N PHE D 70 -39.99 -19.53 -10.51
CA PHE D 70 -39.26 -19.91 -9.32
C PHE D 70 -38.66 -18.67 -8.65
N ILE D 71 -38.21 -17.72 -9.47
CA ILE D 71 -37.53 -16.54 -8.96
C ILE D 71 -38.56 -15.56 -8.38
N LYS D 72 -39.71 -15.42 -9.06
CA LYS D 72 -40.84 -14.70 -8.51
C LYS D 72 -41.13 -15.25 -7.11
N LYS D 73 -41.22 -16.58 -7.02
CA LYS D 73 -41.50 -17.24 -5.75
C LYS D 73 -40.38 -16.93 -4.76
N ILE D 74 -39.12 -17.18 -5.15
CA ILE D 74 -37.99 -17.10 -4.24
C ILE D 74 -37.95 -15.75 -3.53
N ASN D 75 -38.34 -14.70 -4.24
CA ASN D 75 -38.39 -13.36 -3.66
C ASN D 75 -39.64 -13.23 -2.78
N GLU D 76 -40.78 -13.76 -3.26
CA GLU D 76 -42.03 -13.79 -2.53
C GLU D 76 -41.86 -14.56 -1.22
N ALA D 77 -41.00 -15.58 -1.27
CA ALA D 77 -40.61 -16.33 -0.08
C ALA D 77 -39.72 -15.47 0.83
N TYR D 78 -38.61 -14.97 0.28
CA TYR D 78 -37.63 -14.21 1.05
C TYR D 78 -38.27 -12.97 1.67
N ASP D 79 -39.12 -12.28 0.90
CA ASP D 79 -39.75 -11.04 1.35
C ASP D 79 -40.64 -11.35 2.55
N LYS D 80 -41.35 -12.49 2.51
CA LYS D 80 -42.25 -12.89 3.59
C LYS D 80 -41.44 -13.13 4.86
N VAL D 81 -40.23 -13.68 4.73
CA VAL D 81 -39.38 -13.97 5.89
C VAL D 81 -38.99 -12.63 6.54
N LYS D 82 -38.39 -11.73 5.75
CA LYS D 82 -37.95 -10.44 6.27
C LYS D 82 -39.15 -9.63 6.77
N SER D 83 -40.36 -10.07 6.43
CA SER D 83 -41.58 -9.50 6.97
C SER D 83 -41.67 -9.72 8.48
N LYS D 84 -41.24 -10.90 8.94
CA LYS D 84 -41.25 -11.25 10.36
C LYS D 84 -40.67 -10.14 11.23
N CYS D 85 -39.90 -9.22 10.63
CA CYS D 85 -39.33 -8.08 11.33
C CYS D 85 -40.07 -6.78 11.00
N ASN D 86 -41.38 -6.86 10.71
CA ASN D 86 -42.15 -5.68 10.33
C ASN D 86 -42.46 -4.83 11.56
N ASP D 87 -43.00 -5.49 12.59
CA ASP D 87 -43.48 -4.79 13.79
C ASP D 87 -42.30 -4.13 14.51
N ILE D 88 -41.09 -4.66 14.28
CA ILE D 88 -39.89 -4.09 14.85
C ILE D 88 -39.33 -3.00 13.93
N LYS D 89 -39.46 -3.19 12.61
CA LYS D 89 -39.04 -2.20 11.63
C LYS D 89 -39.88 -0.93 11.76
N ASN D 90 -41.21 -1.10 11.88
CA ASN D 90 -42.13 0.02 11.94
C ASN D 90 -42.07 0.68 13.33
N ASP D 91 -41.48 -0.02 14.30
CA ASP D 91 -41.13 0.56 15.59
C ASP D 91 -39.98 1.55 15.41
N LEU D 92 -39.08 1.25 14.47
CA LEU D 92 -38.01 2.15 14.10
C LEU D 92 -38.59 3.35 13.34
N ILE D 93 -39.34 3.08 12.26
CA ILE D 93 -39.90 4.12 11.41
C ILE D 93 -40.34 5.31 12.27
N ALA D 94 -41.25 5.05 13.22
CA ALA D 94 -41.88 6.09 14.00
C ALA D 94 -40.89 6.77 14.95
N THR D 95 -39.77 6.09 15.26
CA THR D 95 -38.67 6.68 16.01
C THR D 95 -37.87 7.63 15.11
N ILE D 96 -37.68 7.23 13.85
CA ILE D 96 -37.04 8.09 12.87
C ILE D 96 -37.87 9.35 12.71
N LYS D 97 -39.19 9.19 12.58
CA LYS D 97 -40.13 10.26 12.34
C LYS D 97 -40.04 11.30 13.47
N LYS D 98 -39.66 10.89 14.69
CA LYS D 98 -39.38 11.84 15.75
C LYS D 98 -38.08 12.60 15.48
N LEU D 99 -37.09 11.89 14.93
CA LEU D 99 -35.78 12.46 14.66
C LEU D 99 -35.87 13.44 13.49
N GLU D 100 -36.58 13.02 12.42
CA GLU D 100 -36.68 13.77 11.17
C GLU D 100 -37.83 14.78 11.22
N HIS D 101 -38.66 14.71 12.27
CA HIS D 101 -39.67 15.72 12.53
C HIS D 101 -39.79 15.98 14.04
N PRO D 102 -38.81 16.60 14.73
CA PRO D 102 -39.06 17.15 16.06
C PRO D 102 -39.60 18.58 16.02
N TYR D 103 -40.53 18.85 15.08
CA TYR D 103 -41.04 20.19 14.79
C TYR D 103 -42.51 20.11 14.34
N ALA D 111 -33.57 16.78 25.51
CA ALA D 111 -34.17 15.42 25.37
C ALA D 111 -33.65 14.73 24.10
N PHE D 112 -32.63 15.29 23.44
CA PHE D 112 -32.13 14.72 22.20
C PHE D 112 -31.48 13.36 22.45
N LYS D 113 -30.59 13.28 23.45
CA LYS D 113 -29.94 12.04 23.83
C LYS D 113 -30.97 10.90 23.90
N LYS D 114 -32.18 11.22 24.35
CA LYS D 114 -33.25 10.24 24.51
C LYS D 114 -33.75 9.80 23.13
N MET D 115 -33.91 10.76 22.21
CA MET D 115 -34.38 10.47 20.87
C MET D 115 -33.29 9.76 20.07
N MET D 116 -32.02 9.99 20.45
CA MET D 116 -30.90 9.26 19.88
C MET D 116 -30.91 7.83 20.38
N ASP D 117 -30.82 7.65 21.70
CA ASP D 117 -30.80 6.33 22.31
C ASP D 117 -31.96 5.52 21.74
N GLU D 118 -33.13 6.15 21.57
CA GLU D 118 -34.31 5.48 21.05
C GLU D 118 -34.02 4.95 19.64
N TYR D 119 -33.32 5.75 18.83
CA TYR D 119 -32.99 5.36 17.48
C TYR D 119 -31.98 4.21 17.48
N ASN D 120 -30.95 4.32 18.31
CA ASN D 120 -29.89 3.31 18.35
C ASN D 120 -30.47 1.97 18.81
N THR D 121 -31.32 2.00 19.85
CA THR D 121 -31.93 0.77 20.33
C THR D 121 -32.81 0.19 19.23
N LYS D 122 -33.89 0.90 18.89
CA LYS D 122 -34.88 0.38 17.97
C LYS D 122 -34.20 -0.14 16.70
N LYS D 123 -33.06 0.48 16.34
CA LYS D 123 -32.27 0.05 15.20
C LYS D 123 -31.61 -1.31 15.50
N LYS D 124 -30.90 -1.41 16.62
CA LYS D 124 -30.15 -2.62 16.98
C LYS D 124 -31.09 -3.81 17.16
N LYS D 125 -32.33 -3.57 17.61
CA LYS D 125 -33.31 -4.62 17.75
C LYS D 125 -33.73 -5.13 16.37
N LEU D 126 -33.75 -4.22 15.39
CA LEU D 126 -34.05 -4.55 13.99
C LEU D 126 -32.89 -5.37 13.41
N ILE D 127 -31.65 -4.98 13.72
CA ILE D 127 -30.49 -5.75 13.31
C ILE D 127 -30.62 -7.17 13.88
N LYS D 128 -30.59 -7.26 15.22
CA LYS D 128 -30.65 -8.55 15.91
C LYS D 128 -31.73 -9.41 15.26
N CYS D 129 -32.97 -8.89 15.28
CA CYS D 129 -34.13 -9.61 14.78
C CYS D 129 -33.88 -10.18 13.37
N ILE D 130 -33.09 -9.46 12.55
CA ILE D 130 -32.69 -9.96 11.25
C ILE D 130 -31.72 -11.11 11.45
N LYS D 131 -30.59 -10.79 12.10
CA LYS D 131 -29.55 -11.77 12.35
C LYS D 131 -30.17 -13.05 12.88
N ASN D 132 -31.17 -12.92 13.77
CA ASN D 132 -31.89 -14.06 14.32
C ASN D 132 -32.30 -15.01 13.19
N HIS D 133 -32.86 -14.43 12.11
CA HIS D 133 -33.43 -15.22 11.04
C HIS D 133 -32.37 -15.54 9.99
N GLU D 134 -31.09 -15.50 10.39
CA GLU D 134 -29.97 -15.78 9.51
C GLU D 134 -30.12 -17.16 8.87
N ASN D 135 -30.85 -18.07 9.52
CA ASN D 135 -30.94 -19.44 9.08
C ASN D 135 -32.20 -19.65 8.23
N ASP D 136 -33.29 -18.92 8.52
CA ASP D 136 -34.48 -19.04 7.67
C ASP D 136 -34.28 -18.30 6.35
N PHE D 137 -33.32 -17.36 6.28
CA PHE D 137 -32.93 -16.77 5.01
C PHE D 137 -32.14 -17.77 4.20
N ASN D 138 -31.11 -18.37 4.82
CA ASN D 138 -30.22 -19.31 4.16
C ASN D 138 -31.00 -20.40 3.41
N LYS D 139 -32.14 -20.86 3.96
CA LYS D 139 -32.96 -21.91 3.36
C LYS D 139 -33.53 -21.43 2.02
N ILE D 140 -33.90 -20.14 1.96
CA ILE D 140 -34.39 -19.53 0.73
C ILE D 140 -33.24 -19.46 -0.26
N CYS D 141 -32.09 -18.96 0.22
CA CYS D 141 -30.90 -18.77 -0.58
C CYS D 141 -30.33 -20.10 -1.07
N MET D 142 -30.31 -21.10 -0.17
CA MET D 142 -29.88 -22.44 -0.54
C MET D 142 -30.85 -23.04 -1.56
N ASP D 143 -32.16 -22.78 -1.40
CA ASP D 143 -33.15 -23.29 -2.34
C ASP D 143 -32.91 -22.69 -3.71
N MET D 144 -32.47 -21.42 -3.73
CA MET D 144 -32.07 -20.74 -4.96
C MET D 144 -30.77 -21.35 -5.49
N LYS D 145 -29.76 -21.51 -4.62
CA LYS D 145 -28.51 -22.13 -5.03
C LYS D 145 -28.81 -23.51 -5.64
N ASN D 146 -29.83 -24.19 -5.10
CA ASN D 146 -30.23 -25.51 -5.58
C ASN D 146 -30.70 -25.43 -7.03
N TYR D 147 -31.77 -24.64 -7.23
CA TYR D 147 -32.42 -24.52 -8.53
C TYR D 147 -31.39 -24.14 -9.58
N GLY D 148 -30.67 -23.03 -9.34
CA GLY D 148 -29.67 -22.52 -10.28
C GLY D 148 -28.56 -23.53 -10.54
N THR D 149 -28.17 -24.28 -9.50
CA THR D 149 -27.05 -25.20 -9.59
C THR D 149 -27.53 -26.52 -10.20
N ASN D 150 -28.82 -26.81 -10.08
CA ASN D 150 -29.39 -27.99 -10.69
C ASN D 150 -29.41 -27.82 -12.21
N LEU D 151 -29.66 -26.58 -12.66
CA LEU D 151 -29.74 -26.28 -14.08
C LEU D 151 -28.36 -26.28 -14.70
N PHE D 152 -27.42 -25.55 -14.09
CA PHE D 152 -26.07 -25.46 -14.63
C PHE D 152 -25.54 -26.84 -14.99
N GLU D 153 -25.81 -27.79 -14.08
CA GLU D 153 -25.37 -29.18 -14.21
C GLU D 153 -26.05 -29.86 -15.38
N GLN D 154 -27.14 -29.27 -15.87
CA GLN D 154 -27.87 -29.84 -16.99
C GLN D 154 -27.42 -29.18 -18.30
N LEU D 155 -26.50 -28.22 -18.22
CA LEU D 155 -26.10 -27.48 -19.41
C LEU D 155 -25.27 -28.37 -20.31
N SER D 156 -25.88 -28.85 -21.40
CA SER D 156 -25.27 -29.79 -22.32
C SER D 156 -24.81 -29.06 -23.57
N CYS D 157 -23.79 -29.60 -24.23
CA CYS D 157 -23.35 -29.06 -25.49
C CYS D 157 -23.49 -30.15 -26.53
N TYR D 158 -23.34 -29.75 -27.79
CA TYR D 158 -23.50 -30.63 -28.95
C TYR D 158 -22.12 -31.19 -29.27
N ASN D 159 -21.11 -30.36 -28.99
CA ASN D 159 -19.69 -30.70 -29.11
C ASN D 159 -18.96 -29.95 -28.01
N ASN D 160 -18.33 -30.69 -27.08
CA ASN D 160 -17.82 -30.09 -25.84
C ASN D 160 -16.68 -29.12 -26.13
N ASN D 161 -15.71 -29.56 -26.94
CA ASN D 161 -14.82 -28.65 -27.65
C ASN D 161 -15.66 -27.95 -28.72
N PHE D 162 -16.08 -26.71 -28.42
CA PHE D 162 -16.86 -25.90 -29.32
C PHE D 162 -18.29 -25.79 -28.77
N CYS D 163 -18.45 -25.10 -27.65
CA CYS D 163 -19.77 -24.78 -27.11
C CYS D 163 -20.15 -23.35 -27.52
N ASN D 164 -21.47 -23.06 -27.58
CA ASN D 164 -22.00 -21.81 -28.08
C ASN D 164 -22.26 -20.76 -26.99
N THR D 165 -21.78 -19.56 -27.29
CA THR D 165 -21.84 -18.45 -26.37
C THR D 165 -22.99 -17.50 -26.73
N ASN D 166 -23.99 -18.04 -27.43
CA ASN D 166 -25.22 -17.29 -27.66
C ASN D 166 -25.99 -17.23 -26.35
N GLY D 167 -25.93 -18.32 -25.58
CA GLY D 167 -26.48 -18.32 -24.23
C GLY D 167 -26.10 -17.03 -23.51
N ILE D 168 -24.80 -16.80 -23.36
CA ILE D 168 -24.33 -15.66 -22.59
C ILE D 168 -24.74 -14.35 -23.26
N ARG D 169 -24.74 -14.35 -24.60
CA ARG D 169 -25.01 -13.14 -25.40
C ARG D 169 -26.41 -12.63 -25.12
N TYR D 170 -27.42 -13.48 -25.36
CA TYR D 170 -28.82 -13.11 -25.17
C TYR D 170 -29.02 -12.62 -23.74
N HIS D 171 -28.47 -13.35 -22.75
CA HIS D 171 -28.52 -12.95 -21.36
C HIS D 171 -27.88 -11.58 -21.15
N TYR D 172 -26.78 -11.31 -21.87
CA TYR D 172 -26.16 -9.99 -21.73
C TYR D 172 -27.12 -8.98 -22.35
N ASP D 173 -27.53 -9.23 -23.60
CA ASP D 173 -28.36 -8.29 -24.32
C ASP D 173 -29.55 -7.89 -23.46
N GLU D 174 -30.40 -8.85 -23.10
CA GLU D 174 -31.67 -8.53 -22.48
C GLU D 174 -31.45 -7.95 -21.08
N TYR D 175 -30.89 -8.75 -20.18
CA TYR D 175 -30.95 -8.48 -18.75
C TYR D 175 -29.93 -7.43 -18.29
N ILE D 176 -28.80 -7.30 -19.00
CA ILE D 176 -27.65 -6.55 -18.49
C ILE D 176 -27.43 -5.27 -19.29
N HIS D 177 -27.23 -5.41 -20.61
CA HIS D 177 -26.83 -4.31 -21.49
C HIS D 177 -27.66 -3.06 -21.17
N LYS D 178 -28.96 -3.26 -20.89
CA LYS D 178 -29.88 -2.18 -20.61
C LYS D 178 -29.40 -1.38 -19.39
N LEU D 179 -28.82 -2.07 -18.39
CA LEU D 179 -28.39 -1.45 -17.15
C LEU D 179 -27.00 -0.82 -17.29
N ILE D 180 -26.13 -1.41 -18.10
CA ILE D 180 -24.84 -0.79 -18.35
C ILE D 180 -25.13 0.60 -18.88
N LEU D 181 -25.86 0.66 -20.01
CA LEU D 181 -26.00 1.90 -20.75
C LEU D 181 -26.78 2.93 -19.93
N SER D 182 -27.62 2.45 -19.00
CA SER D 182 -28.28 3.30 -18.01
C SER D 182 -27.25 4.04 -17.15
N VAL D 183 -26.21 3.32 -16.75
CA VAL D 183 -25.18 3.87 -15.88
C VAL D 183 -24.28 4.81 -16.69
N LYS D 184 -24.14 4.54 -18.00
CA LYS D 184 -23.34 5.37 -18.88
C LYS D 184 -24.11 6.66 -19.19
N SER D 185 -25.43 6.56 -19.31
CA SER D 185 -26.25 7.73 -19.61
C SER D 185 -26.41 8.61 -18.37
N LYS D 186 -26.49 7.99 -17.18
CA LYS D 186 -26.48 8.76 -15.95
C LYS D 186 -25.03 8.98 -15.53
N ASN D 187 -24.64 10.23 -15.29
CA ASN D 187 -23.27 10.53 -14.90
C ASN D 187 -23.18 10.46 -13.38
N LEU D 188 -22.84 9.27 -12.87
CA LEU D 188 -22.99 8.99 -11.46
C LEU D 188 -21.98 9.83 -10.67
N ASN D 189 -20.90 10.23 -11.37
CA ASN D 189 -19.88 11.09 -10.79
C ASN D 189 -20.47 12.48 -10.56
N LYS D 190 -21.32 12.93 -11.50
CA LYS D 190 -22.10 14.12 -11.26
C LYS D 190 -22.89 13.87 -9.97
N ASP D 191 -23.67 12.78 -9.93
CA ASP D 191 -24.55 12.49 -8.79
C ASP D 191 -23.76 12.68 -7.50
N LEU D 192 -22.62 12.01 -7.40
CA LEU D 192 -21.76 12.19 -6.24
C LEU D 192 -21.40 13.66 -6.09
N SER D 193 -20.83 14.25 -7.16
CA SER D 193 -20.32 15.62 -7.12
C SER D 193 -21.36 16.55 -6.50
N ASP D 194 -22.64 16.37 -6.90
CA ASP D 194 -23.75 17.20 -6.46
C ASP D 194 -23.97 17.04 -4.95
N MET D 195 -24.03 15.79 -4.49
CA MET D 195 -24.29 15.48 -3.08
C MET D 195 -23.23 16.15 -2.20
N THR D 196 -21.99 16.17 -2.70
CA THR D 196 -20.85 16.71 -1.96
C THR D 196 -20.95 18.23 -1.90
N ASN D 197 -21.69 18.83 -2.84
CA ASN D 197 -22.09 20.23 -2.71
C ASN D 197 -23.23 20.32 -1.69
N ILE D 198 -24.20 19.40 -1.76
CA ILE D 198 -25.34 19.41 -0.86
C ILE D 198 -24.86 19.35 0.58
N LEU D 199 -23.85 18.52 0.83
CA LEU D 199 -23.32 18.39 2.17
C LEU D 199 -22.55 19.66 2.53
N GLN D 200 -21.78 20.19 1.56
CA GLN D 200 -21.10 21.47 1.70
C GLN D 200 -22.05 22.51 2.30
N GLN D 201 -23.27 22.58 1.72
CA GLN D 201 -24.27 23.55 2.14
C GLN D 201 -24.68 23.22 3.57
N SER D 202 -25.18 22.01 3.78
CA SER D 202 -25.59 21.62 5.12
C SER D 202 -24.54 22.07 6.11
N GLU D 203 -23.27 21.75 5.78
CA GLU D 203 -22.11 22.09 6.59
C GLU D 203 -21.98 23.60 6.80
N LEU D 204 -22.10 24.37 5.71
CA LEU D 204 -22.01 25.82 5.80
C LEU D 204 -23.16 26.37 6.65
N LEU D 205 -24.38 25.84 6.44
CA LEU D 205 -25.57 26.28 7.16
C LEU D 205 -25.44 25.93 8.63
N LEU D 206 -24.75 24.82 8.90
CA LEU D 206 -24.56 24.32 10.26
C LEU D 206 -23.46 25.13 10.97
N THR D 207 -22.37 25.46 10.27
CA THR D 207 -21.29 26.26 10.82
C THR D 207 -21.78 27.66 11.19
N ASN D 208 -22.73 28.16 10.40
CA ASN D 208 -23.32 29.48 10.61
C ASN D 208 -24.04 29.50 11.96
N LEU D 209 -24.94 28.53 12.16
CA LEU D 209 -25.76 28.48 13.37
C LEU D 209 -24.93 27.98 14.57
N ASN D 210 -23.84 27.26 14.28
CA ASN D 210 -22.94 26.67 15.27
C ASN D 210 -21.98 27.76 15.78
N LYS D 211 -22.38 29.03 15.69
CA LYS D 211 -21.52 30.11 16.15
C LYS D 211 -21.98 30.56 17.53
N LYS D 212 -23.27 30.34 17.87
CA LYS D 212 -23.91 31.06 18.96
C LYS D 212 -24.35 30.18 20.12
N MET D 213 -24.69 28.90 19.85
CA MET D 213 -25.61 28.13 20.71
C MET D 213 -24.87 27.23 21.69
N GLY D 214 -24.41 26.05 21.23
CA GLY D 214 -23.88 25.02 22.10
C GLY D 214 -24.46 23.64 21.82
N SER D 215 -25.67 23.37 22.34
CA SER D 215 -26.31 22.06 22.24
C SER D 215 -27.82 22.17 22.50
N TYR D 216 -28.62 22.33 21.43
CA TYR D 216 -30.08 22.30 21.54
C TYR D 216 -30.62 21.35 20.45
N ILE D 217 -31.91 20.99 20.58
CA ILE D 217 -32.52 19.89 19.83
C ILE D 217 -32.31 20.05 18.32
N TYR D 218 -32.62 21.24 17.77
CA TYR D 218 -32.71 21.41 16.34
C TYR D 218 -31.34 21.44 15.69
N ILE D 219 -30.35 22.07 16.34
CA ILE D 219 -28.97 21.95 15.90
C ILE D 219 -28.55 20.49 16.01
N ASP D 220 -28.81 19.92 17.20
CA ASP D 220 -28.40 18.55 17.49
C ASP D 220 -28.95 17.62 16.41
N THR D 221 -30.23 17.79 16.07
CA THR D 221 -30.90 16.94 15.10
C THR D 221 -30.21 17.11 13.75
N ILE D 222 -30.09 18.35 13.29
CA ILE D 222 -29.42 18.66 12.02
C ILE D 222 -28.10 17.90 11.98
N LYS D 223 -27.24 18.15 12.98
CA LYS D 223 -25.94 17.51 13.09
C LYS D 223 -26.09 16.03 12.76
N PHE D 224 -27.09 15.39 13.40
CA PHE D 224 -27.35 13.98 13.24
C PHE D 224 -27.79 13.67 11.82
N ILE D 225 -28.73 14.45 11.28
CA ILE D 225 -29.20 14.22 9.92
C ILE D 225 -28.00 14.35 8.98
N HIS D 226 -27.19 15.39 9.20
CA HIS D 226 -26.03 15.61 8.35
C HIS D 226 -25.07 14.44 8.48
N LYS D 227 -24.60 14.18 9.71
CA LYS D 227 -23.75 13.04 10.00
C LYS D 227 -24.25 11.84 9.19
N GLU D 228 -25.51 11.45 9.40
CA GLU D 228 -26.12 10.33 8.71
C GLU D 228 -25.94 10.44 7.19
N MET D 229 -26.22 11.64 6.63
CA MET D 229 -26.14 11.84 5.19
C MET D 229 -24.71 11.59 4.71
N LYS D 230 -23.71 12.13 5.44
CA LYS D 230 -22.31 11.91 5.12
C LYS D 230 -22.04 10.42 4.97
N HIS D 231 -22.42 9.63 5.99
CA HIS D 231 -22.18 8.19 6.00
C HIS D 231 -22.83 7.57 4.76
N ILE D 232 -24.00 8.09 4.38
CA ILE D 232 -24.71 7.62 3.21
C ILE D 232 -23.89 7.97 1.96
N PHE D 233 -23.44 9.23 1.86
CA PHE D 233 -22.65 9.69 0.72
C PHE D 233 -21.42 8.81 0.54
N ASN D 234 -20.76 8.48 1.66
CA ASN D 234 -19.55 7.67 1.70
C ASN D 234 -19.84 6.24 1.23
N ARG D 235 -21.01 5.73 1.58
N ARG D 235 -21.01 5.73 1.58
CA ARG D 235 -21.47 4.45 1.08
CA ARG D 235 -21.46 4.45 1.08
C ARG D 235 -21.71 4.57 -0.42
C ARG D 235 -21.73 4.55 -0.42
N ILE D 236 -22.31 5.67 -0.87
CA ILE D 236 -22.65 5.85 -2.27
C ILE D 236 -21.39 6.06 -3.10
N GLU D 237 -20.40 6.73 -2.50
CA GLU D 237 -19.06 6.82 -3.07
C GLU D 237 -18.54 5.42 -3.39
N TYR D 238 -18.74 4.51 -2.42
CA TYR D 238 -18.22 3.16 -2.46
C TYR D 238 -18.92 2.33 -3.54
N HIS D 239 -20.25 2.24 -3.46
CA HIS D 239 -20.98 1.45 -4.44
C HIS D 239 -20.79 2.03 -5.84
N THR D 240 -20.67 3.37 -5.92
CA THR D 240 -20.47 4.04 -7.19
C THR D 240 -19.14 3.63 -7.81
N LYS D 241 -18.07 3.65 -7.00
CA LYS D 241 -16.74 3.25 -7.43
C LYS D 241 -16.73 1.81 -7.96
N ILE D 242 -17.43 0.92 -7.25
CA ILE D 242 -17.59 -0.46 -7.65
C ILE D 242 -18.33 -0.54 -8.99
N ILE D 243 -19.32 0.33 -9.16
CA ILE D 243 -20.19 0.26 -10.32
C ILE D 243 -19.38 0.56 -11.57
N ASN D 244 -18.67 1.70 -11.55
CA ASN D 244 -17.89 2.17 -12.68
C ASN D 244 -16.84 1.14 -13.05
N ASP D 245 -16.16 0.56 -12.05
CA ASP D 245 -15.29 -0.61 -12.27
C ASP D 245 -16.04 -1.64 -13.11
N LYS D 246 -17.01 -2.30 -12.48
CA LYS D 246 -17.61 -3.51 -13.02
C LYS D 246 -18.19 -3.23 -14.42
N THR D 247 -18.64 -1.99 -14.63
CA THR D 247 -19.12 -1.57 -15.94
C THR D 247 -18.05 -1.88 -16.97
N LYS D 248 -16.81 -1.42 -16.71
CA LYS D 248 -15.70 -1.54 -17.64
C LYS D 248 -15.32 -3.02 -17.77
N ILE D 249 -15.30 -3.68 -16.61
CA ILE D 249 -15.00 -5.11 -16.51
C ILE D 249 -16.06 -5.90 -17.30
N ILE D 250 -17.33 -5.63 -17.01
CA ILE D 250 -18.41 -6.35 -17.65
C ILE D 250 -18.31 -6.15 -19.16
N GLN D 251 -18.14 -4.87 -19.57
CA GLN D 251 -18.09 -4.50 -20.97
C GLN D 251 -16.88 -5.11 -21.65
N ASP D 252 -15.71 -4.94 -21.05
CA ASP D 252 -14.55 -5.64 -21.55
C ASP D 252 -14.95 -7.11 -21.69
N LYS D 253 -15.30 -7.73 -20.55
CA LYS D 253 -15.39 -9.17 -20.49
C LYS D 253 -16.30 -9.69 -21.59
N ILE D 254 -17.52 -9.13 -21.66
CA ILE D 254 -18.55 -9.68 -22.52
C ILE D 254 -18.08 -9.79 -23.97
N LYS D 255 -17.26 -8.80 -24.41
CA LYS D 255 -16.72 -8.80 -25.76
C LYS D 255 -16.01 -10.13 -26.03
N LEU D 256 -15.23 -10.57 -25.03
CA LEU D 256 -14.34 -11.73 -25.16
C LEU D 256 -15.17 -13.02 -25.13
N ASN D 257 -16.43 -12.91 -24.65
CA ASN D 257 -17.23 -14.07 -24.30
C ASN D 257 -18.38 -14.32 -25.27
N ILE D 258 -18.33 -13.71 -26.47
CA ILE D 258 -19.43 -13.85 -27.42
C ILE D 258 -18.87 -14.03 -28.83
N TRP D 259 -19.73 -14.54 -29.72
CA TRP D 259 -19.35 -14.69 -31.11
C TRP D 259 -18.10 -15.57 -31.18
N ARG D 260 -18.18 -16.75 -30.56
CA ARG D 260 -17.07 -17.67 -30.52
C ARG D 260 -17.49 -18.96 -29.81
N THR D 261 -16.59 -19.94 -29.82
CA THR D 261 -16.82 -21.18 -29.12
C THR D 261 -15.98 -21.21 -27.85
N PHE D 262 -16.21 -22.23 -27.02
CA PHE D 262 -15.43 -22.49 -25.82
C PHE D 262 -15.37 -23.99 -25.55
N GLN D 263 -14.39 -24.40 -24.74
CA GLN D 263 -14.41 -25.74 -24.18
C GLN D 263 -15.37 -25.73 -23.00
N LYS D 264 -16.24 -26.75 -22.94
CA LYS D 264 -17.25 -26.87 -21.92
C LYS D 264 -16.77 -26.29 -20.58
N ASP D 265 -15.53 -26.60 -20.14
CA ASP D 265 -15.07 -26.17 -18.83
C ASP D 265 -14.84 -24.65 -18.83
N GLU D 266 -14.20 -24.17 -19.89
CA GLU D 266 -13.86 -22.75 -19.98
C GLU D 266 -15.16 -21.95 -20.04
N LEU D 267 -16.10 -22.44 -20.85
CA LEU D 267 -17.42 -21.85 -20.92
C LEU D 267 -17.99 -21.70 -19.52
N LEU D 268 -18.25 -22.85 -18.86
CA LEU D 268 -18.85 -22.86 -17.54
C LEU D 268 -18.11 -21.84 -16.67
N LYS D 269 -16.76 -21.80 -16.78
CA LYS D 269 -15.98 -20.86 -16.02
C LYS D 269 -16.42 -19.44 -16.35
N ARG D 270 -16.68 -19.16 -17.63
CA ARG D 270 -17.01 -17.80 -18.03
C ARG D 270 -18.33 -17.40 -17.40
N ILE D 271 -19.35 -18.23 -17.62
CA ILE D 271 -20.69 -17.93 -17.16
C ILE D 271 -20.66 -17.57 -15.67
N LEU D 272 -20.02 -18.44 -14.87
CA LEU D 272 -19.88 -18.24 -13.44
C LEU D 272 -19.19 -16.89 -13.21
N ASP D 273 -18.13 -16.66 -13.98
CA ASP D 273 -17.32 -15.45 -13.86
C ASP D 273 -18.21 -14.23 -14.08
N MET D 274 -19.05 -14.33 -15.11
CA MET D 274 -19.99 -13.27 -15.45
C MET D 274 -21.09 -13.22 -14.39
N SER D 275 -21.74 -14.37 -14.16
CA SER D 275 -22.76 -14.47 -13.11
C SER D 275 -22.28 -13.72 -11.86
N ASN D 276 -20.96 -13.78 -11.60
CA ASN D 276 -20.35 -13.09 -10.48
C ASN D 276 -20.32 -11.59 -10.76
N GLU D 277 -19.70 -11.22 -11.87
CA GLU D 277 -19.48 -9.83 -12.21
C GLU D 277 -20.79 -9.06 -12.18
N TYR D 278 -21.80 -9.59 -12.90
CA TYR D 278 -23.13 -9.02 -12.91
C TYR D 278 -23.65 -8.81 -11.48
N SER D 279 -23.62 -9.88 -10.69
CA SER D 279 -24.23 -9.85 -9.36
C SER D 279 -23.69 -8.66 -8.57
N LEU D 280 -22.37 -8.54 -8.51
CA LEU D 280 -21.72 -7.49 -7.74
C LEU D 280 -22.12 -6.14 -8.31
N PHE D 281 -22.18 -6.08 -9.65
CA PHE D 281 -22.51 -4.86 -10.37
C PHE D 281 -23.90 -4.40 -9.92
N ILE D 282 -24.88 -5.28 -10.10
CA ILE D 282 -26.26 -4.99 -9.77
C ILE D 282 -26.41 -4.59 -8.30
N THR D 283 -26.04 -5.49 -7.39
CA THR D 283 -26.07 -5.22 -5.95
C THR D 283 -25.68 -3.78 -5.67
N SER D 284 -24.53 -3.37 -6.19
CA SER D 284 -24.06 -2.01 -5.99
C SER D 284 -25.08 -1.05 -6.57
N ASP D 285 -25.36 -1.18 -7.88
CA ASP D 285 -26.23 -0.23 -8.56
C ASP D 285 -27.53 -0.07 -7.77
N HIS D 286 -28.04 -1.21 -7.30
CA HIS D 286 -29.26 -1.25 -6.51
C HIS D 286 -29.07 -0.38 -5.26
N LEU D 287 -28.24 -0.85 -4.33
CA LEU D 287 -27.99 -0.13 -3.10
C LEU D 287 -27.73 1.36 -3.38
N ARG D 288 -26.96 1.68 -4.44
CA ARG D 288 -26.74 3.06 -4.82
C ARG D 288 -28.08 3.76 -5.00
N GLN D 289 -28.95 3.18 -5.85
CA GLN D 289 -30.21 3.82 -6.18
C GLN D 289 -31.03 4.01 -4.90
N MET D 290 -31.00 3.01 -4.02
CA MET D 290 -31.72 3.10 -2.77
C MET D 290 -31.12 4.18 -1.88
N LEU D 291 -29.79 4.15 -1.73
CA LEU D 291 -29.10 5.10 -0.88
C LEU D 291 -29.36 6.52 -1.40
N TYR D 292 -29.17 6.69 -2.71
CA TYR D 292 -29.39 7.96 -3.37
C TYR D 292 -30.70 8.53 -2.90
N ASN D 293 -31.76 7.72 -3.05
CA ASN D 293 -33.08 8.12 -2.60
C ASN D 293 -33.00 8.52 -1.14
N THR D 294 -32.44 7.62 -0.33
CA THR D 294 -32.39 7.86 1.10
C THR D 294 -31.62 9.14 1.40
N PHE D 295 -30.63 9.45 0.55
CA PHE D 295 -29.88 10.70 0.67
C PHE D 295 -30.87 11.87 0.69
N TYR D 296 -31.64 12.01 -0.39
CA TYR D 296 -32.50 13.18 -0.59
C TYR D 296 -33.73 13.13 0.32
N SER D 297 -34.16 11.92 0.69
CA SER D 297 -35.17 11.72 1.69
C SER D 297 -34.84 12.51 2.95
N LYS D 298 -33.55 12.50 3.31
CA LYS D 298 -33.08 13.19 4.50
C LYS D 298 -32.93 14.68 4.18
N GLU D 299 -32.46 14.98 2.95
CA GLU D 299 -32.31 16.35 2.49
C GLU D 299 -33.64 17.08 2.64
N LYS D 300 -34.74 16.47 2.18
CA LYS D 300 -36.06 17.05 2.34
C LYS D 300 -36.30 17.33 3.82
N HIS D 301 -36.07 16.32 4.68
CA HIS D 301 -36.43 16.44 6.08
C HIS D 301 -35.49 17.41 6.77
N LEU D 302 -34.26 17.50 6.26
CA LEU D 302 -33.27 18.45 6.73
C LEU D 302 -33.63 19.86 6.26
N ASN D 303 -34.09 19.96 5.01
CA ASN D 303 -34.55 21.21 4.42
C ASN D 303 -35.78 21.71 5.19
N ASN D 304 -36.70 20.78 5.47
CA ASN D 304 -37.91 21.07 6.23
C ASN D 304 -37.56 21.67 7.59
N ILE D 305 -36.55 21.11 8.27
CA ILE D 305 -36.22 21.52 9.63
C ILE D 305 -35.55 22.90 9.63
N PHE D 306 -35.10 23.35 8.46
CA PHE D 306 -34.74 24.75 8.31
C PHE D 306 -35.99 25.62 8.38
N HIS D 307 -37.01 25.28 7.57
CA HIS D 307 -38.25 26.05 7.39
C HIS D 307 -38.13 26.81 6.06
N HIS D 308 -36.98 27.52 5.89
CA HIS D 308 -36.37 27.79 4.59
C HIS D 308 -35.02 28.49 4.79
N LEU D 309 -34.43 29.02 3.70
CA LEU D 309 -33.32 29.96 3.81
C LEU D 309 -33.31 30.58 5.21
N ILE D 310 -32.13 30.53 5.84
CA ILE D 310 -31.94 30.71 7.27
C ILE D 310 -33.17 31.33 7.93
N TYR D 311 -33.89 30.53 8.74
CA TYR D 311 -35.01 31.04 9.54
C TYR D 311 -34.45 31.95 10.64
N GLU E 6 14.31 -15.49 -6.66
CA GLU E 6 13.05 -15.35 -5.90
C GLU E 6 12.05 -16.40 -6.39
N VAL E 7 11.47 -16.16 -7.56
CA VAL E 7 10.41 -17.01 -8.09
C VAL E 7 11.08 -18.21 -8.76
N GLN E 8 10.67 -19.41 -8.35
CA GLN E 8 11.38 -20.62 -8.69
C GLN E 8 10.38 -21.76 -8.92
N LEU E 9 10.62 -22.55 -9.98
CA LEU E 9 9.98 -23.84 -10.09
C LEU E 9 11.01 -24.97 -10.02
N VAL E 10 10.74 -25.95 -9.13
CA VAL E 10 11.68 -26.99 -8.75
C VAL E 10 11.03 -28.36 -8.99
N GLN E 11 11.61 -29.16 -9.88
CA GLN E 11 11.00 -30.43 -10.28
C GLN E 11 11.83 -31.60 -9.74
N SER E 12 11.22 -32.80 -9.69
CA SER E 12 11.90 -34.02 -9.23
C SER E 12 13.05 -34.35 -10.19
N GLY E 13 13.94 -35.26 -9.76
CA GLY E 13 15.08 -35.67 -10.56
C GLY E 13 14.66 -36.62 -11.67
N ALA E 14 15.55 -36.83 -12.65
CA ALA E 14 15.24 -37.70 -13.78
C ALA E 14 14.80 -39.07 -13.29
N GLU E 15 13.77 -39.63 -13.95
CA GLU E 15 13.27 -40.96 -13.68
C GLU E 15 13.50 -41.83 -14.91
N VAL E 16 13.42 -43.14 -14.72
CA VAL E 16 13.39 -44.10 -15.81
C VAL E 16 12.31 -45.11 -15.44
N LYS E 17 11.48 -45.47 -16.42
CA LYS E 17 10.40 -46.39 -16.16
C LYS E 17 10.26 -47.33 -17.35
N LYS E 18 9.64 -48.48 -17.08
CA LYS E 18 9.49 -49.53 -18.07
C LYS E 18 8.22 -49.27 -18.84
N PRO E 19 8.12 -49.68 -20.12
CA PRO E 19 6.84 -49.83 -20.78
C PRO E 19 5.80 -50.36 -19.80
N GLY E 20 4.67 -49.66 -19.69
CA GLY E 20 3.58 -50.09 -18.83
C GLY E 20 3.55 -49.38 -17.48
N ALA E 21 4.71 -49.09 -16.90
CA ALA E 21 4.78 -48.63 -15.52
C ALA E 21 3.95 -47.36 -15.36
N SER E 22 4.23 -46.56 -14.33
CA SER E 22 3.65 -45.23 -14.22
C SER E 22 4.78 -44.26 -13.86
N VAL E 23 4.46 -42.98 -13.69
CA VAL E 23 5.49 -42.01 -13.33
C VAL E 23 4.84 -40.77 -12.73
N LYS E 24 5.28 -40.44 -11.51
CA LYS E 24 4.96 -39.19 -10.85
C LYS E 24 6.19 -38.30 -10.90
N VAL E 25 5.99 -37.03 -11.28
CA VAL E 25 7.02 -36.00 -11.20
C VAL E 25 6.44 -34.80 -10.46
N SER E 26 7.31 -34.03 -9.82
CA SER E 26 6.87 -32.96 -8.93
C SER E 26 7.38 -31.62 -9.42
N CYS E 27 6.85 -30.55 -8.81
CA CYS E 27 7.14 -29.17 -9.20
C CYS E 27 6.89 -28.25 -8.01
N LYS E 28 7.91 -28.06 -7.18
CA LYS E 28 7.74 -27.27 -5.98
C LYS E 28 7.80 -25.79 -6.38
N ALA E 29 6.72 -25.08 -6.05
CA ALA E 29 6.67 -23.65 -6.25
C ALA E 29 7.28 -22.94 -5.04
N SER E 30 8.22 -22.01 -5.29
CA SER E 30 8.79 -21.21 -4.23
C SER E 30 8.99 -19.77 -4.70
N GLY E 31 8.73 -18.82 -3.78
CA GLY E 31 8.83 -17.39 -4.05
C GLY E 31 7.47 -16.70 -3.92
N TYR E 32 6.51 -17.16 -4.73
CA TYR E 32 5.20 -16.56 -4.84
C TYR E 32 4.18 -17.38 -4.05
N THR E 33 2.94 -16.88 -4.00
CA THR E 33 1.83 -17.61 -3.42
C THR E 33 1.42 -18.72 -4.39
N PHE E 34 1.34 -19.97 -3.91
CA PHE E 34 1.22 -21.14 -4.77
C PHE E 34 -0.08 -21.15 -5.57
N THR E 35 -1.17 -20.87 -4.84
CA THR E 35 -2.56 -21.11 -5.25
C THR E 35 -3.12 -19.91 -6.04
N ASP E 36 -2.30 -18.88 -6.25
CA ASP E 36 -2.63 -17.80 -7.16
C ASP E 36 -2.70 -18.36 -8.58
N TYR E 37 -1.54 -18.75 -9.14
CA TYR E 37 -1.42 -18.99 -10.57
C TYR E 37 -1.45 -20.49 -10.87
N TYR E 38 -2.18 -20.83 -11.94
CA TYR E 38 -2.18 -22.14 -12.58
C TYR E 38 -0.75 -22.67 -12.74
N ILE E 39 -0.59 -23.99 -12.54
CA ILE E 39 0.64 -24.68 -12.89
C ILE E 39 0.37 -25.69 -14.00
N HIS E 40 1.27 -25.68 -14.99
CA HIS E 40 1.07 -26.35 -16.26
C HIS E 40 2.21 -27.34 -16.50
N TRP E 41 1.89 -28.43 -17.21
CA TRP E 41 2.87 -29.45 -17.55
C TRP E 41 2.99 -29.55 -19.07
N VAL E 42 4.12 -29.06 -19.58
CA VAL E 42 4.48 -29.14 -20.98
C VAL E 42 5.67 -30.10 -21.13
N ARG E 43 5.51 -31.16 -21.92
CA ARG E 43 6.60 -32.12 -22.15
C ARG E 43 7.19 -31.84 -23.54
N GLN E 44 8.23 -32.60 -23.90
CA GLN E 44 8.99 -32.33 -25.11
C GLN E 44 9.78 -33.56 -25.48
N ALA E 45 9.36 -34.23 -26.57
CA ALA E 45 10.05 -35.42 -27.01
C ALA E 45 11.49 -35.05 -27.35
N PRO E 46 12.41 -36.05 -27.47
CA PRO E 46 13.80 -35.76 -27.78
C PRO E 46 13.93 -35.15 -29.18
N GLY E 47 14.43 -33.91 -29.25
CA GLY E 47 14.66 -33.21 -30.50
C GLY E 47 13.35 -32.83 -31.20
N GLN E 48 12.31 -32.58 -30.40
CA GLN E 48 10.96 -32.36 -30.90
C GLN E 48 10.42 -31.05 -30.32
N GLY E 49 9.18 -30.69 -30.72
CA GLY E 49 8.53 -29.48 -30.25
C GLY E 49 8.12 -29.60 -28.78
N LEU E 50 7.56 -28.49 -28.25
CA LEU E 50 6.85 -28.51 -26.97
C LEU E 50 5.46 -29.12 -27.15
N GLU E 51 4.87 -29.55 -26.03
CA GLU E 51 3.69 -30.40 -26.07
C GLU E 51 2.95 -30.13 -24.75
N TRP E 52 1.73 -29.57 -24.83
CA TRP E 52 0.95 -29.28 -23.63
C TRP E 52 0.11 -30.48 -23.23
N MET E 53 0.19 -30.81 -21.93
CA MET E 53 -0.38 -32.03 -21.38
C MET E 53 -1.62 -31.69 -20.56
N GLY E 54 -1.45 -30.76 -19.62
CA GLY E 54 -2.60 -30.28 -18.86
C GLY E 54 -2.24 -29.13 -17.94
N ARG E 55 -3.19 -28.81 -17.04
CA ARG E 55 -2.98 -27.80 -16.02
C ARG E 55 -3.76 -28.19 -14.78
N ILE E 56 -3.43 -27.57 -13.65
CA ILE E 56 -4.15 -27.77 -12.42
C ILE E 56 -4.13 -26.48 -11.61
N ASN E 57 -5.31 -26.07 -11.14
CA ASN E 57 -5.45 -24.88 -10.32
C ASN E 57 -5.08 -25.25 -8.89
N PRO E 58 -3.87 -24.85 -8.42
CA PRO E 58 -3.40 -25.25 -7.10
C PRO E 58 -4.47 -24.99 -6.04
N ASN E 59 -5.27 -23.96 -6.29
CA ASN E 59 -6.23 -23.45 -5.32
C ASN E 59 -7.43 -24.37 -5.22
N SER E 60 -8.08 -24.59 -6.37
CA SER E 60 -9.28 -25.41 -6.42
C SER E 60 -8.89 -26.88 -6.42
N GLY E 61 -7.97 -27.25 -7.30
CA GLY E 61 -7.70 -28.64 -7.56
C GLY E 61 -8.27 -29.05 -8.91
N GLY E 62 -8.93 -28.11 -9.58
CA GLY E 62 -9.44 -28.34 -10.91
C GLY E 62 -8.31 -28.68 -11.87
N THR E 63 -8.60 -29.54 -12.84
CA THR E 63 -7.60 -30.00 -13.79
C THR E 63 -8.17 -29.87 -15.19
N ASN E 64 -7.32 -29.44 -16.13
CA ASN E 64 -7.62 -29.51 -17.54
C ASN E 64 -6.45 -30.21 -18.23
N TYR E 65 -6.74 -31.30 -18.97
CA TYR E 65 -5.71 -32.04 -19.68
C TYR E 65 -5.97 -31.91 -21.17
N ALA E 66 -4.91 -31.89 -21.97
CA ALA E 66 -5.08 -32.16 -23.39
C ALA E 66 -5.88 -33.46 -23.52
N GLN E 67 -6.45 -33.67 -24.70
CA GLN E 67 -7.24 -34.86 -24.99
C GLN E 67 -6.32 -36.07 -25.18
N GLU E 68 -5.07 -35.80 -25.62
CA GLU E 68 -4.11 -36.86 -25.91
C GLU E 68 -3.87 -37.67 -24.65
N PHE E 69 -3.83 -36.98 -23.51
CA PHE E 69 -3.45 -37.60 -22.25
C PHE E 69 -4.63 -37.78 -21.32
N GLN E 70 -5.87 -37.70 -21.83
CA GLN E 70 -7.01 -37.76 -20.93
C GLN E 70 -7.20 -39.21 -20.50
N GLY E 71 -7.10 -39.47 -19.19
CA GLY E 71 -7.28 -40.81 -18.66
C GLY E 71 -5.96 -41.58 -18.50
N ARG E 72 -4.86 -41.01 -19.01
CA ARG E 72 -3.53 -41.54 -18.74
C ARG E 72 -2.84 -40.66 -17.68
N VAL E 73 -2.85 -39.34 -17.89
CA VAL E 73 -2.25 -38.38 -16.96
C VAL E 73 -3.21 -38.10 -15.82
N THR E 74 -2.65 -37.72 -14.67
CA THR E 74 -3.44 -37.26 -13.55
C THR E 74 -2.62 -36.30 -12.67
N MET E 75 -3.11 -35.06 -12.61
CA MET E 75 -2.42 -33.95 -11.97
C MET E 75 -3.06 -33.62 -10.62
N THR E 76 -2.20 -33.33 -9.63
CA THR E 76 -2.62 -33.07 -8.27
C THR E 76 -1.67 -32.02 -7.67
N ARG E 77 -1.84 -31.72 -6.39
CA ARG E 77 -0.91 -30.83 -5.70
C ARG E 77 -1.16 -30.87 -4.19
N ASP E 78 -0.12 -30.62 -3.39
CA ASP E 78 -0.23 -30.52 -1.94
C ASP E 78 0.14 -29.09 -1.55
N THR E 79 -0.77 -28.42 -0.83
CA THR E 79 -0.57 -27.02 -0.45
C THR E 79 0.19 -26.89 0.88
N SER E 80 0.50 -28.02 1.53
CA SER E 80 1.41 -28.00 2.68
C SER E 80 2.80 -27.58 2.19
N ILE E 81 3.18 -28.07 0.99
CA ILE E 81 4.54 -27.96 0.48
C ILE E 81 4.61 -27.09 -0.77
N ASN E 82 3.46 -26.75 -1.38
CA ASN E 82 3.40 -25.90 -2.57
C ASN E 82 4.00 -26.62 -3.77
N THR E 83 3.61 -27.90 -3.89
CA THR E 83 4.11 -28.79 -4.93
C THR E 83 2.93 -29.21 -5.83
N ALA E 84 3.19 -29.24 -7.15
CA ALA E 84 2.22 -29.70 -8.13
C ALA E 84 2.75 -30.95 -8.81
N TYR E 85 1.85 -31.89 -9.13
CA TYR E 85 2.22 -33.21 -9.60
C TYR E 85 1.63 -33.48 -10.97
N MET E 86 2.21 -34.46 -11.66
CA MET E 86 1.72 -34.92 -12.96
C MET E 86 2.09 -36.39 -13.12
N GLN E 87 1.12 -37.26 -12.83
CA GLN E 87 1.33 -38.69 -12.87
C GLN E 87 0.83 -39.19 -14.22
N LEU E 88 1.74 -39.71 -15.06
CA LEU E 88 1.34 -40.45 -16.24
C LEU E 88 1.34 -41.95 -15.91
N THR E 89 0.68 -42.75 -16.75
CA THR E 89 0.54 -44.17 -16.54
C THR E 89 0.80 -44.82 -17.89
N ARG E 90 0.50 -46.12 -17.99
CA ARG E 90 0.57 -46.85 -19.25
C ARG E 90 1.65 -46.25 -20.16
N LEU E 91 2.89 -46.27 -19.66
CA LEU E 91 4.01 -45.60 -20.30
C LEU E 91 4.36 -46.31 -21.60
N ARG E 92 5.04 -45.57 -22.49
CA ARG E 92 5.36 -46.03 -23.82
C ARG E 92 6.72 -45.46 -24.23
N SER E 93 7.36 -46.10 -25.23
CA SER E 93 8.59 -45.58 -25.80
C SER E 93 8.47 -44.06 -25.96
N ASP E 94 7.41 -43.64 -26.64
CA ASP E 94 7.22 -42.26 -27.05
C ASP E 94 7.18 -41.32 -25.84
N ASP E 95 6.71 -41.81 -24.69
CA ASP E 95 6.57 -40.96 -23.51
C ASP E 95 7.92 -40.44 -23.04
N THR E 96 8.99 -41.04 -23.59
CA THR E 96 10.32 -40.51 -23.36
C THR E 96 10.35 -39.05 -23.77
N ALA E 97 10.64 -38.18 -22.79
CA ALA E 97 10.67 -36.76 -23.01
C ALA E 97 11.32 -36.02 -21.84
N VAL E 98 11.37 -34.70 -22.01
CA VAL E 98 11.61 -33.80 -20.89
C VAL E 98 10.27 -33.20 -20.50
N TYR E 99 9.84 -33.51 -19.28
CA TYR E 99 8.65 -32.95 -18.70
C TYR E 99 9.05 -31.65 -18.00
N TYR E 100 8.59 -30.52 -18.57
CA TYR E 100 8.64 -29.21 -17.93
C TYR E 100 7.33 -28.95 -17.19
N CYS E 101 7.42 -28.08 -16.18
CA CYS E 101 6.24 -27.51 -15.57
C CYS E 101 6.41 -26.00 -15.63
N ALA E 102 5.29 -25.27 -15.75
CA ALA E 102 5.36 -23.83 -15.91
C ALA E 102 4.21 -23.14 -15.17
N ARG E 103 4.34 -21.80 -15.03
CA ARG E 103 3.42 -20.97 -14.28
C ARG E 103 2.72 -19.98 -15.22
N ASP E 104 1.41 -20.19 -15.45
CA ASP E 104 0.57 -19.16 -16.02
C ASP E 104 0.34 -18.08 -14.95
N GLY E 105 1.20 -17.06 -14.96
CA GLY E 105 1.04 -15.91 -14.10
C GLY E 105 1.63 -14.67 -14.73
N ILE E 106 0.91 -14.05 -15.67
CA ILE E 106 1.32 -12.75 -16.17
C ILE E 106 0.54 -11.64 -15.45
N GLU E 107 -0.67 -11.94 -14.96
CA GLU E 107 -1.38 -11.09 -14.00
C GLU E 107 -2.29 -10.07 -14.67
N TYR E 108 -3.53 -9.99 -14.15
CA TYR E 108 -4.56 -8.98 -14.40
C TYR E 108 -5.77 -9.59 -15.10
N SER E 109 -5.70 -10.89 -15.50
CA SER E 109 -6.77 -11.62 -16.18
C SER E 109 -7.22 -10.94 -17.49
N TYR E 110 -8.15 -11.59 -18.22
CA TYR E 110 -8.75 -11.03 -19.41
C TYR E 110 -7.77 -11.09 -20.59
N TYR E 111 -6.53 -10.59 -20.42
CA TYR E 111 -5.46 -10.83 -21.38
C TYR E 111 -5.04 -12.31 -21.36
N TYR E 112 -5.66 -13.07 -20.44
N TYR E 112 -5.75 -13.10 -20.52
CA TYR E 112 -5.62 -14.53 -20.32
CA TYR E 112 -5.61 -14.54 -20.36
C TYR E 112 -4.49 -14.92 -19.37
C TYR E 112 -4.42 -14.82 -19.44
N TYR E 113 -3.55 -15.75 -19.84
CA TYR E 113 -2.33 -15.99 -19.10
C TYR E 113 -1.24 -16.46 -20.07
N ALA E 114 0.02 -16.17 -19.69
CA ALA E 114 1.20 -16.74 -20.34
C ALA E 114 2.05 -17.46 -19.28
N MET E 115 2.79 -18.49 -19.72
CA MET E 115 3.65 -19.28 -18.85
C MET E 115 4.95 -18.53 -18.58
N ASP E 116 4.98 -17.78 -17.48
CA ASP E 116 6.05 -16.80 -17.27
C ASP E 116 7.24 -17.46 -16.64
N VAL E 117 6.98 -18.31 -15.63
CA VAL E 117 8.02 -19.07 -14.97
C VAL E 117 7.98 -20.52 -15.46
N TRP E 118 9.17 -21.11 -15.71
CA TRP E 118 9.32 -22.52 -16.04
C TRP E 118 10.26 -23.20 -15.04
N GLY E 119 10.04 -24.49 -14.78
CA GLY E 119 11.07 -25.31 -14.18
C GLY E 119 12.04 -25.78 -15.26
N LYS E 120 13.23 -26.25 -14.86
CA LYS E 120 14.27 -26.58 -15.81
C LYS E 120 13.95 -27.93 -16.46
N GLY E 121 13.15 -28.75 -15.79
CA GLY E 121 12.41 -29.81 -16.47
C GLY E 121 13.05 -31.17 -16.27
N THR E 122 12.20 -32.21 -16.29
CA THR E 122 12.54 -33.53 -15.77
C THR E 122 12.65 -34.51 -16.93
N THR E 123 13.77 -35.23 -17.00
CA THR E 123 13.97 -36.22 -18.06
C THR E 123 13.31 -37.53 -17.62
N VAL E 124 12.21 -37.89 -18.28
CA VAL E 124 11.62 -39.20 -18.09
C VAL E 124 12.02 -40.06 -19.29
N THR E 125 12.62 -41.23 -18.98
CA THR E 125 13.00 -42.20 -20.01
C THR E 125 12.09 -43.42 -19.88
N VAL E 126 11.65 -43.94 -21.02
CA VAL E 126 10.87 -45.17 -21.04
C VAL E 126 11.64 -46.19 -21.88
N SER E 127 12.04 -47.27 -21.22
CA SER E 127 12.87 -48.30 -21.79
C SER E 127 12.68 -49.53 -20.92
N SER E 128 12.50 -50.69 -21.57
CA SER E 128 12.40 -51.96 -20.85
C SER E 128 13.77 -52.40 -20.36
N ALA E 129 14.81 -51.74 -20.91
CA ALA E 129 16.20 -52.11 -20.73
C ALA E 129 16.70 -51.84 -19.31
N SER E 130 17.52 -52.77 -18.80
CA SER E 130 18.27 -52.57 -17.57
C SER E 130 19.72 -52.28 -17.93
N THR E 131 20.49 -51.79 -16.95
CA THR E 131 21.85 -51.31 -17.19
C THR E 131 22.60 -52.36 -18.00
N LYS E 132 23.07 -51.96 -19.20
CA LYS E 132 23.79 -52.85 -20.10
C LYS E 132 24.98 -52.10 -20.69
N GLY E 133 26.03 -52.84 -21.04
CA GLY E 133 27.28 -52.26 -21.50
C GLY E 133 27.34 -52.11 -23.03
N PRO E 134 27.97 -51.02 -23.52
CA PRO E 134 28.06 -50.78 -24.97
C PRO E 134 28.93 -51.79 -25.66
N SER E 135 28.39 -52.50 -26.65
CA SER E 135 29.20 -53.38 -27.49
CA SER E 135 29.20 -53.37 -27.49
C SER E 135 29.81 -52.54 -28.61
N VAL E 136 31.09 -52.13 -28.42
CA VAL E 136 31.82 -51.30 -29.37
C VAL E 136 32.26 -52.17 -30.56
N PHE E 137 31.95 -51.70 -31.77
CA PHE E 137 32.46 -52.29 -33.01
C PHE E 137 33.23 -51.19 -33.75
N PRO E 138 34.36 -51.51 -34.40
CA PRO E 138 35.16 -50.51 -35.10
C PRO E 138 34.54 -50.22 -36.48
N LEU E 139 34.69 -48.97 -36.94
CA LEU E 139 34.24 -48.58 -38.26
C LEU E 139 35.47 -48.48 -39.18
N ALA E 140 35.58 -49.48 -40.06
CA ALA E 140 36.81 -49.76 -40.79
C ALA E 140 37.06 -48.69 -41.85
N PRO E 141 38.16 -47.90 -41.75
CA PRO E 141 38.43 -46.80 -42.67
C PRO E 141 37.88 -46.88 -44.10
N SER E 142 37.32 -45.73 -44.53
CA SER E 142 36.98 -45.47 -45.92
C SER E 142 37.61 -44.12 -46.32
N SER E 143 38.24 -44.13 -47.51
CA SER E 143 38.95 -42.97 -48.06
C SER E 143 37.94 -41.99 -48.66
N LYS E 144 38.35 -40.72 -48.73
CA LYS E 144 37.61 -39.69 -49.47
C LYS E 144 37.59 -40.09 -50.94
N SER E 145 38.63 -40.86 -51.34
CA SER E 145 38.71 -41.49 -52.64
C SER E 145 38.98 -40.45 -53.72
N THR E 146 37.96 -39.64 -54.06
CA THR E 146 38.11 -38.50 -54.96
C THR E 146 38.94 -37.40 -54.27
N SER E 147 40.24 -37.37 -54.59
CA SER E 147 41.26 -36.75 -53.77
C SER E 147 41.30 -37.45 -52.42
N GLY E 148 42.11 -38.53 -52.36
CA GLY E 148 42.25 -39.37 -51.18
C GLY E 148 42.28 -38.53 -49.91
N GLY E 149 43.33 -37.72 -49.75
CA GLY E 149 43.39 -36.68 -48.73
C GLY E 149 42.88 -37.14 -47.36
N THR E 150 41.57 -37.02 -47.14
CA THR E 150 40.96 -37.26 -45.84
C THR E 150 40.29 -38.64 -45.84
N ALA E 151 40.42 -39.35 -44.70
CA ALA E 151 39.75 -40.62 -44.49
C ALA E 151 38.99 -40.58 -43.17
N ALA E 152 37.75 -41.08 -43.21
CA ALA E 152 36.88 -41.09 -42.03
C ALA E 152 36.74 -42.50 -41.51
N LEU E 153 36.88 -42.64 -40.19
CA LEU E 153 36.82 -43.91 -39.50
C LEU E 153 36.28 -43.62 -38.11
N GLY E 154 35.73 -44.65 -37.45
CA GLY E 154 34.90 -44.42 -36.28
C GLY E 154 34.69 -45.70 -35.46
N CYS E 155 33.89 -45.54 -34.41
CA CYS E 155 33.49 -46.62 -33.52
C CYS E 155 31.99 -46.52 -33.21
N LEU E 156 31.24 -47.54 -33.64
CA LEU E 156 29.85 -47.69 -33.26
C LEU E 156 29.77 -48.18 -31.81
N VAL E 157 28.96 -47.51 -30.99
CA VAL E 157 28.79 -47.85 -29.59
C VAL E 157 27.32 -48.22 -29.35
N LYS E 158 27.04 -49.52 -29.43
CA LYS E 158 25.70 -50.01 -29.64
C LYS E 158 25.10 -50.60 -28.37
N ASP E 159 23.76 -50.63 -28.34
CA ASP E 159 22.95 -51.48 -27.47
C ASP E 159 23.38 -51.31 -26.01
N TYR E 160 23.45 -50.04 -25.58
CA TYR E 160 23.76 -49.72 -24.21
C TYR E 160 22.54 -49.08 -23.57
N PHE E 161 22.63 -48.86 -22.24
CA PHE E 161 21.57 -48.28 -21.43
C PHE E 161 22.10 -48.22 -20.00
N PRO E 162 21.88 -47.13 -19.22
CA PRO E 162 21.24 -45.92 -19.69
C PRO E 162 22.25 -45.02 -20.38
N GLU E 163 21.85 -43.78 -20.67
CA GLU E 163 22.81 -42.73 -20.99
C GLU E 163 23.38 -42.21 -19.66
N PRO E 164 24.49 -41.45 -19.66
CA PRO E 164 25.20 -41.07 -20.89
C PRO E 164 26.38 -41.95 -21.24
N VAL E 165 26.99 -41.66 -22.40
CA VAL E 165 28.26 -42.26 -22.81
CA VAL E 165 28.26 -42.26 -22.78
C VAL E 165 29.20 -41.11 -23.19
N THR E 166 30.52 -41.29 -22.99
CA THR E 166 31.51 -40.25 -23.31
C THR E 166 32.70 -40.84 -24.07
N VAL E 167 32.69 -40.66 -25.40
CA VAL E 167 33.75 -41.16 -26.25
C VAL E 167 34.85 -40.09 -26.31
N SER E 168 36.11 -40.54 -26.41
CA SER E 168 37.23 -39.72 -26.86
C SER E 168 38.02 -40.52 -27.89
N TRP E 169 39.13 -39.94 -28.41
CA TRP E 169 39.99 -40.67 -29.32
C TRP E 169 41.46 -40.46 -28.95
N ASN E 170 42.22 -41.58 -29.03
CA ASN E 170 43.63 -41.67 -28.69
C ASN E 170 43.87 -41.06 -27.31
N SER E 171 43.07 -41.51 -26.32
CA SER E 171 43.19 -41.11 -24.93
C SER E 171 43.09 -39.59 -24.76
N GLY E 172 42.10 -38.98 -25.41
CA GLY E 172 41.86 -37.56 -25.28
C GLY E 172 42.82 -36.72 -26.13
N ALA E 173 43.70 -37.40 -26.87
CA ALA E 173 44.64 -36.71 -27.74
C ALA E 173 43.89 -36.15 -28.92
N LEU E 174 43.35 -37.06 -29.75
CA LEU E 174 42.69 -36.69 -30.99
C LEU E 174 41.34 -36.05 -30.67
N THR E 175 41.24 -34.73 -30.95
CA THR E 175 40.01 -33.97 -30.82
C THR E 175 39.63 -33.35 -32.16
N SER E 176 40.41 -33.58 -33.22
CA SER E 176 40.21 -32.93 -34.50
C SER E 176 39.50 -33.89 -35.47
N GLY E 177 38.33 -33.47 -35.96
CA GLY E 177 37.48 -34.25 -36.84
C GLY E 177 36.48 -35.11 -36.07
N VAL E 178 36.44 -34.94 -34.73
CA VAL E 178 35.76 -35.85 -33.82
C VAL E 178 34.28 -35.49 -33.70
N HIS E 179 33.44 -36.30 -34.35
CA HIS E 179 32.01 -36.18 -34.21
C HIS E 179 31.49 -37.49 -33.63
N THR E 180 31.20 -37.46 -32.32
CA THR E 180 30.44 -38.53 -31.67
C THR E 180 28.97 -38.10 -31.70
N PHE E 181 28.15 -38.83 -32.45
CA PHE E 181 26.78 -38.44 -32.68
C PHE E 181 25.95 -38.62 -31.40
N PRO E 182 24.88 -37.83 -31.22
CA PRO E 182 23.91 -38.10 -30.16
C PRO E 182 23.25 -39.44 -30.45
N ALA E 183 22.71 -40.01 -29.38
CA ALA E 183 22.29 -41.40 -29.39
C ALA E 183 20.78 -41.49 -29.61
N VAL E 184 20.40 -42.24 -30.64
CA VAL E 184 19.03 -42.71 -30.76
C VAL E 184 18.80 -43.72 -29.64
N LEU E 185 17.54 -43.79 -29.16
CA LEU E 185 17.12 -44.85 -28.27
C LEU E 185 16.26 -45.82 -29.07
N GLN E 186 16.83 -46.96 -29.48
CA GLN E 186 16.22 -47.80 -30.51
C GLN E 186 15.01 -48.55 -29.95
N SER E 187 14.28 -49.23 -30.85
CA SER E 187 13.09 -49.99 -30.49
C SER E 187 13.46 -51.20 -29.62
N SER E 188 14.77 -51.40 -29.43
CA SER E 188 15.26 -52.37 -28.46
C SER E 188 14.99 -51.89 -27.04
N GLY E 189 15.18 -50.58 -26.80
CA GLY E 189 15.19 -50.02 -25.46
C GLY E 189 16.61 -49.66 -25.04
N LEU E 190 17.57 -50.05 -25.90
CA LEU E 190 18.98 -49.77 -25.74
C LEU E 190 19.40 -48.68 -26.73
N TYR E 191 20.26 -47.76 -26.31
CA TYR E 191 20.72 -46.70 -27.20
C TYR E 191 21.78 -47.21 -28.16
N SER E 192 21.94 -46.48 -29.28
CA SER E 192 23.07 -46.58 -30.18
C SER E 192 23.61 -45.18 -30.45
N LEU E 193 24.93 -45.03 -30.54
CA LEU E 193 25.52 -43.89 -31.23
C LEU E 193 26.77 -44.36 -31.94
N SER E 194 27.19 -43.63 -32.98
CA SER E 194 28.52 -43.79 -33.55
C SER E 194 29.35 -42.59 -33.16
N SER E 195 30.66 -42.78 -33.07
CA SER E 195 31.59 -41.66 -33.13
C SER E 195 32.49 -41.84 -34.35
N VAL E 196 32.83 -40.72 -34.99
CA VAL E 196 33.67 -40.75 -36.17
CA VAL E 196 33.67 -40.75 -36.17
C VAL E 196 34.69 -39.63 -36.06
N VAL E 197 35.82 -39.85 -36.75
CA VAL E 197 36.80 -38.81 -36.98
CA VAL E 197 36.82 -38.81 -36.98
C VAL E 197 37.23 -38.92 -38.43
N THR E 198 37.66 -37.79 -38.99
CA THR E 198 38.30 -37.82 -40.28
C THR E 198 39.74 -37.35 -40.09
N VAL E 199 40.66 -37.97 -40.84
CA VAL E 199 42.09 -37.78 -40.65
C VAL E 199 42.80 -38.02 -41.99
N PRO E 200 44.09 -37.62 -42.14
CA PRO E 200 44.85 -37.91 -43.36
C PRO E 200 44.90 -39.40 -43.78
N SER E 201 44.75 -39.65 -45.09
CA SER E 201 44.93 -40.98 -45.68
C SER E 201 46.41 -41.37 -45.69
N SER E 202 47.29 -40.37 -45.64
CA SER E 202 48.70 -40.60 -45.41
C SER E 202 48.90 -41.23 -44.02
N SER E 203 48.25 -40.68 -42.99
CA SER E 203 48.44 -41.13 -41.62
C SER E 203 47.54 -42.33 -41.30
N LEU E 204 47.64 -43.41 -42.10
CA LEU E 204 47.08 -44.70 -41.74
C LEU E 204 48.19 -45.60 -41.21
N GLY E 205 49.20 -45.87 -42.05
CA GLY E 205 50.36 -46.66 -41.69
C GLY E 205 51.00 -46.17 -40.39
N THR E 206 51.18 -44.85 -40.27
CA THR E 206 51.81 -44.29 -39.08
C THR E 206 50.85 -44.42 -37.89
N GLN E 207 49.77 -43.62 -37.90
CA GLN E 207 48.97 -43.35 -36.71
C GLN E 207 48.06 -44.54 -36.41
N THR E 208 47.95 -44.85 -35.11
CA THR E 208 47.07 -45.91 -34.61
C THR E 208 45.82 -45.26 -34.02
N TYR E 209 44.65 -45.68 -34.52
CA TYR E 209 43.39 -45.08 -34.11
C TYR E 209 42.65 -46.03 -33.18
N ILE E 210 42.47 -45.56 -31.93
CA ILE E 210 41.78 -46.25 -30.85
C ILE E 210 40.73 -45.30 -30.29
N CYS E 211 39.46 -45.73 -30.28
CA CYS E 211 38.38 -44.94 -29.68
C CYS E 211 38.22 -45.33 -28.20
N ASN E 212 37.81 -44.35 -27.39
CA ASN E 212 37.84 -44.47 -25.94
C ASN E 212 36.42 -44.28 -25.42
N VAL E 213 35.66 -45.38 -25.41
CA VAL E 213 34.29 -45.37 -24.91
C VAL E 213 34.33 -45.43 -23.38
N ASN E 214 33.35 -44.78 -22.75
CA ASN E 214 33.16 -44.79 -21.30
C ASN E 214 31.67 -44.75 -21.01
N HIS E 215 31.20 -45.61 -20.10
CA HIS E 215 29.78 -45.69 -19.79
C HIS E 215 29.59 -45.84 -18.28
N LYS E 216 29.77 -44.73 -17.55
CA LYS E 216 29.84 -44.72 -16.08
C LYS E 216 28.72 -45.53 -15.42
N PRO E 217 27.43 -45.39 -15.80
CA PRO E 217 26.34 -46.23 -15.27
C PRO E 217 26.49 -47.75 -15.21
N SER E 218 27.24 -48.32 -16.17
CA SER E 218 27.57 -49.74 -16.18
C SER E 218 29.03 -49.94 -15.79
N ASN E 219 29.70 -48.85 -15.42
CA ASN E 219 31.14 -48.81 -15.23
C ASN E 219 31.83 -49.64 -16.30
N THR E 220 31.40 -49.52 -17.56
CA THR E 220 32.13 -50.08 -18.68
C THR E 220 32.96 -48.96 -19.30
N LYS E 221 34.24 -49.26 -19.57
CA LYS E 221 35.11 -48.38 -20.32
C LYS E 221 35.92 -49.24 -21.28
N VAL E 222 35.24 -49.70 -22.34
CA VAL E 222 35.86 -50.50 -23.38
C VAL E 222 36.53 -49.57 -24.38
N ASP E 223 37.78 -49.91 -24.74
CA ASP E 223 38.48 -49.28 -25.85
C ASP E 223 38.45 -50.25 -27.03
N LYS E 224 38.67 -49.70 -28.23
CA LYS E 224 38.61 -50.50 -29.44
C LYS E 224 39.51 -49.86 -30.50
N LYS E 225 40.49 -50.64 -30.94
CA LYS E 225 41.37 -50.27 -32.03
C LYS E 225 40.53 -50.23 -33.29
N VAL E 226 40.88 -49.30 -34.19
CA VAL E 226 40.33 -49.29 -35.53
C VAL E 226 41.51 -49.21 -36.50
N GLU E 227 41.45 -50.07 -37.53
CA GLU E 227 42.55 -50.33 -38.43
C GLU E 227 42.01 -50.57 -39.84
N PRO E 228 42.72 -50.11 -40.89
CA PRO E 228 42.22 -50.16 -42.27
C PRO E 228 41.96 -51.54 -42.85
N LYS E 229 40.92 -51.64 -43.68
CA LYS E 229 40.55 -52.91 -44.26
C LYS E 229 40.53 -52.78 -45.81
N ASP F 6 -10.04 -28.62 -33.51
CA ASP F 6 -9.39 -27.67 -32.57
C ASP F 6 -8.57 -26.68 -33.40
N ILE F 7 -7.99 -25.70 -32.70
CA ILE F 7 -7.08 -24.74 -33.31
C ILE F 7 -5.77 -25.48 -33.59
N GLN F 8 -5.06 -25.11 -34.69
CA GLN F 8 -3.72 -25.63 -34.99
C GLN F 8 -2.80 -24.48 -35.39
N MET F 9 -1.65 -24.35 -34.69
CA MET F 9 -0.68 -23.29 -34.95
C MET F 9 0.42 -23.79 -35.88
N THR F 10 0.52 -23.15 -37.04
CA THR F 10 1.58 -23.40 -38.00
C THR F 10 2.59 -22.25 -37.97
N GLN F 11 3.84 -22.59 -37.68
CA GLN F 11 4.94 -21.66 -37.83
C GLN F 11 5.56 -21.82 -39.20
N SER F 12 5.80 -20.71 -39.92
CA SER F 12 6.64 -20.74 -41.10
C SER F 12 8.00 -20.17 -40.73
N PRO F 13 8.97 -20.21 -41.66
CA PRO F 13 9.94 -21.30 -41.71
C PRO F 13 9.99 -22.11 -40.42
N SER F 14 9.97 -23.43 -40.57
CA SER F 14 10.23 -24.32 -39.45
C SER F 14 11.71 -24.18 -39.05
N SER F 15 12.58 -24.14 -40.07
CA SER F 15 14.00 -23.95 -39.89
C SER F 15 14.48 -22.86 -40.85
N LEU F 16 15.37 -21.99 -40.37
CA LEU F 16 15.90 -20.92 -41.18
C LEU F 16 17.36 -20.69 -40.80
N SER F 17 18.04 -19.83 -41.56
CA SER F 17 19.44 -19.45 -41.29
C SER F 17 19.53 -17.93 -41.23
N ALA F 18 20.10 -17.39 -40.16
CA ALA F 18 20.24 -15.94 -40.01
C ALA F 18 21.57 -15.60 -39.33
N SER F 19 22.33 -14.70 -39.97
CA SER F 19 23.59 -14.24 -39.40
C SER F 19 23.28 -13.18 -38.34
N VAL F 20 24.23 -12.95 -37.43
CA VAL F 20 24.07 -11.93 -36.40
C VAL F 20 23.72 -10.61 -37.09
N GLY F 21 23.03 -9.71 -36.37
CA GLY F 21 22.74 -8.38 -36.89
C GLY F 21 21.65 -8.36 -37.96
N ASP F 22 21.21 -9.53 -38.43
CA ASP F 22 20.07 -9.61 -39.32
C ASP F 22 18.80 -9.24 -38.56
N ARG F 23 17.74 -8.95 -39.32
CA ARG F 23 16.39 -8.97 -38.78
C ARG F 23 15.87 -10.40 -38.95
N VAL F 24 15.17 -10.89 -37.93
CA VAL F 24 14.55 -12.19 -37.99
C VAL F 24 13.07 -12.02 -37.63
N THR F 25 12.22 -12.44 -38.57
CA THR F 25 10.77 -12.34 -38.42
C THR F 25 10.20 -13.75 -38.56
N ILE F 26 9.65 -14.29 -37.46
CA ILE F 26 9.09 -15.62 -37.45
C ILE F 26 7.57 -15.50 -37.51
N THR F 27 6.97 -16.23 -38.46
CA THR F 27 5.54 -16.22 -38.66
C THR F 27 4.91 -17.38 -37.90
N CYS F 28 3.62 -17.25 -37.58
CA CYS F 28 2.86 -18.25 -36.85
C CYS F 28 1.38 -18.06 -37.13
N ARG F 29 0.75 -19.04 -37.79
CA ARG F 29 -0.63 -18.91 -38.23
C ARG F 29 -1.54 -19.82 -37.38
N ALA F 30 -2.64 -19.25 -36.86
CA ALA F 30 -3.67 -20.02 -36.18
C ALA F 30 -4.67 -20.56 -37.21
N SER F 31 -5.30 -21.70 -36.91
CA SER F 31 -6.23 -22.29 -37.86
C SER F 31 -7.57 -21.56 -37.75
N GLN F 32 -7.82 -20.95 -36.60
CA GLN F 32 -8.98 -20.09 -36.46
C GLN F 32 -8.54 -18.78 -35.82
N SER F 33 -9.41 -17.77 -35.93
CA SER F 33 -9.17 -16.48 -35.32
C SER F 33 -9.04 -16.67 -33.80
N ILE F 34 -8.03 -16.00 -33.22
CA ILE F 34 -7.68 -16.18 -31.82
C ILE F 34 -7.40 -14.84 -31.12
N SER F 35 -7.86 -13.73 -31.71
CA SER F 35 -7.63 -12.41 -31.15
C SER F 35 -6.13 -12.10 -31.15
N THR F 36 -5.63 -11.56 -30.03
CA THR F 36 -4.21 -11.34 -29.83
C THR F 36 -3.76 -12.21 -28.66
N PHE F 37 -4.42 -13.37 -28.50
CA PHE F 37 -4.09 -14.34 -27.47
C PHE F 37 -3.10 -15.35 -28.04
N LEU F 38 -1.81 -14.97 -27.98
CA LEU F 38 -0.74 -15.68 -28.65
C LEU F 38 0.57 -15.22 -28.03
N ASN F 39 1.26 -16.14 -27.33
CA ASN F 39 2.51 -15.80 -26.65
C ASN F 39 3.67 -16.37 -27.44
N TRP F 40 4.86 -15.76 -27.25
CA TRP F 40 6.09 -16.20 -27.91
C TRP F 40 7.14 -16.66 -26.89
N TYR F 41 7.81 -17.78 -27.21
CA TYR F 41 8.80 -18.37 -26.32
C TYR F 41 10.11 -18.54 -27.09
N GLN F 42 11.21 -18.22 -26.39
CA GLN F 42 12.55 -18.63 -26.77
C GLN F 42 12.88 -19.92 -26.05
N GLN F 43 13.68 -20.79 -26.69
CA GLN F 43 14.23 -21.95 -26.03
C GLN F 43 15.62 -22.28 -26.60
N LYS F 44 16.66 -22.03 -25.82
CA LYS F 44 18.01 -22.39 -26.19
C LYS F 44 18.19 -23.90 -26.03
N PRO F 45 18.97 -24.57 -26.92
CA PRO F 45 19.20 -26.01 -26.85
C PRO F 45 19.44 -26.50 -25.42
N GLY F 46 18.56 -27.37 -24.96
CA GLY F 46 18.65 -27.88 -23.61
C GLY F 46 18.53 -26.76 -22.59
N ARG F 47 17.41 -26.03 -22.65
CA ARG F 47 17.02 -25.05 -21.64
C ARG F 47 15.50 -25.07 -21.53
N ALA F 48 14.99 -24.51 -20.43
CA ALA F 48 13.57 -24.24 -20.28
C ALA F 48 13.17 -23.11 -21.23
N PRO F 49 11.96 -23.12 -21.84
CA PRO F 49 11.51 -21.99 -22.65
C PRO F 49 11.46 -20.69 -21.83
N ARG F 50 11.83 -19.60 -22.51
CA ARG F 50 11.85 -18.28 -21.90
C ARG F 50 10.71 -17.50 -22.53
N LEU F 51 9.96 -16.79 -21.68
CA LEU F 51 8.82 -16.03 -22.17
C LEU F 51 9.32 -14.68 -22.63
N LEU F 52 9.08 -14.40 -23.91
CA LEU F 52 9.47 -13.16 -24.55
C LEU F 52 8.27 -12.22 -24.61
N ILE F 53 7.31 -12.64 -25.45
CA ILE F 53 6.17 -11.83 -25.83
C ILE F 53 4.91 -12.58 -25.41
N TYR F 54 4.10 -11.95 -24.57
CA TYR F 54 2.77 -12.46 -24.29
C TYR F 54 1.73 -11.60 -25.03
N ASP F 55 0.51 -12.13 -25.19
CA ASP F 55 -0.61 -11.39 -25.73
C ASP F 55 -0.19 -10.72 -27.04
N ALA F 56 0.51 -11.48 -27.88
CA ALA F 56 0.77 -11.16 -29.28
C ALA F 56 1.77 -10.03 -29.52
N SER F 57 1.94 -9.11 -28.55
CA SER F 57 2.81 -7.94 -28.76
C SER F 57 3.05 -7.12 -27.49
N THR F 58 2.90 -7.70 -26.29
CA THR F 58 3.47 -7.10 -25.11
C THR F 58 4.79 -7.83 -24.86
N LEU F 59 5.79 -7.14 -24.29
CA LEU F 59 7.09 -7.76 -24.05
C LEU F 59 7.29 -8.02 -22.56
N GLN F 60 7.68 -9.27 -22.23
CA GLN F 60 7.77 -9.71 -20.86
C GLN F 60 8.87 -8.90 -20.16
N SER F 61 8.58 -8.37 -18.96
CA SER F 61 9.53 -7.48 -18.33
C SER F 61 10.94 -8.09 -18.41
N GLY F 62 11.93 -7.24 -18.69
CA GLY F 62 13.33 -7.61 -18.56
C GLY F 62 13.90 -8.19 -19.86
N VAL F 63 13.04 -8.49 -20.83
CA VAL F 63 13.46 -9.10 -22.09
C VAL F 63 14.07 -8.04 -23.01
N PRO F 64 15.22 -8.33 -23.68
CA PRO F 64 15.82 -7.39 -24.62
C PRO F 64 14.82 -6.89 -25.67
N SER F 65 14.95 -5.59 -25.97
CA SER F 65 13.92 -4.80 -26.61
C SER F 65 13.93 -4.97 -28.13
N ARG F 66 14.76 -5.89 -28.65
CA ARG F 66 14.83 -6.17 -30.08
C ARG F 66 13.68 -7.11 -30.48
N PHE F 67 13.21 -7.89 -29.50
CA PHE F 67 12.10 -8.80 -29.71
C PHE F 67 10.82 -7.98 -29.69
N SER F 68 10.03 -8.12 -30.77
CA SER F 68 8.79 -7.36 -30.93
C SER F 68 7.73 -8.25 -31.56
N GLY F 69 6.63 -8.44 -30.83
CA GLY F 69 5.53 -9.25 -31.31
C GLY F 69 4.56 -8.42 -32.13
N SER F 70 3.86 -9.07 -33.06
CA SER F 70 2.91 -8.37 -33.92
C SER F 70 1.92 -9.37 -34.53
N GLY F 71 0.95 -8.83 -35.26
CA GLY F 71 -0.06 -9.61 -35.97
C GLY F 71 -1.34 -9.70 -35.14
N SER F 72 -2.42 -10.19 -35.79
CA SER F 72 -3.69 -10.41 -35.11
C SER F 72 -4.55 -11.38 -35.91
N GLY F 73 -5.40 -12.10 -35.18
CA GLY F 73 -6.39 -12.96 -35.79
C GLY F 73 -5.86 -14.36 -36.09
N THR F 74 -5.22 -14.50 -37.25
CA THR F 74 -4.66 -15.78 -37.66
C THR F 74 -3.14 -15.66 -37.79
N ASP F 75 -2.68 -14.56 -38.38
CA ASP F 75 -1.26 -14.38 -38.63
C ASP F 75 -0.64 -13.59 -37.46
N PHE F 76 0.46 -14.13 -36.91
CA PHE F 76 1.25 -13.47 -35.88
C PHE F 76 2.70 -13.44 -36.34
N THR F 77 3.46 -12.46 -35.85
CA THR F 77 4.86 -12.33 -36.22
C THR F 77 5.67 -11.99 -34.98
N LEU F 78 6.80 -12.69 -34.85
CA LEU F 78 7.84 -12.36 -33.89
C LEU F 78 9.00 -11.78 -34.69
N THR F 79 9.49 -10.62 -34.24
CA THR F 79 10.52 -9.89 -34.95
C THR F 79 11.65 -9.55 -33.98
N VAL F 80 12.84 -10.08 -34.29
CA VAL F 80 14.08 -9.64 -33.68
C VAL F 80 14.68 -8.55 -34.57
N SER F 81 14.84 -7.34 -34.00
CA SER F 81 15.39 -6.22 -34.75
C SER F 81 16.78 -6.61 -35.25
N SER F 82 17.76 -6.66 -34.33
CA SER F 82 19.13 -7.05 -34.64
C SER F 82 19.49 -8.34 -33.93
N LEU F 83 19.42 -9.46 -34.65
CA LEU F 83 19.70 -10.77 -34.08
C LEU F 83 21.06 -10.73 -33.41
N GLN F 84 21.16 -11.36 -32.24
CA GLN F 84 22.41 -11.45 -31.51
C GLN F 84 22.90 -12.89 -31.47
N PRO F 85 24.18 -13.12 -31.10
CA PRO F 85 24.64 -14.45 -30.72
C PRO F 85 23.65 -15.19 -29.83
N GLU F 86 23.25 -14.55 -28.73
CA GLU F 86 22.55 -15.24 -27.66
C GLU F 86 21.10 -15.54 -28.07
N ASP F 87 20.78 -15.43 -29.36
CA ASP F 87 19.40 -15.52 -29.81
C ASP F 87 19.23 -16.67 -30.78
N PHE F 88 20.26 -17.49 -30.95
CA PHE F 88 20.23 -18.53 -31.96
C PHE F 88 19.48 -19.76 -31.43
N ALA F 89 18.23 -19.55 -31.01
CA ALA F 89 17.48 -20.59 -30.34
C ALA F 89 16.53 -21.29 -31.32
N THR F 90 15.70 -22.19 -30.76
CA THR F 90 14.41 -22.54 -31.35
C THR F 90 13.33 -21.68 -30.67
N TYR F 91 12.48 -21.03 -31.49
CA TYR F 91 11.42 -20.20 -30.95
C TYR F 91 10.06 -20.88 -31.14
N TYR F 92 9.19 -20.68 -30.15
CA TYR F 92 7.87 -21.27 -30.11
C TYR F 92 6.84 -20.17 -29.87
N CYS F 93 5.71 -20.27 -30.61
CA CYS F 93 4.50 -19.48 -30.43
C CYS F 93 3.38 -20.33 -29.83
N GLN F 94 2.58 -19.75 -28.93
CA GLN F 94 1.59 -20.50 -28.16
C GLN F 94 0.27 -19.77 -28.18
N GLN F 95 -0.79 -20.42 -28.66
CA GLN F 95 -2.09 -19.79 -28.62
C GLN F 95 -2.72 -20.04 -27.26
N THR F 96 -3.38 -19.03 -26.68
CA THR F 96 -3.95 -19.11 -25.35
C THR F 96 -5.48 -19.04 -25.41
N TYR F 97 -6.01 -18.86 -26.63
CA TYR F 97 -7.36 -18.36 -26.88
C TYR F 97 -8.44 -19.34 -26.41
N ASN F 98 -8.07 -20.62 -26.27
CA ASN F 98 -9.02 -21.72 -26.11
C ASN F 98 -9.09 -22.16 -24.65
N ILE F 99 -7.93 -22.41 -24.05
CA ILE F 99 -7.78 -22.71 -22.63
C ILE F 99 -7.96 -24.22 -22.35
N PRO F 100 -7.76 -25.12 -23.35
CA PRO F 100 -6.64 -26.05 -23.35
C PRO F 100 -5.57 -25.49 -24.29
N LEU F 101 -4.61 -24.74 -23.69
CA LEU F 101 -3.58 -23.99 -24.41
C LEU F 101 -2.79 -24.97 -25.28
N TYR F 102 -2.89 -24.87 -26.60
CA TYR F 102 -2.55 -26.02 -27.41
C TYR F 102 -1.29 -25.75 -28.24
N THR F 103 -0.72 -26.90 -28.64
CA THR F 103 0.55 -27.02 -29.36
C THR F 103 0.88 -25.66 -29.95
N PHE F 104 1.42 -24.79 -29.09
CA PHE F 104 2.66 -24.14 -29.46
C PHE F 104 3.11 -24.84 -30.76
N GLY F 105 3.01 -24.17 -31.91
CA GLY F 105 3.40 -24.78 -33.18
C GLY F 105 4.81 -25.36 -33.15
N GLN F 106 5.24 -25.95 -34.28
CA GLN F 106 6.45 -26.75 -34.35
C GLN F 106 7.60 -26.04 -33.65
N GLY F 107 7.65 -24.71 -33.79
CA GLY F 107 8.76 -23.92 -33.31
C GLY F 107 9.78 -23.76 -34.44
N THR F 108 10.65 -22.75 -34.34
CA THR F 108 11.48 -22.42 -35.48
C THR F 108 12.96 -22.41 -35.08
N LYS F 109 13.80 -22.92 -36.00
CA LYS F 109 15.23 -23.09 -35.78
C LYS F 109 15.99 -21.90 -36.38
N VAL F 110 16.97 -21.36 -35.66
CA VAL F 110 17.56 -20.10 -36.08
C VAL F 110 18.86 -20.30 -36.86
N ASP F 111 19.74 -21.26 -36.51
CA ASP F 111 20.99 -21.49 -37.25
C ASP F 111 21.86 -20.23 -37.32
N ILE F 112 23.13 -20.41 -37.73
CA ILE F 112 24.06 -19.30 -37.74
C ILE F 112 24.13 -18.73 -39.16
N ARG F 113 23.80 -19.55 -40.16
CA ARG F 113 23.99 -19.20 -41.57
C ARG F 113 25.47 -19.23 -41.92
N ARG F 114 25.79 -19.75 -43.11
CA ARG F 114 27.16 -19.79 -43.60
C ARG F 114 27.13 -20.29 -45.04
N THR F 115 28.19 -19.96 -45.79
CA THR F 115 28.39 -20.50 -47.11
C THR F 115 27.97 -21.98 -47.15
N VAL F 116 26.96 -22.27 -47.99
CA VAL F 116 26.59 -23.64 -48.32
C VAL F 116 27.87 -24.48 -48.41
N ALA F 117 27.96 -25.56 -47.61
CA ALA F 117 29.00 -26.58 -47.72
C ALA F 117 28.39 -27.93 -48.11
N ALA F 118 29.05 -28.67 -49.02
CA ALA F 118 28.59 -29.97 -49.44
C ALA F 118 29.09 -31.06 -48.49
N PRO F 119 28.36 -32.18 -48.31
CA PRO F 119 28.75 -33.21 -47.35
C PRO F 119 29.79 -34.13 -47.97
N SER F 120 30.87 -34.41 -47.23
CA SER F 120 31.80 -35.44 -47.63
C SER F 120 31.25 -36.79 -47.18
N VAL F 121 30.95 -37.65 -48.15
CA VAL F 121 30.24 -38.90 -47.89
C VAL F 121 31.26 -40.02 -47.70
N PHE F 122 31.14 -40.74 -46.57
CA PHE F 122 32.02 -41.86 -46.26
C PHE F 122 31.18 -43.02 -45.75
N ILE F 123 31.27 -44.17 -46.44
CA ILE F 123 30.44 -45.32 -46.09
C ILE F 123 31.30 -46.32 -45.32
N PHE F 124 30.68 -46.88 -44.28
CA PHE F 124 31.23 -47.96 -43.49
C PHE F 124 30.40 -49.22 -43.66
N PRO F 125 31.03 -50.39 -43.86
CA PRO F 125 30.31 -51.66 -43.86
C PRO F 125 30.07 -52.14 -42.44
N PRO F 126 29.26 -53.20 -42.23
CA PRO F 126 28.97 -53.68 -40.89
C PRO F 126 30.11 -54.56 -40.40
N SER F 127 30.55 -54.35 -39.15
CA SER F 127 31.81 -54.88 -38.66
C SER F 127 31.79 -56.41 -38.66
N ASP F 128 32.97 -57.00 -38.85
CA ASP F 128 33.17 -58.42 -38.60
C ASP F 128 32.42 -58.82 -37.32
N GLU F 129 32.75 -58.14 -36.21
CA GLU F 129 32.28 -58.45 -34.87
C GLU F 129 30.78 -58.17 -34.72
N GLN F 130 30.29 -57.15 -35.42
CA GLN F 130 28.88 -56.77 -35.45
C GLN F 130 28.06 -57.90 -36.09
N LEU F 131 28.52 -58.37 -37.26
CA LEU F 131 27.98 -59.54 -37.93
C LEU F 131 28.43 -60.74 -37.11
N LYS F 132 28.37 -61.95 -37.68
CA LYS F 132 28.73 -63.14 -36.93
C LYS F 132 27.84 -63.19 -35.69
N SER F 133 27.95 -62.15 -34.84
CA SER F 133 26.95 -61.84 -33.83
C SER F 133 25.65 -61.41 -34.50
N GLY F 134 24.65 -61.04 -33.69
CA GLY F 134 23.41 -60.49 -34.22
C GLY F 134 23.62 -59.10 -34.80
N THR F 135 22.67 -58.65 -35.63
CA THR F 135 22.60 -57.30 -36.17
C THR F 135 23.67 -57.11 -37.25
N ALA F 136 23.39 -56.16 -38.15
CA ALA F 136 24.32 -55.73 -39.18
C ALA F 136 24.00 -54.28 -39.56
N SER F 137 24.88 -53.38 -39.07
CA SER F 137 24.63 -51.96 -39.11
C SER F 137 25.58 -51.31 -40.12
N VAL F 138 25.07 -51.08 -41.33
CA VAL F 138 25.80 -50.33 -42.35
C VAL F 138 25.63 -48.86 -42.01
N VAL F 139 26.72 -48.16 -41.71
CA VAL F 139 26.65 -46.76 -41.31
C VAL F 139 27.11 -45.88 -42.46
N CYS F 140 26.59 -44.65 -42.50
CA CYS F 140 27.06 -43.63 -43.44
C CYS F 140 27.24 -42.29 -42.76
N LEU F 141 28.14 -41.49 -43.33
CA LEU F 141 28.55 -40.26 -42.70
C LEU F 141 28.54 -39.15 -43.74
N LEU F 142 27.56 -38.25 -43.60
CA LEU F 142 27.60 -36.94 -44.24
C LEU F 142 28.42 -36.05 -43.33
N ASN F 143 29.67 -35.74 -43.69
CA ASN F 143 30.50 -34.99 -42.78
C ASN F 143 30.44 -33.51 -43.13
N ASN F 144 30.47 -32.66 -42.10
CA ASN F 144 30.57 -31.20 -42.18
C ASN F 144 29.89 -30.65 -43.44
N PHE F 145 28.58 -30.38 -43.36
CA PHE F 145 27.81 -29.81 -44.48
C PHE F 145 26.91 -28.69 -43.97
N TYR F 146 26.17 -28.04 -44.89
CA TYR F 146 25.25 -26.95 -44.57
C TYR F 146 24.42 -26.58 -45.81
N PRO F 147 23.12 -26.22 -45.68
CA PRO F 147 22.40 -26.18 -44.41
C PRO F 147 21.86 -27.53 -43.99
N ARG F 148 21.40 -27.62 -42.73
CA ARG F 148 21.07 -28.88 -42.08
C ARG F 148 20.15 -29.71 -42.97
N GLU F 149 19.15 -29.06 -43.57
CA GLU F 149 18.25 -29.75 -44.49
C GLU F 149 19.08 -30.64 -45.42
N ALA F 150 18.81 -31.95 -45.34
CA ALA F 150 19.42 -32.90 -46.26
C ALA F 150 18.58 -34.18 -46.32
N LYS F 151 18.88 -35.02 -47.31
CA LYS F 151 18.13 -36.23 -47.61
C LYS F 151 19.09 -37.39 -47.86
N VAL F 152 18.91 -38.49 -47.13
CA VAL F 152 19.69 -39.71 -47.29
C VAL F 152 18.73 -40.88 -47.27
N GLN F 153 18.92 -41.78 -48.25
CA GLN F 153 18.12 -42.99 -48.40
C GLN F 153 19.07 -44.15 -48.64
N TRP F 154 18.61 -45.35 -48.26
CA TRP F 154 19.40 -46.57 -48.38
C TRP F 154 18.88 -47.42 -49.54
N LYS F 155 19.81 -48.01 -50.30
CA LYS F 155 19.44 -48.90 -51.39
C LYS F 155 20.36 -50.12 -51.34
N VAL F 156 19.80 -51.26 -50.91
CA VAL F 156 20.49 -52.54 -50.97
C VAL F 156 19.98 -53.31 -52.17
N ASP F 157 20.90 -54.00 -52.87
CA ASP F 157 20.62 -54.61 -54.17
C ASP F 157 19.71 -53.71 -54.99
N ASN F 158 20.03 -52.41 -55.04
CA ASN F 158 19.25 -51.42 -55.78
C ASN F 158 17.77 -51.55 -55.42
N ALA F 159 17.47 -51.57 -54.12
CA ALA F 159 16.10 -51.54 -53.62
C ALA F 159 16.02 -50.53 -52.49
N LEU F 160 15.08 -49.59 -52.56
CA LEU F 160 15.02 -48.49 -51.62
C LEU F 160 14.49 -49.01 -50.28
N GLN F 161 15.24 -48.77 -49.20
CA GLN F 161 14.89 -49.27 -47.88
C GLN F 161 14.11 -48.16 -47.18
N SER F 162 12.86 -48.46 -46.76
CA SER F 162 11.99 -47.45 -46.18
C SER F 162 12.32 -47.23 -44.70
N GLY F 163 12.00 -48.22 -43.84
CA GLY F 163 12.34 -48.17 -42.42
C GLY F 163 13.75 -48.71 -42.17
N ASN F 164 13.87 -49.64 -41.21
CA ASN F 164 15.10 -50.32 -40.83
C ASN F 164 16.32 -49.39 -40.80
N SER F 165 16.11 -48.09 -40.55
CA SER F 165 17.21 -47.13 -40.49
C SER F 165 16.82 -46.00 -39.56
N GLN F 166 17.77 -45.53 -38.75
CA GLN F 166 17.55 -44.40 -37.87
C GLN F 166 18.76 -43.49 -38.03
N GLU F 167 18.52 -42.18 -38.15
CA GLU F 167 19.61 -41.25 -38.43
C GLU F 167 19.87 -40.39 -37.19
N SER F 168 21.14 -40.04 -36.98
CA SER F 168 21.54 -39.04 -36.02
C SER F 168 22.24 -37.90 -36.75
N VAL F 169 22.25 -36.72 -36.13
CA VAL F 169 22.89 -35.55 -36.71
C VAL F 169 23.51 -34.76 -35.57
N THR F 170 24.67 -34.16 -35.83
CA THR F 170 25.36 -33.42 -34.79
C THR F 170 24.65 -32.08 -34.58
N GLU F 171 25.09 -31.36 -33.56
CA GLU F 171 24.68 -29.98 -33.37
C GLU F 171 25.64 -29.11 -34.22
N GLN F 172 25.18 -27.92 -34.57
CA GLN F 172 26.01 -27.01 -35.34
C GLN F 172 27.32 -26.81 -34.58
N ASP F 173 28.45 -26.93 -35.30
CA ASP F 173 29.76 -26.81 -34.71
C ASP F 173 29.98 -25.35 -34.30
N SER F 174 30.35 -25.11 -33.04
CA SER F 174 30.53 -23.76 -32.52
C SER F 174 31.66 -23.05 -33.26
N LYS F 175 32.62 -23.82 -33.79
CA LYS F 175 33.61 -23.37 -34.76
C LYS F 175 32.98 -23.38 -36.16
N ASP F 176 33.42 -24.24 -37.09
CA ASP F 176 33.21 -23.95 -38.50
C ASP F 176 31.73 -23.94 -38.86
N SER F 177 30.86 -24.28 -37.90
CA SER F 177 29.41 -24.08 -37.99
C SER F 177 28.77 -25.02 -39.00
N THR F 178 29.20 -26.30 -38.99
CA THR F 178 28.63 -27.29 -39.89
C THR F 178 27.97 -28.41 -39.10
N TYR F 179 26.98 -29.04 -39.73
CA TYR F 179 26.31 -30.22 -39.22
C TYR F 179 26.90 -31.42 -39.94
N SER F 180 27.15 -32.49 -39.18
CA SER F 180 27.43 -33.81 -39.73
C SER F 180 26.26 -34.73 -39.38
N LEU F 181 26.10 -35.78 -40.19
CA LEU F 181 24.99 -36.69 -40.05
C LEU F 181 25.48 -38.13 -40.20
N SER F 182 24.83 -39.03 -39.44
CA SER F 182 25.04 -40.47 -39.56
C SER F 182 23.71 -41.17 -39.75
N SER F 183 23.65 -42.07 -40.75
CA SER F 183 22.53 -42.96 -40.89
C SER F 183 22.99 -44.41 -40.80
N THR F 184 22.22 -45.21 -40.07
CA THR F 184 22.59 -46.58 -39.75
C THR F 184 21.47 -47.51 -40.19
N LEU F 185 21.81 -48.51 -41.00
CA LEU F 185 20.86 -49.51 -41.45
C LEU F 185 21.07 -50.77 -40.65
N THR F 186 20.09 -51.12 -39.82
CA THR F 186 20.13 -52.33 -39.01
C THR F 186 19.37 -53.43 -39.75
N LEU F 187 20.06 -54.55 -40.04
CA LEU F 187 19.44 -55.74 -40.60
C LEU F 187 19.94 -56.99 -39.88
N SER F 188 19.43 -58.16 -40.26
CA SER F 188 19.86 -59.44 -39.71
C SER F 188 21.00 -60.02 -40.56
N LYS F 189 21.59 -61.15 -40.11
CA LYS F 189 22.53 -61.93 -40.91
C LYS F 189 21.80 -62.53 -42.12
N ALA F 190 20.58 -63.03 -41.90
CA ALA F 190 19.73 -63.60 -42.93
C ALA F 190 19.38 -62.56 -43.99
N ASP F 191 19.01 -61.35 -43.54
CA ASP F 191 18.71 -60.23 -44.44
C ASP F 191 19.96 -59.82 -45.20
N TYR F 192 21.05 -59.59 -44.46
CA TYR F 192 22.25 -59.00 -45.01
C TYR F 192 22.97 -59.96 -45.95
N GLU F 193 22.76 -61.27 -45.74
CA GLU F 193 23.38 -62.30 -46.58
C GLU F 193 22.40 -62.75 -47.68
N LYS F 194 21.45 -61.89 -48.04
CA LYS F 194 20.52 -62.12 -49.15
C LYS F 194 20.77 -61.13 -50.28
N HIS F 195 21.57 -60.08 -50.03
CA HIS F 195 21.75 -58.98 -50.98
C HIS F 195 23.24 -58.73 -51.13
N LYS F 196 23.59 -57.86 -52.10
CA LYS F 196 24.98 -57.68 -52.50
C LYS F 196 25.39 -56.20 -52.40
N VAL F 197 24.78 -55.35 -53.22
CA VAL F 197 25.20 -53.96 -53.34
C VAL F 197 24.47 -53.12 -52.29
N TYR F 198 25.26 -52.49 -51.39
CA TYR F 198 24.74 -51.70 -50.28
C TYR F 198 25.09 -50.22 -50.49
N ALA F 199 24.06 -49.43 -50.82
CA ALA F 199 24.27 -48.09 -51.35
C ALA F 199 23.63 -47.05 -50.43
N CYS F 200 24.31 -45.90 -50.32
CA CYS F 200 23.92 -44.79 -49.45
C CYS F 200 23.68 -43.54 -50.30
N GLU F 201 22.44 -43.36 -50.79
CA GLU F 201 22.15 -42.29 -51.74
C GLU F 201 21.89 -41.01 -50.95
N VAL F 202 22.54 -39.91 -51.34
CA VAL F 202 22.50 -38.68 -50.56
C VAL F 202 22.34 -37.44 -51.45
N THR F 203 21.26 -36.69 -51.21
CA THR F 203 20.97 -35.41 -51.84
C THR F 203 21.31 -34.30 -50.85
N HIS F 204 21.77 -33.14 -51.35
CA HIS F 204 21.86 -31.95 -50.52
C HIS F 204 22.06 -30.71 -51.37
N GLN F 205 21.59 -29.55 -50.84
CA GLN F 205 21.77 -28.23 -51.44
C GLN F 205 23.26 -27.88 -51.53
N GLY F 206 23.96 -28.50 -52.48
CA GLY F 206 25.42 -28.49 -52.49
C GLY F 206 26.00 -29.72 -53.20
N LEU F 207 25.14 -30.71 -53.50
CA LEU F 207 25.47 -31.78 -54.43
C LEU F 207 24.67 -31.61 -55.71
N SER F 208 25.27 -30.93 -56.70
CA SER F 208 24.56 -30.65 -57.94
C SER F 208 24.36 -31.94 -58.73
N SER F 209 24.55 -33.10 -58.07
CA SER F 209 23.95 -34.36 -58.47
C SER F 209 23.79 -35.22 -57.23
N PRO F 210 22.98 -36.31 -57.25
CA PRO F 210 22.87 -37.21 -56.11
C PRO F 210 24.14 -38.03 -55.91
N VAL F 211 24.78 -37.87 -54.74
CA VAL F 211 25.95 -38.65 -54.38
C VAL F 211 25.48 -40.00 -53.84
N THR F 212 26.15 -41.07 -54.26
CA THR F 212 25.87 -42.41 -53.75
C THR F 212 27.21 -43.05 -53.37
N LYS F 213 27.34 -43.43 -52.09
CA LYS F 213 28.45 -44.23 -51.61
C LYS F 213 27.96 -45.66 -51.41
N SER F 214 28.70 -46.62 -51.98
CA SER F 214 28.20 -47.97 -52.17
C SER F 214 29.35 -48.95 -52.32
N PHE F 215 29.28 -50.06 -51.56
CA PHE F 215 30.25 -51.13 -51.69
C PHE F 215 29.50 -52.39 -52.12
N ASN F 216 30.26 -53.38 -52.62
CA ASN F 216 29.72 -54.67 -53.04
C ASN F 216 29.60 -55.61 -51.85
N ARG F 217 30.70 -55.80 -51.09
CA ARG F 217 30.75 -56.64 -49.91
C ARG F 217 31.37 -57.99 -50.28
N GLY F 218 32.32 -57.97 -51.23
CA GLY F 218 33.05 -59.15 -51.63
C GLY F 218 33.62 -59.86 -50.40
N GLU F 219 34.93 -59.68 -50.17
CA GLU F 219 35.62 -60.13 -48.97
C GLU F 219 35.44 -61.65 -48.80
N CYS F 220 34.34 -62.06 -48.13
CA CYS F 220 33.92 -63.46 -48.12
C CYS F 220 32.47 -63.62 -47.58
#